data_3DKM
# 
_entry.id   3DKM 
# 
_audit_conform.dict_name       mmcif_pdbx.dic 
_audit_conform.dict_version    5.377 
_audit_conform.dict_location   http://mmcif.pdb.org/dictionaries/ascii/mmcif_pdbx.dic 
# 
loop_
_database_2.database_id 
_database_2.database_code 
_database_2.pdbx_database_accession 
_database_2.pdbx_DOI 
PDB   3DKM         pdb_00003dkm 10.2210/pdb3dkm/pdb 
RCSB  RCSB048155   ?            ?                   
WWPDB D_1000048155 ?            ?                   
# 
_pdbx_database_status.status_code                     REL 
_pdbx_database_status.entry_id                        3DKM 
_pdbx_database_status.recvd_initial_deposition_date   2008-06-25 
_pdbx_database_status.deposit_site                    RCSB 
_pdbx_database_status.process_site                    RCSB 
_pdbx_database_status.status_code_sf                  REL 
_pdbx_database_status.status_code_mr                  ? 
_pdbx_database_status.SG_entry                        Y 
_pdbx_database_status.pdb_format_compatible           Y 
_pdbx_database_status.status_code_cs                  ? 
_pdbx_database_status.methods_development_category    ? 
_pdbx_database_status.status_code_nmr_data            ? 
# 
loop_
_audit_author.name 
_audit_author.pdbx_ordinal 
'Walker, J.R.'                         1  
'Qiu, L.'                              2  
'Li, Y.'                               3  
'Bountra, C.'                          4  
'Wolkstrom, M.'                        5  
'Arrowsmith, C.H.'                     6  
'Edwards, A.M.'                        7  
'Bochkarev, A.'                        8  
'Dhe-Paganon, S.'                      9  
'Structural Genomics Consortium (SGC)' 10 
# 
_citation.id                        primary 
_citation.title                     'Crystal structure of the CPH domain of the E3 ubiquitin-protein ligase HECTD1.' 
_citation.journal_abbrev            'To be Published' 
_citation.journal_volume            ? 
_citation.page_first                ? 
_citation.page_last                 ? 
_citation.year                      ? 
_citation.journal_id_ASTM           ? 
_citation.country                   ? 
_citation.journal_id_ISSN           ? 
_citation.journal_id_CSD            0353 
_citation.book_publisher            ? 
_citation.pdbx_database_id_PubMed   ? 
_citation.pdbx_database_id_DOI      ? 
# 
loop_
_citation_author.citation_id 
_citation_author.name 
_citation_author.ordinal 
_citation_author.identifier_ORCID 
primary 'Walker, J.R.'     1 ? 
primary 'Qiu, L.'          2 ? 
primary 'Li, Y.'           3 ? 
primary 'Bountra, C.'      4 ? 
primary 'Wolkstrom, M.'    5 ? 
primary 'Arrowsmith, C.H.' 6 ? 
primary 'Edwards, A.M.'    7 ? 
primary 'Bochkarev, A.'    8 ? 
primary 'Dhe-Paganon, S.'  9 ? 
# 
_cell.entry_id           3DKM 
_cell.length_a           33.710 
_cell.length_b           45.564 
_cell.length_c           51.101 
_cell.angle_alpha        90.00 
_cell.angle_beta         90.00 
_cell.angle_gamma        90.00 
_cell.Z_PDB              4 
_cell.pdbx_unique_axis   ? 
_cell.length_a_esd       ? 
_cell.length_b_esd       ? 
_cell.length_c_esd       ? 
_cell.angle_alpha_esd    ? 
_cell.angle_beta_esd     ? 
_cell.angle_gamma_esd    ? 
# 
_symmetry.entry_id                         3DKM 
_symmetry.space_group_name_H-M             'P 21 21 21' 
_symmetry.pdbx_full_space_group_name_H-M   ? 
_symmetry.cell_setting                     ? 
_symmetry.Int_Tables_number                19 
_symmetry.space_group_name_Hall            ? 
# 
loop_
_entity.id 
_entity.type 
_entity.src_method 
_entity.pdbx_description 
_entity.formula_weight 
_entity.pdbx_number_of_molecules 
_entity.pdbx_ec 
_entity.pdbx_mutation 
_entity.pdbx_fragment 
_entity.details 
1 polymer man 'E3 ubiquitin-protein ligase HECTD1' 10036.979 1   6.3.2.- ? 'CPH DOMAIN, UNP residues 1271-1343' ? 
2 water   nat water                                18.015    117 ?       ? ?                                    ? 
# 
_entity_name_com.entity_id   1 
_entity_name_com.name        'HECT domain-containing protein 1, E3 ligase for inhibin receptor, EULIR' 
# 
_entity_poly.entity_id                      1 
_entity_poly.type                           'polypeptide(L)' 
_entity_poly.nstd_linkage                   no 
_entity_poly.nstd_monomer                   no 
_entity_poly.pdbx_seq_one_letter_code       
;MHHHHHHSSGRENLYFQGLKYMVPGARVTRGLDWKWRDQDGSPQGEGTVTGELHNGWIDVTWDAGGSNSYRMGAEGKFDL
KLAPGYDPD
;
_entity_poly.pdbx_seq_one_letter_code_can   
;MHHHHHHSSGRENLYFQGLKYMVPGARVTRGLDWKWRDQDGSPQGEGTVTGELHNGWIDVTWDAGGSNSYRMGAEGKFDL
KLAPGYDPD
;
_entity_poly.pdbx_strand_id                 A 
_entity_poly.pdbx_target_identifier         ? 
# 
loop_
_entity_poly_seq.entity_id 
_entity_poly_seq.num 
_entity_poly_seq.mon_id 
_entity_poly_seq.hetero 
1 1  MET n 
1 2  HIS n 
1 3  HIS n 
1 4  HIS n 
1 5  HIS n 
1 6  HIS n 
1 7  HIS n 
1 8  SER n 
1 9  SER n 
1 10 GLY n 
1 11 ARG n 
1 12 GLU n 
1 13 ASN n 
1 14 LEU n 
1 15 TYR n 
1 16 PHE n 
1 17 GLN n 
1 18 GLY n 
1 19 LEU n 
1 20 LYS n 
1 21 TYR n 
1 22 MET n 
1 23 VAL n 
1 24 PRO n 
1 25 GLY n 
1 26 ALA n 
1 27 ARG n 
1 28 VAL n 
1 29 THR n 
1 30 ARG n 
1 31 GLY n 
1 32 LEU n 
1 33 ASP n 
1 34 TRP n 
1 35 LYS n 
1 36 TRP n 
1 37 ARG n 
1 38 ASP n 
1 39 GLN n 
1 40 ASP n 
1 41 GLY n 
1 42 SER n 
1 43 PRO n 
1 44 GLN n 
1 45 GLY n 
1 46 GLU n 
1 47 GLY n 
1 48 THR n 
1 49 VAL n 
1 50 THR n 
1 51 GLY n 
1 52 GLU n 
1 53 LEU n 
1 54 HIS n 
1 55 ASN n 
1 56 GLY n 
1 57 TRP n 
1 58 ILE n 
1 59 ASP n 
1 60 VAL n 
1 61 THR n 
1 62 TRP n 
1 63 ASP n 
1 64 ALA n 
1 65 GLY n 
1 66 GLY n 
1 67 SER n 
1 68 ASN n 
1 69 SER n 
1 70 TYR n 
1 71 ARG n 
1 72 MET n 
1 73 GLY n 
1 74 ALA n 
1 75 GLU n 
1 76 GLY n 
1 77 LYS n 
1 78 PHE n 
1 79 ASP n 
1 80 LEU n 
1 81 LYS n 
1 82 LEU n 
1 83 ALA n 
1 84 PRO n 
1 85 GLY n 
1 86 TYR n 
1 87 ASP n 
1 88 PRO n 
1 89 ASP n 
# 
_entity_src_gen.entity_id                          1 
_entity_src_gen.pdbx_src_id                        1 
_entity_src_gen.pdbx_alt_source_flag               sample 
_entity_src_gen.pdbx_seq_type                      ? 
_entity_src_gen.pdbx_beg_seq_num                   ? 
_entity_src_gen.pdbx_end_seq_num                   ? 
_entity_src_gen.gene_src_common_name               Human 
_entity_src_gen.gene_src_genus                     ? 
_entity_src_gen.pdbx_gene_src_gene                 'HECTD1, KIAA1131' 
_entity_src_gen.gene_src_species                   ? 
_entity_src_gen.gene_src_strain                    ? 
_entity_src_gen.gene_src_tissue                    ? 
_entity_src_gen.gene_src_tissue_fraction           ? 
_entity_src_gen.gene_src_details                   ? 
_entity_src_gen.pdbx_gene_src_fragment             ? 
_entity_src_gen.pdbx_gene_src_scientific_name      'Homo sapiens' 
_entity_src_gen.pdbx_gene_src_ncbi_taxonomy_id     9606 
_entity_src_gen.pdbx_gene_src_variant              ? 
_entity_src_gen.pdbx_gene_src_cell_line            ? 
_entity_src_gen.pdbx_gene_src_atcc                 ? 
_entity_src_gen.pdbx_gene_src_organ                ? 
_entity_src_gen.pdbx_gene_src_organelle            ? 
_entity_src_gen.pdbx_gene_src_cell                 ? 
_entity_src_gen.pdbx_gene_src_cellular_location    ? 
_entity_src_gen.host_org_common_name               ? 
_entity_src_gen.pdbx_host_org_scientific_name      'Escherichia coli' 
_entity_src_gen.pdbx_host_org_ncbi_taxonomy_id     ? 
_entity_src_gen.host_org_genus                     ? 
_entity_src_gen.pdbx_host_org_gene                 ? 
_entity_src_gen.pdbx_host_org_organ                ? 
_entity_src_gen.host_org_species                   ? 
_entity_src_gen.pdbx_host_org_tissue               ? 
_entity_src_gen.pdbx_host_org_tissue_fraction      ? 
_entity_src_gen.pdbx_host_org_strain               'BL21 (DE3)' 
_entity_src_gen.pdbx_host_org_variant              ? 
_entity_src_gen.pdbx_host_org_cell_line            ? 
_entity_src_gen.pdbx_host_org_atcc                 ? 
_entity_src_gen.pdbx_host_org_culture_collection   ? 
_entity_src_gen.pdbx_host_org_cell                 ? 
_entity_src_gen.pdbx_host_org_organelle            ? 
_entity_src_gen.pdbx_host_org_cellular_location    ? 
_entity_src_gen.pdbx_host_org_vector_type          PLASMID 
_entity_src_gen.pdbx_host_org_vector               ? 
_entity_src_gen.host_org_details                   ? 
_entity_src_gen.expression_system_id               ? 
_entity_src_gen.plasmid_name                       pET28-MHL 
_entity_src_gen.plasmid_details                    ? 
_entity_src_gen.pdbx_description                   ? 
# 
_struct_ref.id                         1 
_struct_ref.db_name                    UNP 
_struct_ref.db_code                    HECD1_HUMAN 
_struct_ref.pdbx_db_accession          Q9ULT8 
_struct_ref.entity_id                  1 
_struct_ref.pdbx_seq_one_letter_code   LKYMVPGARVIRGLDWKWRDQDGSPQGEGTVTGELHNGWIDVTWDAGGSNSYRMGAEGKFDLKLAPGYDPD 
_struct_ref.pdbx_align_begin           1273 
_struct_ref.pdbx_db_isoform            ? 
# 
_struct_ref_seq.align_id                      1 
_struct_ref_seq.ref_id                        1 
_struct_ref_seq.pdbx_PDB_id_code              3DKM 
_struct_ref_seq.pdbx_strand_id                A 
_struct_ref_seq.seq_align_beg                 19 
_struct_ref_seq.pdbx_seq_align_beg_ins_code   ? 
_struct_ref_seq.seq_align_end                 89 
_struct_ref_seq.pdbx_seq_align_end_ins_code   ? 
_struct_ref_seq.pdbx_db_accession             Q9ULT8 
_struct_ref_seq.db_align_beg                  1273 
_struct_ref_seq.pdbx_db_align_beg_ins_code    ? 
_struct_ref_seq.db_align_end                  1343 
_struct_ref_seq.pdbx_db_align_end_ins_code    ? 
_struct_ref_seq.pdbx_auth_seq_align_beg       1273 
_struct_ref_seq.pdbx_auth_seq_align_end       1343 
# 
loop_
_struct_ref_seq_dif.align_id 
_struct_ref_seq_dif.pdbx_pdb_id_code 
_struct_ref_seq_dif.mon_id 
_struct_ref_seq_dif.pdbx_pdb_strand_id 
_struct_ref_seq_dif.seq_num 
_struct_ref_seq_dif.pdbx_pdb_ins_code 
_struct_ref_seq_dif.pdbx_seq_db_name 
_struct_ref_seq_dif.pdbx_seq_db_accession_code 
_struct_ref_seq_dif.db_mon_id 
_struct_ref_seq_dif.pdbx_seq_db_seq_num 
_struct_ref_seq_dif.details 
_struct_ref_seq_dif.pdbx_auth_seq_num 
_struct_ref_seq_dif.pdbx_ordinal 
1 3DKM MET A 1  ? UNP Q9ULT8 ?   ?    'expression tag' 1255 1  
1 3DKM HIS A 2  ? UNP Q9ULT8 ?   ?    'expression tag' 1256 2  
1 3DKM HIS A 3  ? UNP Q9ULT8 ?   ?    'expression tag' 1257 3  
1 3DKM HIS A 4  ? UNP Q9ULT8 ?   ?    'expression tag' 1258 4  
1 3DKM HIS A 5  ? UNP Q9ULT8 ?   ?    'expression tag' 1259 5  
1 3DKM HIS A 6  ? UNP Q9ULT8 ?   ?    'expression tag' 1260 6  
1 3DKM HIS A 7  ? UNP Q9ULT8 ?   ?    'expression tag' 1261 7  
1 3DKM SER A 8  ? UNP Q9ULT8 ?   ?    'expression tag' 1262 8  
1 3DKM SER A 9  ? UNP Q9ULT8 ?   ?    'expression tag' 1263 9  
1 3DKM GLY A 10 ? UNP Q9ULT8 ?   ?    'expression tag' 1264 10 
1 3DKM ARG A 11 ? UNP Q9ULT8 ?   ?    'expression tag' 1265 11 
1 3DKM GLU A 12 ? UNP Q9ULT8 ?   ?    'expression tag' 1266 12 
1 3DKM ASN A 13 ? UNP Q9ULT8 ?   ?    'expression tag' 1267 13 
1 3DKM LEU A 14 ? UNP Q9ULT8 ?   ?    'expression tag' 1268 14 
1 3DKM TYR A 15 ? UNP Q9ULT8 ?   ?    'expression tag' 1269 15 
1 3DKM PHE A 16 ? UNP Q9ULT8 ?   ?    'expression tag' 1270 16 
1 3DKM GLN A 17 ? UNP Q9ULT8 ?   ?    'expression tag' 1271 17 
1 3DKM GLY A 18 ? UNP Q9ULT8 ?   ?    'expression tag' 1272 18 
1 3DKM THR A 29 ? UNP Q9ULT8 ILE 1283 variant          1283 19 
# 
loop_
_chem_comp.id 
_chem_comp.type 
_chem_comp.mon_nstd_flag 
_chem_comp.name 
_chem_comp.pdbx_synonyms 
_chem_comp.formula 
_chem_comp.formula_weight 
ALA 'L-peptide linking' y ALANINE         ? 'C3 H7 N O2'     89.093  
ARG 'L-peptide linking' y ARGININE        ? 'C6 H15 N4 O2 1' 175.209 
ASN 'L-peptide linking' y ASPARAGINE      ? 'C4 H8 N2 O3'    132.118 
ASP 'L-peptide linking' y 'ASPARTIC ACID' ? 'C4 H7 N O4'     133.103 
GLN 'L-peptide linking' y GLUTAMINE       ? 'C5 H10 N2 O3'   146.144 
GLU 'L-peptide linking' y 'GLUTAMIC ACID' ? 'C5 H9 N O4'     147.129 
GLY 'peptide linking'   y GLYCINE         ? 'C2 H5 N O2'     75.067  
HIS 'L-peptide linking' y HISTIDINE       ? 'C6 H10 N3 O2 1' 156.162 
HOH non-polymer         . WATER           ? 'H2 O'           18.015  
ILE 'L-peptide linking' y ISOLEUCINE      ? 'C6 H13 N O2'    131.173 
LEU 'L-peptide linking' y LEUCINE         ? 'C6 H13 N O2'    131.173 
LYS 'L-peptide linking' y LYSINE          ? 'C6 H15 N2 O2 1' 147.195 
MET 'L-peptide linking' y METHIONINE      ? 'C5 H11 N O2 S'  149.211 
PHE 'L-peptide linking' y PHENYLALANINE   ? 'C9 H11 N O2'    165.189 
PRO 'L-peptide linking' y PROLINE         ? 'C5 H9 N O2'     115.130 
SER 'L-peptide linking' y SERINE          ? 'C3 H7 N O3'     105.093 
THR 'L-peptide linking' y THREONINE       ? 'C4 H9 N O3'     119.119 
TRP 'L-peptide linking' y TRYPTOPHAN      ? 'C11 H12 N2 O2'  204.225 
TYR 'L-peptide linking' y TYROSINE        ? 'C9 H11 N O3'    181.189 
VAL 'L-peptide linking' y VALINE          ? 'C5 H11 N O2'    117.146 
# 
_exptl.entry_id          3DKM 
_exptl.method            'X-RAY DIFFRACTION' 
_exptl.crystals_number   1 
# 
_exptl_crystal.id                    1 
_exptl_crystal.density_meas          ? 
_exptl_crystal.density_Matthews      1.89 
_exptl_crystal.density_percent_sol   34.37 
_exptl_crystal.description           ? 
_exptl_crystal.F_000                 ? 
_exptl_crystal.preparation           ? 
# 
_exptl_crystal_grow.crystal_id      1 
_exptl_crystal_grow.method          'VAPOR DIFFUSION, SITTING DROP' 
_exptl_crystal_grow.temp            298 
_exptl_crystal_grow.temp_details    ? 
_exptl_crystal_grow.pH              6.50 
_exptl_crystal_grow.pdbx_details    '20 % PEG 5000, 0.1 M BIS-TRIS, PH 6.50, VAPOR DIFFUSION, SITTING DROP, temperature 298K' 
_exptl_crystal_grow.pdbx_pH_range   . 
# 
_diffrn.id                     1 
_diffrn.ambient_temp           100.0 
_diffrn.ambient_temp_details   ? 
_diffrn.crystal_id             1 
# 
_diffrn_detector.diffrn_id              1 
_diffrn_detector.detector               'IMAGE PLATE' 
_diffrn_detector.type                   'RIGAKU RAXIS IV' 
_diffrn_detector.pdbx_collection_date   2008-06-01 
_diffrn_detector.details                ? 
# 
_diffrn_radiation.diffrn_id                        1 
_diffrn_radiation.wavelength_id                    1 
_diffrn_radiation.pdbx_monochromatic_or_laue_m_l   M 
_diffrn_radiation.monochromator                    GRAPHITE 
_diffrn_radiation.pdbx_diffrn_protocol             'SINGLE WAVELENGTH' 
_diffrn_radiation.pdbx_scattering_type             x-ray 
# 
_diffrn_radiation_wavelength.id           1 
_diffrn_radiation_wavelength.wavelength   1.54178 
_diffrn_radiation_wavelength.wt           1.0 
# 
_diffrn_source.diffrn_id                   1 
_diffrn_source.source                      'ROTATING ANODE' 
_diffrn_source.type                        'RIGAKU FR-E SUPERBRIGHT' 
_diffrn_source.pdbx_synchrotron_site       ? 
_diffrn_source.pdbx_synchrotron_beamline   ? 
_diffrn_source.pdbx_wavelength             1.54178 
_diffrn_source.pdbx_wavelength_list        1.54178 
# 
_reflns.entry_id                     3DKM 
_reflns.observed_criterion_sigma_I   -3.000 
_reflns.observed_criterion_sigma_F   0 
_reflns.d_resolution_low             30.000 
_reflns.d_resolution_high            1.600 
_reflns.number_obs                   10709 
_reflns.number_all                   10709 
_reflns.percent_possible_obs         98.1 
_reflns.pdbx_Rmerge_I_obs            ? 
_reflns.pdbx_Rsym_value              0.073 
_reflns.pdbx_netI_over_sigmaI        40.840 
_reflns.B_iso_Wilson_estimate        ? 
_reflns.pdbx_redundancy              9.700 
_reflns.R_free_details               ? 
_reflns.limit_h_max                  ? 
_reflns.limit_h_min                  ? 
_reflns.limit_k_max                  ? 
_reflns.limit_k_min                  ? 
_reflns.limit_l_max                  ? 
_reflns.limit_l_min                  ? 
_reflns.observed_criterion_F_max     ? 
_reflns.observed_criterion_F_min     ? 
_reflns.pdbx_chi_squared             ? 
_reflns.pdbx_scaling_rejects         ? 
_reflns.pdbx_diffrn_id               1 
_reflns.pdbx_ordinal                 1 
# 
_reflns_shell.d_res_high             1.60 
_reflns_shell.d_res_low              1.66 
_reflns_shell.percent_possible_all   87.1 
_reflns_shell.Rmerge_I_obs           ? 
_reflns_shell.pdbx_Rsym_value        0.156 
_reflns_shell.meanI_over_sigI_obs    11.103 
_reflns_shell.pdbx_redundancy        4.30 
_reflns_shell.percent_possible_obs   ? 
_reflns_shell.number_unique_all      937 
_reflns_shell.number_measured_all    ? 
_reflns_shell.number_measured_obs    ? 
_reflns_shell.number_unique_obs      ? 
_reflns_shell.pdbx_chi_squared       ? 
_reflns_shell.pdbx_diffrn_id         ? 
_reflns_shell.pdbx_ordinal           1 
# 
_refine.entry_id                                 3DKM 
_refine.ls_number_reflns_obs                     10154 
_refine.ls_number_reflns_all                     10664 
_refine.pdbx_ls_sigma_I                          ? 
_refine.pdbx_ls_sigma_F                          ? 
_refine.pdbx_data_cutoff_high_absF               ? 
_refine.pdbx_data_cutoff_low_absF                ? 
_refine.pdbx_data_cutoff_high_rms_absF           ? 
_refine.ls_d_res_low                             27.10 
_refine.ls_d_res_high                            1.60 
_refine.ls_percent_reflns_obs                    98.16 
_refine.ls_R_factor_obs                          0.15695 
_refine.ls_R_factor_all                          ? 
_refine.ls_R_factor_R_work                       0.1559 
_refine.ls_R_factor_R_free                       0.17788 
_refine.ls_R_factor_R_free_error                 ? 
_refine.ls_R_factor_R_free_error_details         ? 
_refine.ls_percent_reflns_R_free                 4.8 
_refine.ls_number_reflns_R_free                  510 
_refine.ls_number_parameters                     ? 
_refine.ls_number_restraints                     ? 
_refine.occupancy_min                            ? 
_refine.occupancy_max                            ? 
_refine.correlation_coeff_Fo_to_Fc               0.969 
_refine.correlation_coeff_Fo_to_Fc_free          0.961 
_refine.B_iso_mean                               26.843 
_refine.aniso_B[1][1]                            -0.44 
_refine.aniso_B[2][2]                            -0.92 
_refine.aniso_B[3][3]                            1.35 
_refine.aniso_B[1][2]                            0.00 
_refine.aniso_B[1][3]                            0.00 
_refine.aniso_B[2][3]                            0.00 
_refine.solvent_model_details                    'BABINET MODEL WITH MASK' 
_refine.solvent_model_param_ksol                 ? 
_refine.solvent_model_param_bsol                 ? 
_refine.pdbx_solvent_vdw_probe_radii             1.20 
_refine.pdbx_solvent_ion_probe_radii             0.80 
_refine.pdbx_solvent_shrinkage_radii             0.80 
_refine.pdbx_ls_cross_valid_method               THROUGHOUT 
_refine.details                                  
;HYDROGENS HAVE BEEN ADDED IN THE RIDING POSITIONS. ATOM RECORD CONTAINS SUM OF TLS AND RESIDUAL B FACTORS, ANISOU RECORD CONTAINS SUM OF TLS AND RESIDUAL U FACTORS.
;
_refine.pdbx_starting_model                      'PDB ENTRY 2DK3' 
_refine.pdbx_method_to_determine_struct          'MOLECULAR REPLACEMENT' 
_refine.pdbx_isotropic_thermal_model             ? 
_refine.pdbx_stereochemistry_target_values       'MAXIMUM LIKELIHOOD' 
_refine.pdbx_stereochem_target_val_spec_case     ? 
_refine.pdbx_R_Free_selection_details            RANDOM 
_refine.pdbx_overall_ESU_R                       0.082 
_refine.pdbx_overall_ESU_R_Free                  0.079 
_refine.overall_SU_ML                            0.042 
_refine.overall_SU_B                             2.204 
_refine.ls_redundancy_reflns_obs                 ? 
_refine.B_iso_min                                ? 
_refine.B_iso_max                                ? 
_refine.overall_SU_R_Cruickshank_DPI             ? 
_refine.overall_SU_R_free                        ? 
_refine.ls_wR_factor_R_free                      ? 
_refine.ls_wR_factor_R_work                      ? 
_refine.overall_FOM_free_R_set                   ? 
_refine.overall_FOM_work_R_set                   ? 
_refine.pdbx_overall_phase_error                 ? 
_refine.pdbx_refine_id                           'X-RAY DIFFRACTION' 
_refine.pdbx_diffrn_id                           1 
_refine.pdbx_TLS_residual_ADP_flag               ? 
_refine.pdbx_overall_SU_R_free_Cruickshank_DPI   ? 
_refine.pdbx_overall_SU_R_Blow_DPI               ? 
_refine.pdbx_overall_SU_R_free_Blow_DPI          ? 
# 
_refine_hist.pdbx_refine_id                   'X-RAY DIFFRACTION' 
_refine_hist.cycle_id                         LAST 
_refine_hist.pdbx_number_atoms_protein        622 
_refine_hist.pdbx_number_atoms_nucleic_acid   0 
_refine_hist.pdbx_number_atoms_ligand         0 
_refine_hist.number_atoms_solvent             120 
_refine_hist.number_atoms_total               742 
_refine_hist.d_res_high                       1.60 
_refine_hist.d_res_low                        27.10 
# 
loop_
_refine_ls_restr.type 
_refine_ls_restr.dev_ideal 
_refine_ls_restr.dev_ideal_target 
_refine_ls_restr.weight 
_refine_ls_restr.number 
_refine_ls_restr.pdbx_refine_id 
_refine_ls_restr.pdbx_restraint_function 
r_bond_refined_d         0.016  0.021  ? 641 'X-RAY DIFFRACTION' ? 
r_angle_refined_deg      1.620  1.929  ? 869 'X-RAY DIFFRACTION' ? 
r_dihedral_angle_1_deg   6.472  5.000  ? 80  'X-RAY DIFFRACTION' ? 
r_dihedral_angle_2_deg   22.520 24.062 ? 32  'X-RAY DIFFRACTION' ? 
r_dihedral_angle_3_deg   11.656 15.000 ? 97  'X-RAY DIFFRACTION' ? 
r_dihedral_angle_4_deg   6.960  15.000 ? 4   'X-RAY DIFFRACTION' ? 
r_chiral_restr           0.113  0.200  ? 81  'X-RAY DIFFRACTION' ? 
r_gen_planes_refined     0.009  0.020  ? 516 'X-RAY DIFFRACTION' ? 
r_nbd_refined            0.219  0.200  ? 269 'X-RAY DIFFRACTION' ? 
r_nbtor_refined          0.321  0.200  ? 432 'X-RAY DIFFRACTION' ? 
r_xyhbond_nbd_refined    0.097  0.200  ? 75  'X-RAY DIFFRACTION' ? 
r_symmetry_vdw_refined   0.158  0.200  ? 31  'X-RAY DIFFRACTION' ? 
r_symmetry_hbond_refined 0.185  0.200  ? 20  'X-RAY DIFFRACTION' ? 
r_mcbond_it              1.519  3.000  ? 397 'X-RAY DIFFRACTION' ? 
r_mcangle_it             1.913  4.000  ? 614 'X-RAY DIFFRACTION' ? 
r_scbond_it              2.287  5.000  ? 295 'X-RAY DIFFRACTION' ? 
r_scangle_it             2.881  7.000  ? 255 'X-RAY DIFFRACTION' ? 
# 
_refine_ls_shell.pdbx_total_number_of_bins_used   20 
_refine_ls_shell.d_res_high                       1.600 
_refine_ls_shell.d_res_low                        1.642 
_refine_ls_shell.number_reflns_R_work             625 
_refine_ls_shell.R_factor_R_work                  0.16 
_refine_ls_shell.percent_reflns_obs               85.10 
_refine_ls_shell.R_factor_R_free                  0.186 
_refine_ls_shell.R_factor_R_free_error            ? 
_refine_ls_shell.percent_reflns_R_free            ? 
_refine_ls_shell.number_reflns_R_free             32 
_refine_ls_shell.number_reflns_all                ? 
_refine_ls_shell.R_factor_all                     ? 
_refine_ls_shell.number_reflns_obs                ? 
_refine_ls_shell.redundancy_reflns_obs            ? 
_refine_ls_shell.pdbx_refine_id                   'X-RAY DIFFRACTION' 
# 
_struct.entry_id                  3DKM 
_struct.title                     'Crystal structure of the HECTD1 CPH domain' 
_struct.pdbx_model_details        ? 
_struct.pdbx_CASP_flag            N 
_struct.pdbx_model_type_details   ? 
# 
_struct_keywords.entry_id        3DKM 
_struct_keywords.pdbx_keywords   LIGASE 
_struct_keywords.text            
;UBL CONJUGATION, UBL CONJUGATION PATHWAY, STRUCTURAL GENOMICS CONSORTIUM, SGC;, ANK repeat, Ligase, NPPSFA, National Project on Protein Structural and Functional Analyses
;
# 
loop_
_struct_asym.id 
_struct_asym.pdbx_blank_PDB_chainid_flag 
_struct_asym.pdbx_modified 
_struct_asym.entity_id 
_struct_asym.details 
A N N 1 ? 
B N N 2 ? 
# 
_struct_biol.id        1 
_struct_biol.details   ? 
# 
loop_
_struct_conf.conf_type_id 
_struct_conf.id 
_struct_conf.pdbx_PDB_helix_id 
_struct_conf.beg_label_comp_id 
_struct_conf.beg_label_asym_id 
_struct_conf.beg_label_seq_id 
_struct_conf.pdbx_beg_PDB_ins_code 
_struct_conf.end_label_comp_id 
_struct_conf.end_label_asym_id 
_struct_conf.end_label_seq_id 
_struct_conf.pdbx_end_PDB_ins_code 
_struct_conf.beg_auth_comp_id 
_struct_conf.beg_auth_asym_id 
_struct_conf.beg_auth_seq_id 
_struct_conf.end_auth_comp_id 
_struct_conf.end_auth_asym_id 
_struct_conf.end_auth_seq_id 
_struct_conf.pdbx_PDB_helix_class 
_struct_conf.details 
_struct_conf.pdbx_PDB_helix_length 
HELX_P HELX_P1 1 ASN A 13 ? MET A 22 ? ASN A 1267 MET A 1276 1 ? 10 
HELX_P HELX_P2 2 GLY A 73 ? LYS A 77 ? GLY A 1327 LYS A 1331 5 ? 5  
# 
_struct_conf_type.id          HELX_P 
_struct_conf_type.criteria    ? 
_struct_conf_type.reference   ? 
# 
_struct_sheet.id               A 
_struct_sheet.type             ? 
_struct_sheet.number_strands   5 
_struct_sheet.details          ? 
# 
loop_
_struct_sheet_order.sheet_id 
_struct_sheet_order.range_id_1 
_struct_sheet_order.range_id_2 
_struct_sheet_order.offset 
_struct_sheet_order.sense 
A 1 2 ? anti-parallel 
A 2 3 ? anti-parallel 
A 3 4 ? anti-parallel 
A 4 5 ? anti-parallel 
# 
loop_
_struct_sheet_range.sheet_id 
_struct_sheet_range.id 
_struct_sheet_range.beg_label_comp_id 
_struct_sheet_range.beg_label_asym_id 
_struct_sheet_range.beg_label_seq_id 
_struct_sheet_range.pdbx_beg_PDB_ins_code 
_struct_sheet_range.end_label_comp_id 
_struct_sheet_range.end_label_asym_id 
_struct_sheet_range.end_label_seq_id 
_struct_sheet_range.pdbx_end_PDB_ins_code 
_struct_sheet_range.beg_auth_comp_id 
_struct_sheet_range.beg_auth_asym_id 
_struct_sheet_range.beg_auth_seq_id 
_struct_sheet_range.end_auth_comp_id 
_struct_sheet_range.end_auth_asym_id 
_struct_sheet_range.end_auth_seq_id 
A 1 SER A 67 ? ARG A 71 ? SER A 1321 ARG A 1325 
A 2 TRP A 57 ? TRP A 62 ? TRP A 1311 TRP A 1316 
A 3 GLY A 47 ? VAL A 49 ? GLY A 1301 VAL A 1303 
A 4 ARG A 27 ? ARG A 30 ? ARG A 1281 ARG A 1284 
A 5 LEU A 80 ? LEU A 82 ? LEU A 1334 LEU A 1336 
# 
loop_
_pdbx_struct_sheet_hbond.sheet_id 
_pdbx_struct_sheet_hbond.range_id_1 
_pdbx_struct_sheet_hbond.range_id_2 
_pdbx_struct_sheet_hbond.range_1_label_atom_id 
_pdbx_struct_sheet_hbond.range_1_label_comp_id 
_pdbx_struct_sheet_hbond.range_1_label_asym_id 
_pdbx_struct_sheet_hbond.range_1_label_seq_id 
_pdbx_struct_sheet_hbond.range_1_PDB_ins_code 
_pdbx_struct_sheet_hbond.range_1_auth_atom_id 
_pdbx_struct_sheet_hbond.range_1_auth_comp_id 
_pdbx_struct_sheet_hbond.range_1_auth_asym_id 
_pdbx_struct_sheet_hbond.range_1_auth_seq_id 
_pdbx_struct_sheet_hbond.range_2_label_atom_id 
_pdbx_struct_sheet_hbond.range_2_label_comp_id 
_pdbx_struct_sheet_hbond.range_2_label_asym_id 
_pdbx_struct_sheet_hbond.range_2_label_seq_id 
_pdbx_struct_sheet_hbond.range_2_PDB_ins_code 
_pdbx_struct_sheet_hbond.range_2_auth_atom_id 
_pdbx_struct_sheet_hbond.range_2_auth_comp_id 
_pdbx_struct_sheet_hbond.range_2_auth_asym_id 
_pdbx_struct_sheet_hbond.range_2_auth_seq_id 
A 1 2 O ASN A 68 ? O ASN A 1322 N VAL A 60 ? N VAL A 1314 
A 2 3 O THR A 61 ? O THR A 1315 N THR A 48 ? N THR A 1302 
A 3 4 O GLY A 47 ? O GLY A 1301 N VAL A 28 ? N VAL A 1282 
A 4 5 N THR A 29 ? N THR A 1283 O LYS A 81 ? O LYS A 1335 
# 
_atom_sites.entry_id                    3DKM 
_atom_sites.fract_transf_matrix[1][1]   0.01635175 
_atom_sites.fract_transf_matrix[1][2]   0.02068869 
_atom_sites.fract_transf_matrix[1][3]   0.01358714 
_atom_sites.fract_transf_matrix[2][1]   0.01333750 
_atom_sites.fract_transf_matrix[2][2]   0.00089007 
_atom_sites.fract_transf_matrix[2][3]   -0.01740660 
_atom_sites.fract_transf_matrix[3][1]   -0.01118771 
_atom_sites.fract_transf_matrix[3][2]   0.01400207 
_atom_sites.fract_transf_matrix[3][3]   -0.00785640 
_atom_sites.fract_transf_vector[1]      0.595443 
_atom_sites.fract_transf_vector[2]      0.212893 
_atom_sites.fract_transf_vector[3]      0.669933 
# 
loop_
_atom_type.symbol 
C 
N 
O 
S 
# 
loop_
_atom_site.group_PDB 
_atom_site.id 
_atom_site.type_symbol 
_atom_site.label_atom_id 
_atom_site.label_alt_id 
_atom_site.label_comp_id 
_atom_site.label_asym_id 
_atom_site.label_entity_id 
_atom_site.label_seq_id 
_atom_site.pdbx_PDB_ins_code 
_atom_site.Cartn_x 
_atom_site.Cartn_y 
_atom_site.Cartn_z 
_atom_site.occupancy 
_atom_site.B_iso_or_equiv 
_atom_site.pdbx_formal_charge 
_atom_site.auth_seq_id 
_atom_site.auth_comp_id 
_atom_site.auth_asym_id 
_atom_site.auth_atom_id 
_atom_site.pdbx_PDB_model_num 
ATOM   1   N N   . GLY A 1 10 ? -3.282  18.760  12.092  1.00 103.19 ? 1264 GLY A N   1 
ATOM   2   C CA  . GLY A 1 10 ? -4.753  17.973  12.037  1.00 96.43  ? 1264 GLY A CA  1 
ATOM   3   C C   . GLY A 1 10 ? -4.799  17.360  10.643  1.00 87.83  ? 1264 GLY A C   1 
ATOM   4   O O   . GLY A 1 10 ? -4.659  18.063  9.634   1.00 95.37  ? 1264 GLY A O   1 
ATOM   5   N N   . ARG A 1 11 ? -4.985  16.049  10.572  1.00 77.91  ? 1265 ARG A N   1 
ATOM   6   C CA  . ARG A 1 11 ? -5.137  15.433  9.275   1.00 69.15  ? 1265 ARG A CA  1 
ATOM   7   C C   . ARG A 1 11 ? -6.285  14.452  9.249   1.00 63.10  ? 1265 ARG A C   1 
ATOM   8   O O   . ARG A 1 11 ? -6.763  13.978  10.288  1.00 59.31  ? 1265 ARG A O   1 
ATOM   9   C CB  . ARG A 1 11 ? -3.820  14.782  8.814   1.00 66.40  ? 1265 ARG A CB  1 
ATOM   10  C CG  . ARG A 1 11 ? -2.792  15.800  8.297   1.00 71.85  ? 1265 ARG A CG  1 
ATOM   11  C CD  . ARG A 1 11 ? -1.501  15.142  7.845   1.00 71.07  ? 1265 ARG A CD  1 
ATOM   12  N N   . GLU A 1 12 ? -6.733  14.174  8.028   1.00 58.53  ? 1266 GLU A N   1 
ATOM   13  C CA  . GLU A 1 12 ? -7.695  13.129  7.784   1.00 51.89  ? 1266 GLU A CA  1 
ATOM   14  C C   . GLU A 1 12 ? -7.123  11.861  8.393   1.00 42.84  ? 1266 GLU A C   1 
ATOM   15  O O   . GLU A 1 12 ? -5.907  11.686  8.482   1.00 41.48  ? 1266 GLU A O   1 
ATOM   16  C CB  . GLU A 1 12 ? -7.869  12.959  6.279   1.00 53.52  ? 1266 GLU A CB  1 
ATOM   17  C CG  . GLU A 1 12 ? -7.201  14.091  5.436   1.00 66.65  ? 1266 GLU A CG  1 
ATOM   18  C CD  . GLU A 1 12 ? -8.012  15.361  5.330   1.00 79.37  ? 1266 GLU A CD  1 
ATOM   19  O OE1 . GLU A 1 12 ? -8.026  15.956  4.231   1.00 88.82  ? 1266 GLU A OE1 1 
ATOM   20  O OE2 . GLU A 1 12 ? -8.627  15.780  6.332   1.00 87.17  ? 1266 GLU A OE2 1 
ATOM   21  N N   . ASN A 1 13 ? -7.985  10.960  8.832   1.00 36.56  ? 1267 ASN A N   1 
ATOM   22  C CA  . ASN A 1 13 ? -7.472  9.802   9.515   1.00 26.98  ? 1267 ASN A CA  1 
ATOM   23  C C   . ASN A 1 13 ? -6.858  8.856   8.463   1.00 22.20  ? 1267 ASN A C   1 
ATOM   24  O O   . ASN A 1 13 ? -6.915  9.158   7.263   1.00 22.58  ? 1267 ASN A O   1 
ATOM   25  C CB  . ASN A 1 13 ? -8.627  9.204   10.295  1.00 31.03  ? 1267 ASN A CB  1 
ATOM   26  C CG  . ASN A 1 13 ? -9.715  8.738   9.389   1.00 27.84  ? 1267 ASN A CG  1 
ATOM   27  O OD1 . ASN A 1 13 ? -9.437  8.019   8.477   1.00 23.98  ? 1267 ASN A OD1 1 
ATOM   28  N ND2 . ASN A 1 13 ? -10.939 9.186   9.607   1.00 33.64  ? 1267 ASN A ND2 1 
ATOM   29  N N   . LEU A 1 14 ? -6.267  7.754   8.898   1.00 21.38  ? 1268 LEU A N   1 
ATOM   30  C CA  . LEU A 1 14 ? -5.527  6.873   7.998   1.00 18.97  ? 1268 LEU A CA  1 
ATOM   31  C C   . LEU A 1 14 ? -6.467  6.144   7.063   1.00 17.30  ? 1268 LEU A C   1 
ATOM   32  O O   . LEU A 1 14 ? -6.107  5.787   5.937   1.00 18.99  ? 1268 LEU A O   1 
ATOM   33  C CB  . LEU A 1 14 ? -4.741  5.848   8.834   1.00 20.29  ? 1268 LEU A CB  1 
ATOM   34  C CG  . LEU A 1 14 ? -3.648  6.441   9.686   1.00 22.06  ? 1268 LEU A CG  1 
ATOM   35  C CD1 . LEU A 1 14 ? -2.971  5.286   10.404  1.00 27.33  ? 1268 LEU A CD1 1 
ATOM   36  C CD2 . LEU A 1 14 ? -2.692  7.180   8.817   1.00 25.91  ? 1268 LEU A CD2 1 
ATOM   37  N N   . TYR A 1 15 ? -7.704  5.966   7.516   1.00 17.79  ? 1269 TYR A N   1 
ATOM   38  C CA  . TYR A 1 15 ? -8.724  5.369   6.609   1.00 17.37  ? 1269 TYR A CA  1 
ATOM   39  C C   . TYR A 1 15 ? -9.022  6.257   5.424   1.00 18.78  ? 1269 TYR A C   1 
ATOM   40  O O   . TYR A 1 15 ? -9.118  5.795   4.263   1.00 20.88  ? 1269 TYR A O   1 
ATOM   41  C CB  . TYR A 1 15 ? -10.017 5.080   7.372   1.00 17.64  ? 1269 TYR A CB  1 
ATOM   42  C CG  . TYR A 1 15 ? -9.770  4.090   8.490   1.00 17.45  ? 1269 TYR A CG  1 
ATOM   43  C CD1 . TYR A 1 15 ? -10.051 2.732   8.301   1.00 18.06  ? 1269 TYR A CD1 1 
ATOM   44  C CD2 . TYR A 1 15 ? -9.278  4.497   9.745   1.00 17.27  ? 1269 TYR A CD2 1 
ATOM   45  C CE1 . TYR A 1 15 ? -9.803  1.807   9.318   1.00 17.19  ? 1269 TYR A CE1 1 
ATOM   46  C CE2 . TYR A 1 15 ? -9.033  3.552   10.778  1.00 19.78  ? 1269 TYR A CE2 1 
ATOM   47  C CZ  . TYR A 1 15 ? -9.341  2.207   10.544  1.00 19.08  ? 1269 TYR A CZ  1 
ATOM   48  O OH  . TYR A 1 15 ? -9.106  1.330   11.571  1.00 20.64  ? 1269 TYR A OH  1 
ATOM   49  N N   . PHE A 1 16 ? -9.218  7.557   5.705   1.00 20.31  ? 1270 PHE A N   1 
ATOM   50  C CA  . PHE A 1 16 ? -9.438  8.549   4.661   1.00 19.53  ? 1270 PHE A CA  1 
ATOM   51  C C   . PHE A 1 16 ? -8.227  8.610   3.737   1.00 20.67  ? 1270 PHE A C   1 
ATOM   52  O O   . PHE A 1 16 ? -8.376  8.669   2.529   1.00 21.32  ? 1270 PHE A O   1 
ATOM   53  C CB  . PHE A 1 16 ? -9.693  9.928   5.255   1.00 20.88  ? 1270 PHE A CB  1 
ATOM   54  C CG  . PHE A 1 16 ? -9.924  10.973  4.215   1.00 23.29  ? 1270 PHE A CG  1 
ATOM   55  C CD1 . PHE A 1 16 ? -11.192 11.186  3.703   1.00 26.82  ? 1270 PHE A CD1 1 
ATOM   56  C CD2 . PHE A 1 16 ? -8.851  11.709  3.698   1.00 30.54  ? 1270 PHE A CD2 1 
ATOM   57  C CE1 . PHE A 1 16 ? -11.406 12.146  2.730   1.00 32.75  ? 1270 PHE A CE1 1 
ATOM   58  C CE2 . PHE A 1 16 ? -9.076  12.709  2.721   1.00 30.07  ? 1270 PHE A CE2 1 
ATOM   59  C CZ  . PHE A 1 16 ? -10.347 12.892  2.242   1.00 32.58  ? 1270 PHE A CZ  1 
ATOM   60  N N   A GLN A 1 17 ? -7.028  8.627   4.304   0.50 19.34  ? 1271 GLN A N   1 
ATOM   61  N N   B GLN A 1 17 ? -7.022  8.593   4.305   0.50 20.44  ? 1271 GLN A N   1 
ATOM   62  C CA  A GLN A 1 17 ? -5.860  8.627   3.423   0.50 17.56  ? 1271 GLN A CA  1 
ATOM   63  C CA  B GLN A 1 17 ? -5.806  8.615   3.465   0.50 19.76  ? 1271 GLN A CA  1 
ATOM   64  C C   A GLN A 1 17 ? -5.882  7.407   2.542   0.50 16.45  ? 1271 GLN A C   1 
ATOM   65  C C   B GLN A 1 17 ? -5.665  7.366   2.614   0.50 18.83  ? 1271 GLN A C   1 
ATOM   66  O O   A GLN A 1 17 ? -5.670  7.510   1.335   0.50 15.77  ? 1271 GLN A O   1 
ATOM   67  O O   B GLN A 1 17 ? -5.067  7.397   1.527   0.50 17.71  ? 1271 GLN A O   1 
ATOM   68  C CB  A GLN A 1 17 ? -4.555  8.739   4.213   0.50 18.66  ? 1271 GLN A CB  1 
ATOM   69  C CB  B GLN A 1 17 ? -4.542  8.805   4.317   0.50 21.91  ? 1271 GLN A CB  1 
ATOM   70  C CG  A GLN A 1 17 ? -4.450  10.076  4.935   0.50 21.76  ? 1271 GLN A CG  1 
ATOM   71  C CG  B GLN A 1 17 ? -4.565  10.042  5.227   0.50 26.02  ? 1271 GLN A CG  1 
ATOM   72  C CD  A GLN A 1 17 ? -3.239  10.174  5.813   0.50 25.38  ? 1271 GLN A CD  1 
ATOM   73  C CD  B GLN A 1 17 ? -4.261  11.336  4.495   0.50 32.53  ? 1271 GLN A CD  1 
ATOM   74  O OE1 A GLN A 1 17 ? -2.144  9.779   5.428   0.50 31.60  ? 1271 GLN A OE1 1 
ATOM   75  O OE1 B GLN A 1 17 ? -3.305  11.424  3.734   0.50 37.50  ? 1271 GLN A OE1 1 
ATOM   76  N NE2 A GLN A 1 17 ? -3.424  10.702  7.012   0.50 31.79  ? 1271 GLN A NE2 1 
ATOM   77  N NE2 B GLN A 1 17 ? -5.055  12.365  4.765   0.50 40.23  ? 1271 GLN A NE2 1 
ATOM   78  N N   . GLY A 1 18 ? -6.161  6.242   3.131   1.00 17.18  ? 1272 GLY A N   1 
ATOM   79  C CA  . GLY A 1 18 ? -6.231  5.000   2.346   1.00 19.38  ? 1272 GLY A CA  1 
ATOM   80  C C   . GLY A 1 18 ? -7.168  5.229   1.140   1.00 18.36  ? 1272 GLY A C   1 
ATOM   81  O O   . GLY A 1 18 ? -6.827  4.908   -0.009  1.00 18.38  ? 1272 GLY A O   1 
ATOM   82  N N   . LEU A 1 19 ? -8.379  5.752   1.375   1.00 17.12  ? 1273 LEU A N   1 
ATOM   83  C CA  . LEU A 1 19 ? -9.340  5.978   0.296   1.00 19.52  ? 1273 LEU A CA  1 
ATOM   84  C C   . LEU A 1 19 ? -8.798  6.908   -0.760  1.00 18.57  ? 1273 LEU A C   1 
ATOM   85  O O   . LEU A 1 19 ? -9.078  6.745   -1.954  1.00 21.50  ? 1273 LEU A O   1 
ATOM   86  C CB  . LEU A 1 19 ? -10.619 6.595   0.873   1.00 20.95  ? 1273 LEU A CB  1 
ATOM   87  C CG  . LEU A 1 19 ? -11.432 5.694   1.806   1.00 23.21  ? 1273 LEU A CG  1 
ATOM   88  C CD1 . LEU A 1 19 ? -12.496 6.524   2.543   1.00 23.67  ? 1273 LEU A CD1 1 
ATOM   89  C CD2 . LEU A 1 19 ? -12.074 4.629   0.962   1.00 24.86  ? 1273 LEU A CD2 1 
ATOM   90  N N   . LYS A 1 20 ? -8.045  7.925   -0.322  1.00 19.59  ? 1274 LYS A N   1 
ATOM   91  C CA  . LYS A 1 20 ? -7.612  8.979   -1.251  1.00 21.15  ? 1274 LYS A CA  1 
ATOM   92  C C   . LYS A 1 20 ? -6.431  8.533   -2.098  1.00 19.96  ? 1274 LYS A C   1 
ATOM   93  O O   . LYS A 1 20 ? -6.375  8.873   -3.308  1.00 22.36  ? 1274 LYS A O   1 
ATOM   94  C CB  . LYS A 1 20 ? -7.259  10.251  -0.475  1.00 21.81  ? 1274 LYS A CB  1 
ATOM   95  C CG  . LYS A 1 20 ? -6.634  11.356  -1.296  1.00 28.11  ? 1274 LYS A CG  1 
ATOM   96  C CD  . LYS A 1 20 ? -6.514  12.644  -0.449  1.00 32.64  ? 1274 LYS A CD  1 
ATOM   97  C CE  . LYS A 1 20 ? -5.995  13.775  -1.319  1.00 41.77  ? 1274 LYS A CE  1 
ATOM   98  N NZ  . LYS A 1 20 ? -6.197  15.082  -0.653  1.00 48.91  ? 1274 LYS A NZ  1 
ATOM   99  N N   . TYR A 1 21 ? -5.561  7.728   -1.494  1.00 19.40  ? 1275 TYR A N   1 
ATOM   100 C CA  . TYR A 1 21 ? -4.295  7.427   -2.145  1.00 18.91  ? 1275 TYR A CA  1 
ATOM   101 C C   . TYR A 1 21 ? -4.172  6.036   -2.710  1.00 18.08  ? 1275 TYR A C   1 
ATOM   102 O O   . TYR A 1 21 ? -3.272  5.840   -3.555  1.00 18.50  ? 1275 TYR A O   1 
ATOM   103 C CB  . TYR A 1 21 ? -3.118  7.707   -1.194  1.00 19.97  ? 1275 TYR A CB  1 
ATOM   104 C CG  . TYR A 1 21 ? -2.984  9.169   -0.840  1.00 24.28  ? 1275 TYR A CG  1 
ATOM   105 C CD1 . TYR A 1 21 ? -2.847  10.138  -1.836  1.00 28.07  ? 1275 TYR A CD1 1 
ATOM   106 C CD2 . TYR A 1 21 ? -2.980  9.581   0.494   1.00 29.25  ? 1275 TYR A CD2 1 
ATOM   107 C CE1 . TYR A 1 21 ? -2.741  11.490  -1.520  1.00 35.13  ? 1275 TYR A CE1 1 
ATOM   108 C CE2 . TYR A 1 21 ? -2.868  10.925  0.812   1.00 32.59  ? 1275 TYR A CE2 1 
ATOM   109 C CZ  . TYR A 1 21 ? -2.748  11.868  -0.197  1.00 34.05  ? 1275 TYR A CZ  1 
ATOM   110 O OH  . TYR A 1 21 ? -2.637  13.206  0.114   1.00 42.16  ? 1275 TYR A OH  1 
ATOM   111 N N   . MET A 1 22 ? -5.003  5.082   -2.233  1.00 17.90  ? 1276 MET A N   1 
ATOM   112 C CA  . MET A 1 22 ? -4.857  3.679   -2.684  1.00 18.03  ? 1276 MET A CA  1 
ATOM   113 C C   . MET A 1 22 ? -5.714  3.506   -3.940  1.00 17.33  ? 1276 MET A C   1 
ATOM   114 O O   . MET A 1 22 ? -6.849  3.018   -3.919  1.00 20.37  ? 1276 MET A O   1 
ATOM   115 C CB  . MET A 1 22 ? -5.219  2.701   -1.575  1.00 16.69  ? 1276 MET A CB  1 
ATOM   116 C CG  . MET A 1 22 ? -4.212  2.747   -0.389  1.00 16.54  ? 1276 MET A CG  1 
ATOM   117 S SD  . MET A 1 22 ? -2.564  2.235   -0.841  1.00 18.86  ? 1276 MET A SD  1 
ATOM   118 C CE  . MET A 1 22 ? -1.655  3.800   -0.840  1.00 20.48  ? 1276 MET A CE  1 
ATOM   119 N N   . VAL A 1 23 ? -5.136  3.976   -5.043  1.00 18.28  ? 1277 VAL A N   1 
ATOM   120 C CA  . VAL A 1 23 ? -5.781  3.991   -6.349  1.00 19.28  ? 1277 VAL A CA  1 
ATOM   121 C C   . VAL A 1 23 ? -4.804  3.470   -7.402  1.00 18.12  ? 1277 VAL A C   1 
ATOM   122 O O   . VAL A 1 23 ? -3.602  3.468   -7.183  1.00 17.78  ? 1277 VAL A O   1 
ATOM   123 C CB  . VAL A 1 23 ? -6.280  5.406   -6.761  1.00 20.59  ? 1277 VAL A CB  1 
ATOM   124 C CG1 . VAL A 1 23 ? -7.323  5.888   -5.738  1.00 24.44  ? 1277 VAL A CG1 1 
ATOM   125 C CG2 . VAL A 1 23 ? -5.105  6.354   -6.842  1.00 22.80  ? 1277 VAL A CG2 1 
ATOM   126 N N   . PRO A 1 24 ? -5.325  2.947   -8.536  1.00 18.97  ? 1278 PRO A N   1 
ATOM   127 C CA  . PRO A 1 24 ? -4.403  2.395   -9.539  1.00 15.96  ? 1278 PRO A CA  1 
ATOM   128 C C   . PRO A 1 24 ? -3.283  3.351   -9.904  1.00 17.49  ? 1278 PRO A C   1 
ATOM   129 O O   . PRO A 1 24 ? -3.538  4.534   -10.181 1.00 19.66  ? 1278 PRO A O   1 
ATOM   130 C CB  . PRO A 1 24 ? -5.330  2.108   -10.713 1.00 17.39  ? 1278 PRO A CB  1 
ATOM   131 C CG  . PRO A 1 24 ? -6.591  1.718   -10.053 1.00 19.92  ? 1278 PRO A CG  1 
ATOM   132 C CD  . PRO A 1 24 ? -6.729  2.736   -8.942  1.00 21.96  ? 1278 PRO A CD  1 
ATOM   133 N N   . GLY A 1 25 ? -2.074  2.817   -9.933  1.00 16.96  ? 1279 GLY A N   1 
ATOM   134 C CA  . GLY A 1 25 ? -0.929  3.613   -10.283 1.00 16.04  ? 1279 GLY A CA  1 
ATOM   135 C C   . GLY A 1 25 ? -0.167  4.123   -9.075  1.00 17.18  ? 1279 GLY A C   1 
ATOM   136 O O   . GLY A 1 25 ? 0.945   4.614   -9.229  1.00 17.89  ? 1279 GLY A O   1 
ATOM   137 N N   . ALA A 1 26 ? -0.765  4.094   -7.888  1.00 15.72  ? 1280 ALA A N   1 
ATOM   138 C CA  . ALA A 1 26 ? -0.049  4.633   -6.741  1.00 16.01  ? 1280 ALA A CA  1 
ATOM   139 C C   . ALA A 1 26 ? 1.219   3.839   -6.460  1.00 16.06  ? 1280 ALA A C   1 
ATOM   140 O O   . ALA A 1 26 ? 1.220   2.609   -6.520  1.00 17.13  ? 1280 ALA A O   1 
ATOM   141 C CB  . ALA A 1 26 ? -0.960  4.646   -5.526  1.00 18.21  ? 1280 ALA A CB  1 
ATOM   142 N N   . ARG A 1 27 ? 2.300   4.554   -6.170  1.00 15.32  ? 1281 ARG A N   1 
ATOM   143 C CA  . ARG A 1 27 ? 3.564   3.880   -5.837  1.00 15.55  ? 1281 ARG A CA  1 
ATOM   144 C C   . ARG A 1 27 ? 3.710   3.727   -4.344  1.00 15.31  ? 1281 ARG A C   1 
ATOM   145 O O   . ARG A 1 27 ? 3.523   4.709   -3.605  1.00 17.04  ? 1281 ARG A O   1 
ATOM   146 C CB  . ARG A 1 27 ? 4.738   4.734   -6.359  1.00 16.02  ? 1281 ARG A CB  1 
ATOM   147 C CG  . ARG A 1 27 ? 4.749   4.799   -7.910  1.00 18.35  ? 1281 ARG A CG  1 
ATOM   148 C CD  . ARG A 1 27 ? 5.194   3.429   -8.532  1.00 18.50  ? 1281 ARG A CD  1 
ATOM   149 N NE  . ARG A 1 27 ? 6.588   3.147   -8.201  1.00 18.42  ? 1281 ARG A NE  1 
ATOM   150 C CZ  . ARG A 1 27 ? 7.185   1.977   -8.414  1.00 20.50  ? 1281 ARG A CZ  1 
ATOM   151 N NH1 . ARG A 1 27 ? 6.495   0.987   -8.974  1.00 18.91  ? 1281 ARG A NH1 1 
ATOM   152 N NH2 . ARG A 1 27 ? 8.464   1.796   -8.108  1.00 19.73  ? 1281 ARG A NH2 1 
ATOM   153 N N   . VAL A 1 28 ? 4.108   2.513   -3.923  1.00 14.87  ? 1282 VAL A N   1 
ATOM   154 C CA  . VAL A 1 28 ? 4.133   2.196   -2.496  1.00 14.16  ? 1282 VAL A CA  1 
ATOM   155 C C   . VAL A 1 28 ? 5.349   1.428   -2.080  1.00 15.67  ? 1282 VAL A C   1 
ATOM   156 O O   . VAL A 1 28 ? 6.042   0.826   -2.884  1.00 17.14  ? 1282 VAL A O   1 
ATOM   157 C CB  . VAL A 1 28 ? 2.909   1.313   -2.085  1.00 14.70  ? 1282 VAL A CB  1 
ATOM   158 C CG1 . VAL A 1 28 ? 1.613   2.140   -2.218  1.00 15.69  ? 1282 VAL A CG1 1 
ATOM   159 C CG2 . VAL A 1 28 ? 2.829   0.018   -2.909  1.00 15.93  ? 1282 VAL A CG2 1 
ATOM   160 N N   . THR A 1 29 ? 5.621   1.525   -0.789  1.00 14.16  ? 1283 THR A N   1 
ATOM   161 C CA  . THR A 1 29 ? 6.541   0.611   -0.114  1.00 15.83  ? 1283 THR A CA  1 
ATOM   162 C C   . THR A 1 29 ? 5.792   -0.038  1.050   1.00 15.79  ? 1283 THR A C   1 
ATOM   163 O O   . THR A 1 29 ? 4.648   0.314   1.331   1.00 15.73  ? 1283 THR A O   1 
ATOM   164 C CB  . THR A 1 29 ? 7.763   1.349   0.499   1.00 18.11  ? 1283 THR A CB  1 
ATOM   165 O OG1 . THR A 1 29 ? 7.324   2.261   1.526   1.00 19.07  ? 1283 THR A OG1 1 
ATOM   166 C CG2 . THR A 1 29 ? 8.540   2.074   -0.578  1.00 16.69  ? 1283 THR A CG2 1 
ATOM   167 N N   . ARG A 1 30 ? 6.445   -0.964  1.751   1.00 16.19  ? 1284 ARG A N   1 
ATOM   168 C CA  . ARG A 1 30 ? 5.831   -1.403  3.007   1.00 14.68  ? 1284 ARG A CA  1 
ATOM   169 C C   . ARG A 1 30 ? 5.689   -0.212  3.979   1.00 16.79  ? 1284 ARG A C   1 
ATOM   170 O O   . ARG A 1 30 ? 6.426   0.807   3.911   1.00 16.19  ? 1284 ARG A O   1 
ATOM   171 C CB  . ARG A 1 30 ? 6.623   -2.538  3.650   1.00 15.25  ? 1284 ARG A CB  1 
ATOM   172 C CG  . ARG A 1 30 ? 7.930   -2.072  4.265   1.00 15.45  ? 1284 ARG A CG  1 
ATOM   173 C CD  . ARG A 1 30 ? 8.527   -3.187  5.188   1.00 14.42  ? 1284 ARG A CD  1 
ATOM   174 N NE  . ARG A 1 30 ? 9.045   -4.289  4.387   1.00 16.48  ? 1284 ARG A NE  1 
ATOM   175 C CZ  . ARG A 1 30 ? 9.594   -5.379  4.929   1.00 16.53  ? 1284 ARG A CZ  1 
ATOM   176 N NH1 . ARG A 1 30 ? 9.992   -6.392  4.163   1.00 18.50  ? 1284 ARG A NH1 1 
ATOM   177 N NH2 . ARG A 1 30 ? 9.704   -5.451  6.257   1.00 16.86  ? 1284 ARG A NH2 1 
ATOM   178 N N   . GLY A 1 31 ? 4.749   -0.394  4.909   1.00 15.49  ? 1285 GLY A N   1 
ATOM   179 C CA  . GLY A 1 31 ? 4.442   0.621   5.916   1.00 16.41  ? 1285 GLY A CA  1 
ATOM   180 C C   . GLY A 1 31 ? 4.298   0.051   7.310   1.00 15.32  ? 1285 GLY A C   1 
ATOM   181 O O   . GLY A 1 31 ? 4.775   -1.066  7.594   1.00 17.24  ? 1285 GLY A O   1 
ATOM   182 N N   . LEU A 1 32 ? 3.665   0.831   8.186   1.00 16.45  ? 1286 LEU A N   1 
ATOM   183 C CA  . LEU A 1 32 ? 3.745   0.579   9.627   1.00 17.37  ? 1286 LEU A CA  1 
ATOM   184 C C   . LEU A 1 32 ? 3.312   -0.836  10.055  1.00 18.13  ? 1286 LEU A C   1 
ATOM   185 O O   . LEU A 1 32 ? 4.037   -1.523  10.830  1.00 17.13  ? 1286 LEU A O   1 
ATOM   186 C CB  . LEU A 1 32 ? 2.991   1.646   10.405  1.00 21.67  ? 1286 LEU A CB  1 
ATOM   187 C CG  . LEU A 1 32 ? 2.928   1.369   11.905  1.00 21.06  ? 1286 LEU A CG  1 
ATOM   188 C CD1 . LEU A 1 32 ? 4.320   1.398   12.519  1.00 23.68  ? 1286 LEU A CD1 1 
ATOM   189 C CD2 . LEU A 1 32 ? 2.117   2.465   12.545  1.00 25.56  ? 1286 LEU A CD2 1 
ATOM   190 N N   . ASP A 1 33 ? 2.160   -1.291  9.534   1.00 17.05  ? 1287 ASP A N   1 
ATOM   191 C CA  . ASP A 1 33 ? 1.606   -2.552  10.055  1.00 16.97  ? 1287 ASP A CA  1 
ATOM   192 C C   . ASP A 1 33 ? 2.022   -3.797  9.262   1.00 16.47  ? 1287 ASP A C   1 
ATOM   193 O O   . ASP A 1 33 ? 1.577   -4.933  9.585   1.00 18.09  ? 1287 ASP A O   1 
ATOM   194 C CB  . ASP A 1 33 ? 0.086   -2.478  10.193  1.00 16.72  ? 1287 ASP A CB  1 
ATOM   195 C CG  . ASP A 1 33 ? -0.345  -1.403  11.163  1.00 20.51  ? 1287 ASP A CG  1 
ATOM   196 O OD1 . ASP A 1 33 ? 0.244   -1.374  12.278  1.00 21.39  ? 1287 ASP A OD1 1 
ATOM   197 O OD2 . ASP A 1 33 ? -1.254  -0.604  10.833  1.00 21.69  ? 1287 ASP A OD2 1 
ATOM   198 N N   . TRP A 1 34 ? 2.913   -3.585  8.295   1.00 16.50  ? 1288 TRP A N   1 
ATOM   199 C CA  . TRP A 1 34 ? 3.440   -4.730  7.513   1.00 15.87  ? 1288 TRP A CA  1 
ATOM   200 C C   . TRP A 1 34 ? 3.866   -5.884  8.392   1.00 16.70  ? 1288 TRP A C   1 
ATOM   201 O O   . TRP A 1 34 ? 4.679   -5.718  9.302   1.00 17.68  ? 1288 TRP A O   1 
ATOM   202 C CB  . TRP A 1 34 ? 4.640   -4.266  6.737   1.00 15.92  ? 1288 TRP A CB  1 
ATOM   203 C CG  . TRP A 1 34 ? 5.282   -5.309  5.839   1.00 14.50  ? 1288 TRP A CG  1 
ATOM   204 C CD1 . TRP A 1 34 ? 6.286   -6.209  6.161   1.00 17.53  ? 1288 TRP A CD1 1 
ATOM   205 C CD2 . TRP A 1 34 ? 5.018   -5.493  4.435   1.00 16.52  ? 1288 TRP A CD2 1 
ATOM   206 N NE1 . TRP A 1 34 ? 6.649   -6.942  5.040   1.00 17.29  ? 1288 TRP A NE1 1 
ATOM   207 C CE2 . TRP A 1 34 ? 5.911   -6.500  3.968   1.00 16.44  ? 1288 TRP A CE2 1 
ATOM   208 C CE3 . TRP A 1 34 ? 4.148   -4.871  3.512   1.00 17.05  ? 1288 TRP A CE3 1 
ATOM   209 C CZ2 . TRP A 1 34 ? 5.903   -6.943  2.651   1.00 17.48  ? 1288 TRP A CZ2 1 
ATOM   210 C CZ3 . TRP A 1 34 ? 4.166   -5.315  2.178   1.00 15.98  ? 1288 TRP A CZ3 1 
ATOM   211 C CH2 . TRP A 1 34 ? 5.045   -6.334  1.772   1.00 16.57  ? 1288 TRP A CH2 1 
ATOM   212 N N   . LYS A 1 35 ? 3.354   -7.072  8.072   1.00 17.23  ? 1289 LYS A N   1 
ATOM   213 C CA  . LYS A 1 35 ? 3.816   -8.297  8.728   1.00 15.26  ? 1289 LYS A CA  1 
ATOM   214 C C   . LYS A 1 35 ? 4.014   -9.405  7.692   1.00 17.66  ? 1289 LYS A C   1 
ATOM   215 O O   . LYS A 1 35 ? 3.887   -10.577 8.029   1.00 19.58  ? 1289 LYS A O   1 
ATOM   216 C CB  . LYS A 1 35 ? 2.818   -8.758  9.781   1.00 18.73  ? 1289 LYS A CB  1 
ATOM   217 C CG  . LYS A 1 35 ? 1.454   -9.025  9.258   1.00 20.18  ? 1289 LYS A CG  1 
ATOM   218 C CD  . LYS A 1 35 ? 0.615   -9.732  10.368  1.00 22.55  ? 1289 LYS A CD  1 
ATOM   219 C CE  . LYS A 1 35 ? -0.739  -10.093 9.857   1.00 24.98  ? 1289 LYS A CE  1 
ATOM   220 N NZ  . LYS A 1 35 ? -1.552  -10.661 10.987  1.00 27.64  ? 1289 LYS A NZ  1 
ATOM   221 N N   . TRP A 1 36 ? 4.390   -9.037  6.464   1.00 16.09  ? 1290 TRP A N   1 
ATOM   222 C CA  . TRP A 1 36 ? 4.303   -9.982  5.339   1.00 15.87  ? 1290 TRP A CA  1 
ATOM   223 C C   . TRP A 1 36 ? 5.691   -10.358 4.838   1.00 18.41  ? 1290 TRP A C   1 
ATOM   224 O O   . TRP A 1 36 ? 5.899   -10.652 3.651   1.00 19.47  ? 1290 TRP A O   1 
ATOM   225 C CB  . TRP A 1 36 ? 3.450   -9.376  4.233   1.00 16.28  ? 1290 TRP A CB  1 
ATOM   226 C CG  . TRP A 1 36 ? 2.113   -8.946  4.726   1.00 15.31  ? 1290 TRP A CG  1 
ATOM   227 C CD1 . TRP A 1 36 ? 1.664   -7.660  4.810   1.00 17.44  ? 1290 TRP A CD1 1 
ATOM   228 C CD2 . TRP A 1 36 ? 1.064   -9.777  5.277   1.00 17.34  ? 1290 TRP A CD2 1 
ATOM   229 N NE1 . TRP A 1 36 ? 0.375   -7.622  5.333   1.00 18.07  ? 1290 TRP A NE1 1 
ATOM   230 C CE2 . TRP A 1 36 ? -0.014  -8.913  5.625   1.00 16.63  ? 1290 TRP A CE2 1 
ATOM   231 C CE3 . TRP A 1 36 ? 0.912   -11.156 5.472   1.00 17.81  ? 1290 TRP A CE3 1 
ATOM   232 C CZ2 . TRP A 1 36 ? -1.202  -9.398  6.170   1.00 17.57  ? 1290 TRP A CZ2 1 
ATOM   233 C CZ3 . TRP A 1 36 ? -0.233  -11.630 6.038   1.00 17.75  ? 1290 TRP A CZ3 1 
ATOM   234 C CH2 . TRP A 1 36 ? -1.307  -10.757 6.359   1.00 17.67  ? 1290 TRP A CH2 1 
ATOM   235 N N   . ARG A 1 37 ? 6.633   -10.434 5.771   1.00 19.26  ? 1291 ARG A N   1 
ATOM   236 C CA  . ARG A 1 37 ? 7.966   -10.952 5.474   1.00 20.72  ? 1291 ARG A CA  1 
ATOM   237 C C   . ARG A 1 37 ? 8.576   -10.183 4.277   1.00 19.71  ? 1291 ARG A C   1 
ATOM   238 O O   . ARG A 1 37 ? 8.499   -8.948  4.242   1.00 20.64  ? 1291 ARG A O   1 
ATOM   239 C CB  . ARG A 1 37 ? 7.867   -12.458 5.270   1.00 20.72  ? 1291 ARG A CB  1 
ATOM   240 C CG  . ARG A 1 37 ? 7.334   -13.175 6.514   1.00 23.40  ? 1291 ARG A CG  1 
ATOM   241 C CD  . ARG A 1 37 ? 7.350   -14.663 6.346   1.00 25.06  ? 1291 ARG A CD  1 
ATOM   242 N NE  . ARG A 1 37 ? 6.328   -15.156 5.395   1.00 26.24  ? 1291 ARG A NE  1 
ATOM   243 C CZ  . ARG A 1 37 ? 6.285   -16.436 4.978   1.00 29.75  ? 1291 ARG A CZ  1 
ATOM   244 N NH1 . ARG A 1 37 ? 7.182   -17.314 5.416   1.00 33.88  ? 1291 ARG A NH1 1 
ATOM   245 N NH2 . ARG A 1 37 ? 5.360   -16.835 4.113   1.00 30.19  ? 1291 ARG A NH2 1 
ATOM   246 N N   . ASP A 1 38 ? 9.175   -10.911 3.334   1.00 18.73  ? 1292 ASP A N   1 
ATOM   247 C CA  . ASP A 1 38 ? 9.906   -10.274 2.250   1.00 18.84  ? 1292 ASP A CA  1 
ATOM   248 C C   . ASP A 1 38 ? 9.102   -10.152 0.976   1.00 19.25  ? 1292 ASP A C   1 
ATOM   249 O O   . ASP A 1 38 ? 9.663   -10.130 -0.113  1.00 18.83  ? 1292 ASP A O   1 
ATOM   250 C CB  . ASP A 1 38 ? 11.256  -10.977 2.003   1.00 20.97  ? 1292 ASP A CB  1 
ATOM   251 C CG  . ASP A 1 38 ? 11.118  -12.433 1.621   1.00 25.36  ? 1292 ASP A CG  1 
ATOM   252 O OD1 . ASP A 1 38 ? 9.995   -12.990 1.685   1.00 28.47  ? 1292 ASP A OD1 1 
ATOM   253 O OD2 . ASP A 1 38 ? 12.158  -13.053 1.230   1.00 30.86  ? 1292 ASP A OD2 1 
ATOM   254 N N   . GLN A 1 39 ? 7.778   -9.999  1.099   1.00 18.16  ? 1293 GLN A N   1 
ATOM   255 C CA  . GLN A 1 39 ? 6.990   -9.997  -0.124  1.00 16.62  ? 1293 GLN A CA  1 
ATOM   256 C C   . GLN A 1 39 ? 7.231   -8.768  -0.976  1.00 17.75  ? 1293 GLN A C   1 
ATOM   257 O O   . GLN A 1 39 ? 6.869   -8.786  -2.163  1.00 19.75  ? 1293 GLN A O   1 
ATOM   258 C CB  . GLN A 1 39 ? 5.504   -10.062 0.203   1.00 18.21  ? 1293 GLN A CB  1 
ATOM   259 C CG  . GLN A 1 39 ? 4.999   -11.439 0.636   1.00 16.73  ? 1293 GLN A CG  1 
ATOM   260 C CD  . GLN A 1 39 ? 3.502   -11.427 0.969   1.00 17.08  ? 1293 GLN A CD  1 
ATOM   261 O OE1 . GLN A 1 39 ? 2.803   -10.453 0.682   1.00 16.95  ? 1293 GLN A OE1 1 
ATOM   262 N NE2 . GLN A 1 39 ? 3.007   -12.518 1.568   1.00 19.81  ? 1293 GLN A NE2 1 
ATOM   263 N N   . ASP A 1 40 ? 7.830   -7.724  -0.394  1.00 17.34  ? 1294 ASP A N   1 
ATOM   264 C CA  . ASP A 1 40 ? 8.137   -6.505  -1.156  1.00 16.40  ? 1294 ASP A CA  1 
ATOM   265 C C   . ASP A 1 40 ? 9.299   -6.740  -2.146  1.00 18.52  ? 1294 ASP A C   1 
ATOM   266 O O   . ASP A 1 40 ? 9.614   -5.887  -2.973  1.00 18.98  ? 1294 ASP A O   1 
ATOM   267 C CB  . ASP A 1 40 ? 8.315   -5.260  -0.257  1.00 16.13  ? 1294 ASP A CB  1 
ATOM   268 C CG  . ASP A 1 40 ? 9.256   -5.453  0.904   1.00 17.05  ? 1294 ASP A CG  1 
ATOM   269 O OD1 . ASP A 1 40 ? 9.687   -6.610  1.205   1.00 19.26  ? 1294 ASP A OD1 1 
ATOM   270 O OD2 . ASP A 1 40 ? 9.600   -4.390  1.528   1.00 17.33  ? 1294 ASP A OD2 1 
ATOM   271 N N   . GLY A 1 41 ? 9.942   -7.894  -2.016  1.00 18.10  ? 1295 GLY A N   1 
ATOM   272 C CA  . GLY A 1 41 ? 10.763  -8.468  -3.075  1.00 21.02  ? 1295 GLY A CA  1 
ATOM   273 C C   . GLY A 1 41 ? 12.224  -8.087  -3.145  1.00 20.85  ? 1295 GLY A C   1 
ATOM   274 O O   . GLY A 1 41 ? 13.053  -8.814  -3.750  1.00 24.98  ? 1295 GLY A O   1 
ATOM   275 N N   . SER A 1 42 ? 12.544  -6.933  -2.582  1.00 20.11  ? 1296 SER A N   1 
ATOM   276 C CA  . SER A 1 42 ? 13.940  -6.478  -2.415  1.00 20.15  ? 1296 SER A CA  1 
ATOM   277 C C   . SER A 1 42 ? 13.894  -5.532  -1.218  1.00 16.86  ? 1296 SER A C   1 
ATOM   278 O O   . SER A 1 42 ? 12.828  -5.028  -0.892  1.00 17.02  ? 1296 SER A O   1 
ATOM   279 C CB  . SER A 1 42 ? 14.471  -5.743  -3.644  1.00 24.94  ? 1296 SER A CB  1 
ATOM   280 O OG  . SER A 1 42 ? 13.862  -4.481  -3.751  1.00 27.13  ? 1296 SER A OG  1 
ATOM   281 N N   . PRO A 1 43 ? 15.032  -5.310  -0.535  1.00 18.44  ? 1297 PRO A N   1 
ATOM   282 C CA  . PRO A 1 43 ? 14.994  -4.404  0.623   1.00 15.87  ? 1297 PRO A CA  1 
ATOM   283 C C   . PRO A 1 43 ? 14.566  -3.012  0.186   1.00 16.91  ? 1297 PRO A C   1 
ATOM   284 O O   . PRO A 1 43 ? 15.127  -2.484  -0.802  1.00 17.83  ? 1297 PRO A O   1 
ATOM   285 C CB  . PRO A 1 43 ? 16.440  -4.394  1.134   1.00 17.59  ? 1297 PRO A CB  1 
ATOM   286 C CG  . PRO A 1 43 ? 17.041  -5.650  0.612   1.00 21.15  ? 1297 PRO A CG  1 
ATOM   287 C CD  . PRO A 1 43 ? 16.349  -5.937  -0.709  1.00 19.81  ? 1297 PRO A CD  1 
ATOM   288 N N   . GLN A 1 44 ? 13.614  -2.441  0.925   1.00 15.21  ? 1298 GLN A N   1 
ATOM   289 C CA  . GLN A 1 44 ? 13.048  -1.125  0.609   1.00 16.77  ? 1298 GLN A CA  1 
ATOM   290 C C   . GLN A 1 44 ? 12.377  -1.138  -0.756  1.00 16.61  ? 1298 GLN A C   1 
ATOM   291 O O   . GLN A 1 44 ? 12.240  -0.094  -1.396  1.00 17.90  ? 1298 GLN A O   1 
ATOM   292 C CB  . GLN A 1 44 ? 14.141  -0.009  0.726   1.00 16.37  ? 1298 GLN A CB  1 
ATOM   293 C CG  . GLN A 1 44 ? 14.713  0.170   2.139   1.00 17.94  ? 1298 GLN A CG  1 
ATOM   294 C CD  . GLN A 1 44 ? 13.749  0.813   3.129   1.00 15.11  ? 1298 GLN A CD  1 
ATOM   295 O OE1 . GLN A 1 44 ? 12.776  1.479   2.736   1.00 16.55  ? 1298 GLN A OE1 1 
ATOM   296 N NE2 . GLN A 1 44 ? 14.065  0.677   4.430   1.00 16.12  ? 1298 GLN A NE2 1 
ATOM   297 N N   . GLY A 1 45 ? 11.978  -2.321  -1.219  1.00 16.26  ? 1299 GLY A N   1 
ATOM   298 C CA  . GLY A 1 45 ? 11.359  -2.450  -2.542  1.00 18.27  ? 1299 GLY A CA  1 
ATOM   299 C C   . GLY A 1 45 ? 10.068  -1.667  -2.703  1.00 17.73  ? 1299 GLY A C   1 
ATOM   300 O O   . GLY A 1 45 ? 9.328   -1.425  -1.775  1.00 16.22  ? 1299 GLY A O   1 
ATOM   301 N N   . GLU A 1 46 ? 9.833   -1.266  -3.941  1.00 16.55  ? 1300 GLU A N   1 
ATOM   302 C CA  . GLU A 1 46 ? 8.651   -0.482  -4.270  1.00 16.59  ? 1300 GLU A CA  1 
ATOM   303 C C   . GLU A 1 46 ? 7.732   -1.267  -5.159  1.00 17.71  ? 1300 GLU A C   1 
ATOM   304 O O   . GLU A 1 46 ? 8.109   -2.269  -5.809  1.00 17.61  ? 1300 GLU A O   1 
ATOM   305 C CB  . GLU A 1 46 ? 9.067   0.826   -4.974  1.00 17.74  ? 1300 GLU A CB  1 
ATOM   306 C CG  . GLU A 1 46 ? 9.932   1.663   -4.036  1.00 18.16  ? 1300 GLU A CG  1 
ATOM   307 C CD  . GLU A 1 46 ? 10.455  2.943   -4.647  1.00 22.95  ? 1300 GLU A CD  1 
ATOM   308 O OE1 . GLU A 1 46 ? 10.198  3.216   -5.855  1.00 23.74  ? 1300 GLU A OE1 1 
ATOM   309 O OE2 . GLU A 1 46 ? 11.164  3.669   -3.882  1.00 22.26  ? 1300 GLU A OE2 1 
ATOM   310 N N   . GLY A 1 47 ? 6.479   -0.797  -5.213  1.00 16.13  ? 1301 GLY A N   1 
ATOM   311 C CA  . GLY A 1 47 ? 5.432   -1.502  -5.982  1.00 15.48  ? 1301 GLY A CA  1 
ATOM   312 C C   . GLY A 1 47 ? 4.377   -0.551  -6.473  1.00 18.74  ? 1301 GLY A C   1 
ATOM   313 O O   . GLY A 1 47 ? 4.452   0.632   -6.156  1.00 19.01  ? 1301 GLY A O   1 
ATOM   314 N N   . THR A 1 48 ? 3.427   -1.078  -7.247  1.00 14.74  ? 1302 THR A N   1 
ATOM   315 C CA  . THR A 1 48 ? 2.344   -0.223  -7.779  1.00 15.98  ? 1302 THR A CA  1 
ATOM   316 C C   . THR A 1 48 ? 0.988   -0.801  -7.392  1.00 16.99  ? 1302 THR A C   1 
ATOM   317 O O   . THR A 1 48 ? 0.758   -1.997  -7.542  1.00 16.93  ? 1302 THR A O   1 
ATOM   318 C CB  . THR A 1 48 ? 2.445   -0.198  -9.307  1.00 15.98  ? 1302 THR A CB  1 
ATOM   319 O OG1 . THR A 1 48 ? 3.796   0.152   -9.692  1.00 19.09  ? 1302 THR A OG1 1 
ATOM   320 C CG2 . THR A 1 48 ? 1.556   0.893   -9.881  1.00 17.53  ? 1302 THR A CG2 1 
ATOM   321 N N   . VAL A 1 49 ? 0.081   0.067   -6.933  1.00 15.85  ? 1303 VAL A N   1 
ATOM   322 C CA  . VAL A 1 49 ? -1.280  -0.404  -6.662  1.00 15.20  ? 1303 VAL A CA  1 
ATOM   323 C C   . VAL A 1 49 ? -1.948  -0.647  -8.018  1.00 16.49  ? 1303 VAL A C   1 
ATOM   324 O O   . VAL A 1 49 ? -1.824  0.190   -8.921  1.00 17.16  ? 1303 VAL A O   1 
ATOM   325 C CB  . VAL A 1 49 ? -2.020  0.742   -5.939  1.00 15.75  ? 1303 VAL A CB  1 
ATOM   326 C CG1 . VAL A 1 49 ? -3.532  0.512   -5.887  1.00 17.64  ? 1303 VAL A CG1 1 
ATOM   327 C CG2 . VAL A 1 49 ? -1.449  0.833   -4.523  1.00 16.72  ? 1303 VAL A CG2 1 
ATOM   328 N N   . THR A 1 50 ? -2.729  -1.715  -8.116  1.00 16.01  ? 1304 THR A N   1 
ATOM   329 C CA  . THR A 1 50 ? -3.290  -2.182  -9.400  1.00 16.48  ? 1304 THR A CA  1 
ATOM   330 C C   . THR A 1 50 ? -4.831  -2.200  -9.489  1.00 19.05  ? 1304 THR A C   1 
ATOM   331 O O   . THR A 1 50 ? -5.397  -2.573  -10.529 1.00 21.91  ? 1304 THR A O   1 
ATOM   332 C CB  . THR A 1 50 ? -2.739  -3.595  -9.762  1.00 18.41  ? 1304 THR A CB  1 
ATOM   333 O OG1 . THR A 1 50 ? -3.235  -4.576  -8.798  1.00 18.79  ? 1304 THR A OG1 1 
ATOM   334 C CG2 . THR A 1 50 ? -1.198  -3.573  -9.752  1.00 18.27  ? 1304 THR A CG2 1 
ATOM   335 N N   . GLY A 1 51 ? -5.494  -1.778  -8.422  1.00 20.11  ? 1305 GLY A N   1 
ATOM   336 C CA  . GLY A 1 51 ? -6.942  -1.868  -8.362  1.00 21.82  ? 1305 GLY A CA  1 
ATOM   337 C C   . GLY A 1 51 ? -7.478  -0.882  -7.347  1.00 21.19  ? 1305 GLY A C   1 
ATOM   338 O O   . GLY A 1 51 ? -6.751  0.035   -6.929  1.00 20.83  ? 1305 GLY A O   1 
ATOM   339 N N   . GLU A 1 52 ? -8.747  -1.071  -6.985  1.00 20.33  ? 1306 GLU A N   1 
ATOM   340 C CA  . GLU A 1 52 ? -9.375  -0.281  -5.928  1.00 21.64  ? 1306 GLU A CA  1 
ATOM   341 C C   . GLU A 1 52 ? -9.443  -1.079  -4.620  1.00 21.61  ? 1306 GLU A C   1 
ATOM   342 O O   . GLU A 1 52 ? -9.277  -2.309  -4.607  1.00 21.29  ? 1306 GLU A O   1 
ATOM   343 C CB  . GLU A 1 52 ? -10.779 0.163   -6.341  1.00 26.12  ? 1306 GLU A CB  1 
ATOM   344 C CG  . GLU A 1 52 ? -10.821 0.816   -7.757  1.00 35.13  ? 1306 GLU A CG  1 
ATOM   345 C CD  . GLU A 1 52 ? -10.383 2.301   -7.790  1.00 45.73  ? 1306 GLU A CD  1 
ATOM   346 O OE1 . GLU A 1 52 ? -10.118 2.909   -6.729  1.00 41.00  ? 1306 GLU A OE1 1 
ATOM   347 O OE2 . GLU A 1 52 ? -10.316 2.876   -8.899  1.00 45.04  ? 1306 GLU A OE2 1 
ATOM   348 N N   . LEU A 1 53 ? -9.672  -0.376  -3.520  1.00 20.77  ? 1307 LEU A N   1 
ATOM   349 C CA  . LEU A 1 53 ? -9.843  -1.023  -2.221  1.00 17.78  ? 1307 LEU A CA  1 
ATOM   350 C C   . LEU A 1 53 ? -11.020 -1.997  -2.269  1.00 19.00  ? 1307 LEU A C   1 
ATOM   351 O O   . LEU A 1 53 ? -12.063 -1.728  -2.871  1.00 22.59  ? 1307 LEU A O   1 
ATOM   352 C CB  . LEU A 1 53 ? -10.137 0.033   -1.156  1.00 18.11  ? 1307 LEU A CB  1 
ATOM   353 C CG  . LEU A 1 53 ? -8.907  0.860   -0.742  1.00 19.67  ? 1307 LEU A CG  1 
ATOM   354 C CD1 . LEU A 1 53 ? -9.331  2.097   -0.037  1.00 23.22  ? 1307 LEU A CD1 1 
ATOM   355 C CD2 . LEU A 1 53 ? -7.987  0.040   0.156   1.00 19.08  ? 1307 LEU A CD2 1 
ATOM   356 N N   . HIS A 1 54 ? -10.848 -3.136  -1.590  1.00 20.76  ? 1308 HIS A N   1 
ATOM   357 C CA  . HIS A 1 54 ? -11.898 -4.147  -1.504  1.00 20.77  ? 1308 HIS A CA  1 
ATOM   358 C C   . HIS A 1 54 ? -11.859 -4.678  -0.081  1.00 20.44  ? 1308 HIS A C   1 
ATOM   359 O O   . HIS A 1 54 ? -10.882 -5.299  0.318   1.00 20.62  ? 1308 HIS A O   1 
ATOM   360 C CB  . HIS A 1 54 ? -11.724 -5.278  -2.565  1.00 24.93  ? 1308 HIS A CB  1 
ATOM   361 C CG  . HIS A 1 54 ? -10.345 -5.872  -2.640  1.00 25.83  ? 1308 HIS A CG  1 
ATOM   362 N ND1 . HIS A 1 54 ? -10.040 -7.116  -2.116  1.00 29.13  ? 1308 HIS A ND1 1 
ATOM   363 C CD2 . HIS A 1 54 ? -9.204  -5.416  -3.222  1.00 25.69  ? 1308 HIS A CD2 1 
ATOM   364 C CE1 . HIS A 1 54 ? -8.768  -7.402  -2.382  1.00 28.46  ? 1308 HIS A CE1 1 
ATOM   365 N NE2 . HIS A 1 54 ? -8.236  -6.380  -3.034  1.00 25.04  ? 1308 HIS A NE2 1 
ATOM   366 N N   . ASN A 1 55 ? -12.930 -4.423  0.687   1.00 20.73  ? 1309 ASN A N   1 
ATOM   367 C CA  . ASN A 1 55 ? -12.946 -4.820  2.120   1.00 20.92  ? 1309 ASN A CA  1 
ATOM   368 C C   . ASN A 1 55 ? -11.712 -4.312  2.864   1.00 19.93  ? 1309 ASN A C   1 
ATOM   369 O O   . ASN A 1 55 ? -11.182 -4.974  3.791   1.00 20.09  ? 1309 ASN A O   1 
ATOM   370 C CB  . ASN A 1 55 ? -13.009 -6.348  2.288   1.00 23.67  ? 1309 ASN A CB  1 
ATOM   371 C CG  . ASN A 1 55 ? -14.397 -6.911  2.125   1.00 29.82  ? 1309 ASN A CG  1 
ATOM   372 O OD1 . ASN A 1 55 ? -15.392 -6.225  2.339   1.00 27.58  ? 1309 ASN A OD1 1 
ATOM   373 N ND2 . ASN A 1 55 ? -14.468 -8.200  1.810   1.00 34.44  ? 1309 ASN A ND2 1 
ATOM   374 N N   . GLY A 1 56 ? -11.210 -3.157  2.440   1.00 16.91  ? 1310 GLY A N   1 
ATOM   375 C CA  . GLY A 1 56 ? -10.087 -2.539  3.150   1.00 16.37  ? 1310 GLY A CA  1 
ATOM   376 C C   . GLY A 1 56 ? -8.720  -3.086  2.765   1.00 16.58  ? 1310 GLY A C   1 
ATOM   377 O O   . GLY A 1 56 ? -7.731  -2.747  3.397   1.00 18.22  ? 1310 GLY A O   1 
ATOM   378 N N   . TRP A 1 57 ? -8.670  -3.953  1.739   1.00 16.64  ? 1311 TRP A N   1 
ATOM   379 C CA  . TRP A 1 57 ? -7.398  -4.515  1.202   1.00 15.85  ? 1311 TRP A CA  1 
ATOM   380 C C   . TRP A 1 57 ? -7.126  -3.877  -0.187  1.00 14.98  ? 1311 TRP A C   1 
ATOM   381 O O   . TRP A 1 57 ? -8.060  -3.526  -0.898  1.00 17.59  ? 1311 TRP A O   1 
ATOM   382 C CB  . TRP A 1 57 ? -7.550  -6.021  0.972   1.00 17.44  ? 1311 TRP A CB  1 
ATOM   383 C CG  . TRP A 1 57 ? -7.623  -6.852  2.250   1.00 16.61  ? 1311 TRP A CG  1 
ATOM   384 C CD1 . TRP A 1 57 ? -8.751  -7.113  2.992   1.00 16.37  ? 1311 TRP A CD1 1 
ATOM   385 C CD2 . TRP A 1 57 ? -6.551  -7.550  2.883   1.00 17.23  ? 1311 TRP A CD2 1 
ATOM   386 N NE1 . TRP A 1 57 ? -8.430  -7.910  4.085   1.00 18.59  ? 1311 TRP A NE1 1 
ATOM   387 C CE2 . TRP A 1 57 ? -7.092  -8.198  4.030   1.00 16.15  ? 1311 TRP A CE2 1 
ATOM   388 C CE3 . TRP A 1 57 ? -5.171  -7.694  2.598   1.00 18.01  ? 1311 TRP A CE3 1 
ATOM   389 C CZ2 . TRP A 1 57 ? -6.306  -8.979  4.901   1.00 17.01  ? 1311 TRP A CZ2 1 
ATOM   390 C CZ3 . TRP A 1 57 ? -4.376  -8.492  3.485   1.00 15.81  ? 1311 TRP A CZ3 1 
ATOM   391 C CH2 . TRP A 1 57 ? -4.967  -9.126  4.598   1.00 16.92  ? 1311 TRP A CH2 1 
ATOM   392 N N   . ILE A 1 58 ? -5.870  -3.816  -0.576  1.00 15.55  ? 1312 ILE A N   1 
ATOM   393 C CA  . ILE A 1 58 ? -5.483  -3.207  -1.844  1.00 15.12  ? 1312 ILE A CA  1 
ATOM   394 C C   . ILE A 1 58 ? -4.476  -4.130  -2.530  1.00 17.11  ? 1312 ILE A C   1 
ATOM   395 O O   . ILE A 1 58 ? -3.606  -4.698  -1.880  1.00 15.60  ? 1312 ILE A O   1 
ATOM   396 C CB  . ILE A 1 58 ? -4.879  -1.768  -1.648  1.00 15.45  ? 1312 ILE A CB  1 
ATOM   397 C CG1 . ILE A 1 58 ? -4.809  -1.001  -2.998  1.00 17.60  ? 1312 ILE A CG1 1 
ATOM   398 C CG2 . ILE A 1 58 ? -3.554  -1.746  -0.868  1.00 17.09  ? 1312 ILE A CG2 1 
ATOM   399 C CD1 . ILE A 1 58 ? -6.187  -0.643  -3.581  1.00 19.78  ? 1312 ILE A CD1 1 
ATOM   400 N N   . ASP A 1 59 ? -4.621  -4.276  -3.842  1.00 16.06  ? 1313 ASP A N   1 
ATOM   401 C CA  . ASP A 1 59 ? -3.694  -5.122  -4.585  1.00 15.59  ? 1313 ASP A CA  1 
ATOM   402 C C   . ASP A 1 59 ? -2.476  -4.337  -5.067  1.00 17.09  ? 1313 ASP A C   1 
ATOM   403 O O   . ASP A 1 59 ? -2.605  -3.238  -5.578  1.00 17.76  ? 1313 ASP A O   1 
ATOM   404 C CB  . ASP A 1 59 ? -4.424  -5.678  -5.813  1.00 19.22  ? 1313 ASP A CB  1 
ATOM   405 C CG  . ASP A 1 59 ? -5.620  -6.527  -5.455  1.00 23.98  ? 1313 ASP A CG  1 
ATOM   406 O OD1 . ASP A 1 59 ? -5.752  -6.941  -4.280  1.00 22.64  ? 1313 ASP A OD1 1 
ATOM   407 O OD2 . ASP A 1 59 ? -6.468  -6.708  -6.358  1.00 29.80  ? 1313 ASP A OD2 1 
ATOM   408 N N   . VAL A 1 60 ? -1.301  -4.970  -4.964  1.00 15.67  ? 1314 VAL A N   1 
ATOM   409 C CA  . VAL A 1 60 ? -0.047  -4.345  -5.364  1.00 14.86  ? 1314 VAL A CA  1 
ATOM   410 C C   . VAL A 1 60 ? 0.727   -5.338  -6.196  1.00 16.84  ? 1314 VAL A C   1 
ATOM   411 O O   . VAL A 1 60 ? 0.748   -6.539  -5.878  1.00 17.14  ? 1314 VAL A O   1 
ATOM   412 C CB  . VAL A 1 60 ? 0.789   -3.974  -4.088  1.00 16.32  ? 1314 VAL A CB  1 
ATOM   413 C CG1 . VAL A 1 60 ? 2.229   -3.583  -4.440  1.00 17.95  ? 1314 VAL A CG1 1 
ATOM   414 C CG2 . VAL A 1 60 ? 0.077   -2.870  -3.318  1.00 17.27  ? 1314 VAL A CG2 1 
ATOM   415 N N   . THR A 1 61 ? 1.334   -4.841  -7.268  1.00 14.83  ? 1315 THR A N   1 
ATOM   416 C CA  . THR A 1 61 ? 2.352   -5.604  -7.992  1.00 15.52  ? 1315 THR A CA  1 
ATOM   417 C C   . THR A 1 61 ? 3.690   -4.962  -7.702  1.00 16.93  ? 1315 THR A C   1 
ATOM   418 O O   . THR A 1 61 ? 3.916   -3.792  -8.025  1.00 16.57  ? 1315 THR A O   1 
ATOM   419 C CB  . THR A 1 61 ? 2.049   -5.654  -9.492  1.00 16.33  ? 1315 THR A CB  1 
ATOM   420 O OG1 . THR A 1 61 ? 0.876   -6.475  -9.683  1.00 17.59  ? 1315 THR A OG1 1 
ATOM   421 C CG2 . THR A 1 61 ? 3.194   -6.269  -10.255 1.00 18.52  ? 1315 THR A CG2 1 
ATOM   422 N N   . TRP A 1 62 ? 4.584   -5.750  -7.109  1.00 16.08  ? 1316 TRP A N   1 
ATOM   423 C CA  . TRP A 1 62 ? 5.873   -5.231  -6.726  1.00 17.04  ? 1316 TRP A CA  1 
ATOM   424 C C   . TRP A 1 62 ? 6.826   -5.149  -7.903  1.00 16.88  ? 1316 TRP A C   1 
ATOM   425 O O   . TRP A 1 62 ? 6.747   -5.969  -8.838  1.00 17.45  ? 1316 TRP A O   1 
ATOM   426 C CB  . TRP A 1 62 ? 6.484   -6.155  -5.650  1.00 16.58  ? 1316 TRP A CB  1 
ATOM   427 C CG  . TRP A 1 62 ? 5.670   -6.159  -4.424  1.00 16.52  ? 1316 TRP A CG  1 
ATOM   428 C CD1 . TRP A 1 62 ? 4.810   -7.144  -4.000  1.00 17.79  ? 1316 TRP A CD1 1 
ATOM   429 C CD2 . TRP A 1 62 ? 5.603   -5.109  -3.441  1.00 17.08  ? 1316 TRP A CD2 1 
ATOM   430 N NE1 . TRP A 1 62 ? 4.200   -6.751  -2.806  1.00 16.51  ? 1316 TRP A NE1 1 
ATOM   431 C CE2 . TRP A 1 62 ? 4.665   -5.514  -2.458  1.00 15.59  ? 1316 TRP A CE2 1 
ATOM   432 C CE3 . TRP A 1 62 ? 6.209   -3.849  -3.324  1.00 16.82  ? 1316 TRP A CE3 1 
ATOM   433 C CZ2 . TRP A 1 62 ? 4.331   -4.716  -1.354  1.00 17.28  ? 1316 TRP A CZ2 1 
ATOM   434 C CZ3 . TRP A 1 62 ? 5.896   -3.040  -2.191  1.00 18.49  ? 1316 TRP A CZ3 1 
ATOM   435 C CH2 . TRP A 1 62 ? 4.956   -3.473  -1.245  1.00 17.22  ? 1316 TRP A CH2 1 
ATOM   436 N N   . ASP A 1 63 ? 7.771   -4.201  -7.868  1.00 18.00  ? 1317 ASP A N   1 
ATOM   437 C CA  . ASP A 1 63 ? 8.741   -4.103  -8.962  1.00 18.35  ? 1317 ASP A CA  1 
ATOM   438 C C   . ASP A 1 63 ? 9.543   -5.406  -9.096  1.00 17.89  ? 1317 ASP A C   1 
ATOM   439 O O   . ASP A 1 63 ? 10.025  -5.761  -10.180 1.00 20.50  ? 1317 ASP A O   1 
ATOM   440 C CB  . ASP A 1 63 ? 9.714   -2.957  -8.666  1.00 18.51  ? 1317 ASP A CB  1 
ATOM   441 C CG  . ASP A 1 63 ? 9.072   -1.599  -8.829  1.00 20.66  ? 1317 ASP A CG  1 
ATOM   442 O OD1 . ASP A 1 63 ? 7.891   -1.531  -9.251  1.00 20.73  ? 1317 ASP A OD1 1 
ATOM   443 O OD2 . ASP A 1 63 ? 9.772   -0.611  -8.518  1.00 21.92  ? 1317 ASP A OD2 1 
ATOM   444 N N   . ALA A 1 64 ? 9.733   -6.081  -7.956  1.00 19.03  ? 1318 ALA A N   1 
ATOM   445 C CA  . ALA A 1 64 ? 10.452  -7.349  -7.983  1.00 19.38  ? 1318 ALA A CA  1 
ATOM   446 C C   . ALA A 1 64 ? 9.673   -8.479  -8.679  1.00 22.77  ? 1318 ALA A C   1 
ATOM   447 O O   . ALA A 1 64 ? 10.265  -9.547  -9.025  1.00 25.38  ? 1318 ALA A O   1 
ATOM   448 C CB  . ALA A 1 64 ? 10.795  -7.734  -6.571  1.00 21.29  ? 1318 ALA A CB  1 
ATOM   449 N N   . GLY A 1 65 ? 8.370   -8.244  -8.849  1.00 21.67  ? 1319 GLY A N   1 
ATOM   450 C CA  . GLY A 1 65 ? 7.507   -9.060  -9.708  1.00 23.09  ? 1319 GLY A CA  1 
ATOM   451 C C   . GLY A 1 65 ? 6.327   -9.766  -9.066  1.00 23.03  ? 1319 GLY A C   1 
ATOM   452 O O   . GLY A 1 65 ? 5.473   -10.320 -9.786  1.00 24.50  ? 1319 GLY A O   1 
ATOM   453 N N   . GLY A 1 66 ? 6.279   -9.831  -7.729  1.00 20.74  ? 1320 GLY A N   1 
ATOM   454 C CA  . GLY A 1 66 ? 5.148   -10.533 -7.077  1.00 18.11  ? 1320 GLY A CA  1 
ATOM   455 C C   . GLY A 1 66 ? 3.887   -9.691  -7.016  1.00 17.49  ? 1320 GLY A C   1 
ATOM   456 O O   . GLY A 1 66 ? 3.984   -8.475  -6.866  1.00 18.23  ? 1320 GLY A O   1 
ATOM   457 N N   . SER A 1 67 ? 2.701   -10.331 -7.071  1.00 17.91  ? 1321 SER A N   1 
ATOM   458 C CA  . SER A 1 67 ? 1.421   -9.608  -6.903  1.00 15.95  ? 1321 SER A CA  1 
ATOM   459 C C   . SER A 1 67 ? 0.699   -10.156 -5.658  1.00 16.61  ? 1321 SER A C   1 
ATOM   460 O O   . SER A 1 67 ? 0.547   -11.393 -5.542  1.00 17.65  ? 1321 SER A O   1 
ATOM   461 C CB  . SER A 1 67 ? 0.553   -9.820  -8.150  1.00 16.87  ? 1321 SER A CB  1 
ATOM   462 O OG  . SER A 1 67 ? 1.138   -9.189  -9.310  1.00 19.89  ? 1321 SER A OG  1 
ATOM   463 N N   . ASN A 1 68 ? 0.206   -9.268  -4.784  1.00 16.36  ? 1322 ASN A N   1 
ATOM   464 C CA  . ASN A 1 68 ? -0.517  -9.761  -3.603  1.00 15.53  ? 1322 ASN A CA  1 
ATOM   465 C C   . ASN A 1 68 ? -1.386  -8.612  -3.099  1.00 15.39  ? 1322 ASN A C   1 
ATOM   466 O O   . ASN A 1 68 ? -1.491  -7.580  -3.790  1.00 17.34  ? 1322 ASN A O   1 
ATOM   467 C CB  . ASN A 1 68 ? 0.487   -10.294 -2.552  1.00 18.36  ? 1322 ASN A CB  1 
ATOM   468 C CG  . ASN A 1 68 ? -0.083  -11.426 -1.714  1.00 15.48  ? 1322 ASN A CG  1 
ATOM   469 O OD1 . ASN A 1 68 ? -1.301  -11.506 -1.533  1.00 16.36  ? 1322 ASN A OD1 1 
ATOM   470 N ND2 . ASN A 1 68 ? 0.775   -12.337 -1.238  1.00 17.83  ? 1322 ASN A ND2 1 
ATOM   471 N N   . SER A 1 69 ? -2.039  -8.802  -1.950  1.00 14.05  ? 1323 SER A N   1 
ATOM   472 C CA  . SER A 1 69 ? -2.983  -7.818  -1.371  1.00 14.64  ? 1323 SER A CA  1 
ATOM   473 C C   . SER A 1 69 ? -2.531  -7.469  0.035   1.00 15.75  ? 1323 SER A C   1 
ATOM   474 O O   . SER A 1 69 ? -1.999  -8.342  0.774   1.00 16.49  ? 1323 SER A O   1 
ATOM   475 C CB  . SER A 1 69 ? -4.413  -8.382  -1.318  1.00 18.80  ? 1323 SER A CB  1 
ATOM   476 O OG  . SER A 1 69 ? -4.831  -8.804  -2.627  1.00 22.67  ? 1323 SER A OG  1 
ATOM   477 N N   . TYR A 1 70 ? -2.756  -6.200  0.390   1.00 16.38  ? 1324 TYR A N   1 
ATOM   478 C CA  . TYR A 1 70 ? -2.273  -5.628  1.661   1.00 13.86  ? 1324 TYR A CA  1 
ATOM   479 C C   . TYR A 1 70 ? -3.373  -4.839  2.328   1.00 15.48  ? 1324 TYR A C   1 
ATOM   480 O O   . TYR A 1 70 ? -4.255  -4.310  1.673   1.00 15.99  ? 1324 TYR A O   1 
ATOM   481 C CB  . TYR A 1 70 ? -1.053  -4.762  1.394   1.00 16.77  ? 1324 TYR A CB  1 
ATOM   482 C CG  . TYR A 1 70 ? 0.016   -5.669  0.794   1.00 12.83  ? 1324 TYR A CG  1 
ATOM   483 C CD1 . TYR A 1 70 ? 0.738   -6.546  1.603   1.00 14.78  ? 1324 TYR A CD1 1 
ATOM   484 C CD2 . TYR A 1 70 ? 0.210   -5.716  -0.613  1.00 15.27  ? 1324 TYR A CD2 1 
ATOM   485 C CE1 . TYR A 1 70 ? 1.680   -7.471  1.037   1.00 15.33  ? 1324 TYR A CE1 1 
ATOM   486 C CE2 . TYR A 1 70 ? 1.137   -6.628  -1.196  1.00 14.07  ? 1324 TYR A CE2 1 
ATOM   487 C CZ  . TYR A 1 70 ? 1.850   -7.491  -0.356  1.00 16.19  ? 1324 TYR A CZ  1 
ATOM   488 O OH  . TYR A 1 70 ? 2.736   -8.388  -0.883  1.00 16.43  ? 1324 TYR A OH  1 
ATOM   489 N N   . ARG A 1 71 ? -3.309  -4.731  3.651   1.00 15.03  ? 1325 ARG A N   1 
ATOM   490 C CA  . ARG A 1 71 ? -4.359  -4.003  4.371   1.00 15.19  ? 1325 ARG A CA  1 
ATOM   491 C C   . ARG A 1 71 ? -4.129  -2.503  4.314   1.00 17.15  ? 1325 ARG A C   1 
ATOM   492 O O   . ARG A 1 71 ? -2.995  -2.016  4.569   1.00 15.92  ? 1325 ARG A O   1 
ATOM   493 C CB  . ARG A 1 71 ? -4.357  -4.461  5.841   1.00 14.22  ? 1325 ARG A CB  1 
ATOM   494 C CG  . ARG A 1 71 ? -4.585  -5.990  5.948   1.00 14.35  ? 1325 ARG A CG  1 
ATOM   495 C CD  . ARG A 1 71 ? -4.349  -6.559  7.347   1.00 15.75  ? 1325 ARG A CD  1 
ATOM   496 N NE  . ARG A 1 71 ? -2.966  -6.255  7.712   1.00 17.47  ? 1325 ARG A NE  1 
ATOM   497 C CZ  . ARG A 1 71 ? -2.444  -6.560  8.897   1.00 18.22  ? 1325 ARG A CZ  1 
ATOM   498 N NH1 . ARG A 1 71 ? -3.164  -7.206  9.822   1.00 18.54  ? 1325 ARG A NH1 1 
ATOM   499 N NH2 . ARG A 1 71 ? -1.192  -6.177  9.169   1.00 18.29  ? 1325 ARG A NH2 1 
ATOM   500 N N   . MET A 1 72 ? -5.162  -1.736  3.971   1.00 14.95  ? 1326 MET A N   1 
ATOM   501 C CA  . MET A 1 72 ? -5.102  -0.287  4.110   1.00 15.29  ? 1326 MET A CA  1 
ATOM   502 C C   . MET A 1 72 ? -6.476  0.117   4.630   1.00 15.87  ? 1326 MET A C   1 
ATOM   503 O O   . MET A 1 72 ? -7.239  0.841   3.986   1.00 18.23  ? 1326 MET A O   1 
ATOM   504 C CB  . MET A 1 72 ? -4.742  0.427   2.789   1.00 17.28  ? 1326 MET A CB  1 
ATOM   505 C CG  . MET A 1 72 ? -3.270  0.182   2.463   1.00 14.95  ? 1326 MET A CG  1 
ATOM   506 S SD  . MET A 1 72 ? -2.144  0.953   3.617   1.00 16.65  ? 1326 MET A SD  1 
ATOM   507 C CE  . MET A 1 72 ? -2.105  2.623   2.996   1.00 20.43  ? 1326 MET A CE  1 
ATOM   508 N N   . GLY A 1 73 ? -6.763  -0.373  5.843   1.00 15.30  ? 1327 GLY A N   1 
ATOM   509 C CA  . GLY A 1 73 ? -8.071  -0.164  6.499   1.00 16.80  ? 1327 GLY A CA  1 
ATOM   510 C C   . GLY A 1 73 ? -8.569  -1.514  7.027   1.00 18.12  ? 1327 GLY A C   1 
ATOM   511 O O   . GLY A 1 73 ? -9.137  -1.584  8.118   1.00 18.53  ? 1327 GLY A O   1 
ATOM   512 N N   . ALA A 1 74 ? -8.357  -2.592  6.266   1.00 15.43  ? 1328 ALA A N   1 
ATOM   513 C CA  . ALA A 1 74 ? -8.783  -3.903  6.765   1.00 16.75  ? 1328 ALA A CA  1 
ATOM   514 C C   . ALA A 1 74 ? -8.131  -4.207  8.093   1.00 16.37  ? 1328 ALA A C   1 
ATOM   515 O O   . ALA A 1 74 ? -6.934  -3.909  8.275   1.00 17.69  ? 1328 ALA A O   1 
ATOM   516 C CB  . ALA A 1 74 ? -8.419  -5.003  5.750   1.00 17.87  ? 1328 ALA A CB  1 
ATOM   517 N N   . GLU A 1 75 ? -8.898  -4.829  8.998   1.00 17.22  ? 1329 GLU A N   1 
ATOM   518 C CA  . GLU A 1 75 ? -8.406  -5.136  10.345  1.00 16.00  ? 1329 GLU A CA  1 
ATOM   519 C C   . GLU A 1 75 ? -7.894  -3.950  11.125  1.00 16.73  ? 1329 GLU A C   1 
ATOM   520 O O   . GLU A 1 75 ? -7.276  -4.120  12.199  1.00 20.31  ? 1329 GLU A O   1 
ATOM   521 C CB  . GLU A 1 75 ? -7.347  -6.279  10.315  1.00 17.97  ? 1329 GLU A CB  1 
ATOM   522 C CG  . GLU A 1 75 ? -7.853  -7.458  9.462   1.00 18.12  ? 1329 GLU A CG  1 
ATOM   523 C CD  . GLU A 1 75 ? -6.815  -8.552  9.275   1.00 23.36  ? 1329 GLU A CD  1 
ATOM   524 O OE1 . GLU A 1 75 ? -5.735  -8.491  9.907   1.00 20.97  ? 1329 GLU A OE1 1 
ATOM   525 O OE2 . GLU A 1 75 ? -7.111  -9.506  8.499   1.00 24.89  ? 1329 GLU A OE2 1 
ATOM   526 N N   . GLY A 1 76 ? -8.186  -2.740  10.631  1.00 16.06  ? 1330 GLY A N   1 
ATOM   527 C CA  . GLY A 1 76 ? -7.680  -1.514  11.240  1.00 17.49  ? 1330 GLY A CA  1 
ATOM   528 C C   . GLY A 1 76 ? -6.193  -1.310  11.065  1.00 18.35  ? 1330 GLY A C   1 
ATOM   529 O O   . GLY A 1 76 ? -5.577  -0.560  11.848  1.00 19.08  ? 1330 GLY A O   1 
ATOM   530 N N   . LYS A 1 77 ? -5.642  -1.926  10.021  1.00 16.08  ? 1331 LYS A N   1 
ATOM   531 C CA  . LYS A 1 77 ? -4.201  -1.922  9.783   1.00 16.07  ? 1331 LYS A CA  1 
ATOM   532 C C   . LYS A 1 77 ? -3.831  -1.269  8.448   1.00 16.22  ? 1331 LYS A C   1 
ATOM   533 O O   . LYS A 1 77 ? -4.615  -1.313  7.481   1.00 15.88  ? 1331 LYS A O   1 
ATOM   534 C CB  . LYS A 1 77 ? -3.673  -3.351  9.832   1.00 16.13  ? 1331 LYS A CB  1 
ATOM   535 C CG  . LYS A 1 77 ? -3.903  -4.057  11.195  1.00 18.21  ? 1331 LYS A CG  1 
ATOM   536 C CD  . LYS A 1 77 ? -3.116  -3.422  12.316  1.00 18.13  ? 1331 LYS A CD  1 
ATOM   537 C CE  . LYS A 1 77 ? -3.561  -4.047  13.667  1.00 25.60  ? 1331 LYS A CE  1 
ATOM   538 N NZ  . LYS A 1 77 ? -2.688  -3.692  14.831  1.00 32.00  ? 1331 LYS A NZ  1 
ATOM   539 N N   . PHE A 1 78 ? -2.622  -0.679  8.401   1.00 16.72  ? 1332 PHE A N   1 
ATOM   540 C CA  . PHE A 1 78 ? -2.142  0.037   7.207   1.00 16.60  ? 1332 PHE A CA  1 
ATOM   541 C C   . PHE A 1 78 ? -0.735  -0.498  6.924   1.00 15.48  ? 1332 PHE A C   1 
ATOM   542 O O   . PHE A 1 78 ? 0.222   -0.146  7.625   1.00 16.89  ? 1332 PHE A O   1 
ATOM   543 C CB  . PHE A 1 78 ? -2.198  1.536   7.475   1.00 17.33  ? 1332 PHE A CB  1 
ATOM   544 C CG  . PHE A 1 78 ? -3.606  1.979   7.740   1.00 17.52  ? 1332 PHE A CG  1 
ATOM   545 C CD1 . PHE A 1 78 ? -4.102  1.938   9.029   1.00 18.94  ? 1332 PHE A CD1 1 
ATOM   546 C CD2 . PHE A 1 78 ? -4.455  2.310   6.679   1.00 16.82  ? 1332 PHE A CD2 1 
ATOM   547 C CE1 . PHE A 1 78 ? -5.436  2.305   9.302   1.00 18.53  ? 1332 PHE A CE1 1 
ATOM   548 C CE2 . PHE A 1 78 ? -5.800  2.675   6.940   1.00 18.76  ? 1332 PHE A CE2 1 
ATOM   549 C CZ  . PHE A 1 78 ? -6.273  2.632   8.249   1.00 19.02  ? 1332 PHE A CZ  1 
ATOM   550 N N   . ASP A 1 79 ? -0.667  -1.371  5.914   1.00 14.18  ? 1333 ASP A N   1 
ATOM   551 C CA  . ASP A 1 79 ? 0.540   -2.152  5.668   1.00 13.94  ? 1333 ASP A CA  1 
ATOM   552 C C   . ASP A 1 79 ? 1.502   -1.476  4.706   1.00 15.99  ? 1333 ASP A C   1 
ATOM   553 O O   . ASP A 1 79 ? 2.629   -1.975  4.528   1.00 15.92  ? 1333 ASP A O   1 
ATOM   554 C CB  . ASP A 1 79 ? 0.122   -3.495  5.053   1.00 16.60  ? 1333 ASP A CB  1 
ATOM   555 C CG  . ASP A 1 79 ? -0.536  -4.424  6.042   1.00 15.81  ? 1333 ASP A CG  1 
ATOM   556 O OD1 . ASP A 1 79 ? -0.330  -4.248  7.267   1.00 16.77  ? 1333 ASP A OD1 1 
ATOM   557 O OD2 . ASP A 1 79 ? -1.227  -5.359  5.556   1.00 16.37  ? 1333 ASP A OD2 1 
ATOM   558 N N   . LEU A 1 80 ? 1.043   -0.393  4.078   1.00 14.69  ? 1334 LEU A N   1 
ATOM   559 C CA  . LEU A 1 80 ? 1.816   0.294   3.003   1.00 15.03  ? 1334 LEU A CA  1 
ATOM   560 C C   . LEU A 1 80 ? 2.044   1.767   3.345   1.00 15.63  ? 1334 LEU A C   1 
ATOM   561 O O   . LEU A 1 80 ? 1.308   2.358   4.154   1.00 17.26  ? 1334 LEU A O   1 
ATOM   562 C CB  . LEU A 1 80 ? 1.094   0.197   1.654   1.00 16.63  ? 1334 LEU A CB  1 
ATOM   563 C CG  . LEU A 1 80 ? 0.681   -1.202  1.182   1.00 14.24  ? 1334 LEU A CG  1 
ATOM   564 C CD1 . LEU A 1 80 ? -0.256  -1.114  -0.066  1.00 16.36  ? 1334 LEU A CD1 1 
ATOM   565 C CD2 . LEU A 1 80 ? 1.929   -2.086  0.926   1.00 16.80  ? 1334 LEU A CD2 1 
ATOM   566 N N   . LYS A 1 81 ? 3.025   2.347   2.664   1.00 15.56  ? 1335 LYS A N   1 
ATOM   567 C CA  . LYS A 1 81 ? 3.305   3.796   2.668   1.00 18.16  ? 1335 LYS A CA  1 
ATOM   568 C C   . LYS A 1 81 ? 3.553   4.249   1.220   1.00 17.01  ? 1335 LYS A C   1 
ATOM   569 O O   . LYS A 1 81 ? 4.015   3.477   0.413   1.00 18.49  ? 1335 LYS A O   1 
ATOM   570 C CB  . LYS A 1 81 ? 4.541   4.110   3.535   1.00 20.08  ? 1335 LYS A CB  1 
ATOM   571 C CG  . LYS A 1 81 ? 4.935   5.594   3.765   1.00 24.98  ? 1335 LYS A CG  1 
ATOM   572 C CD  . LYS A 1 81 ? 6.200   5.657   4.633   1.00 29.30  ? 1335 LYS A CD  1 
ATOM   573 C CE  . LYS A 1 81 ? 6.621   7.100   4.964   1.00 33.62  ? 1335 LYS A CE  1 
ATOM   574 N NZ  . LYS A 1 81 ? 7.981   7.182   5.639   1.00 40.20  ? 1335 LYS A NZ  1 
ATOM   575 N N   . LEU A 1 82 ? 3.171   5.482   0.883   1.00 17.60  ? 1336 LEU A N   1 
ATOM   576 C CA  . LEU A 1 82 ? 3.514   5.975   -0.446  1.00 16.74  ? 1336 LEU A CA  1 
ATOM   577 C C   . LEU A 1 82 ? 5.023   6.005   -0.592  1.00 16.43  ? 1336 LEU A C   1 
ATOM   578 O O   . LEU A 1 82 ? 5.736   6.368   0.350   1.00 17.45  ? 1336 LEU A O   1 
ATOM   579 C CB  . LEU A 1 82 ? 2.980   7.396   -0.643  1.00 18.27  ? 1336 LEU A CB  1 
ATOM   580 C CG  . LEU A 1 82 ? 1.454   7.512   -0.655  1.00 22.45  ? 1336 LEU A CG  1 
ATOM   581 C CD1 . LEU A 1 82 ? 0.951   8.902   -0.956  1.00 27.01  ? 1336 LEU A CD1 1 
ATOM   582 C CD2 . LEU A 1 82 ? 0.912   6.485   -1.680  1.00 24.35  ? 1336 LEU A CD2 1 
ATOM   583 N N   . ALA A 1 83 ? 5.507   5.654   -1.772  1.00 16.13  ? 1337 ALA A N   1 
ATOM   584 C CA  . ALA A 1 83 ? 6.945   5.564   -2.023  1.00 15.60  ? 1337 ALA A CA  1 
ATOM   585 C C   . ALA A 1 83 ? 7.612   6.937   -2.065  1.00 18.60  ? 1337 ALA A C   1 
ATOM   586 O O   . ALA A 1 83 ? 6.950   7.954   -2.383  1.00 19.45  ? 1337 ALA A O   1 
ATOM   587 C CB  . ALA A 1 83 ? 7.196   4.849   -3.341  1.00 18.27  ? 1337 ALA A CB  1 
ATOM   588 N N   . PRO A 1 84 ? 8.921   6.986   -1.816  1.00 20.30  ? 1338 PRO A N   1 
ATOM   589 C CA  . PRO A 1 84 ? 9.614   8.282   -1.876  1.00 22.71  ? 1338 PRO A CA  1 
ATOM   590 C C   . PRO A 1 84 ? 9.551   8.794   -3.302  1.00 25.14  ? 1338 PRO A C   1 
ATOM   591 O O   . PRO A 1 84 ? 9.666   8.021   -4.247  1.00 26.61  ? 1338 PRO A O   1 
ATOM   592 C CB  . PRO A 1 84 ? 11.065  7.977   -1.474  1.00 26.91  ? 1338 PRO A CB  1 
ATOM   593 C CG  . PRO A 1 84 ? 11.147  6.478   -1.344  1.00 26.13  ? 1338 PRO A CG  1 
ATOM   594 C CD  . PRO A 1 84 ? 9.785   5.847   -1.430  1.00 18.80  ? 1338 PRO A CD  1 
ATOM   595 N N   . GLY A 1 85 ? 9.295   10.071  -3.476  1.00 29.99  ? 1339 GLY A N   1 
ATOM   596 C CA  . GLY A 1 85 ? 9.278   10.606  -4.841  1.00 29.40  ? 1339 GLY A CA  1 
ATOM   597 C C   . GLY A 1 85 ? 7.948   10.450  -5.562  1.00 28.18  ? 1339 GLY A C   1 
ATOM   598 O O   . GLY A 1 85 ? 7.776   10.957  -6.692  1.00 32.21  ? 1339 GLY A O   1 
ATOM   599 N N   . TYR A 1 86 ? 6.993   9.801   -4.900  1.00 25.16  ? 1340 TYR A N   1 
ATOM   600 C CA  . TYR A 1 86 ? 5.616   9.741   -5.405  1.00 24.92  ? 1340 TYR A CA  1 
ATOM   601 C C   . TYR A 1 86 ? 4.786   10.729  -4.585  1.00 30.13  ? 1340 TYR A C   1 
ATOM   602 O O   . TYR A 1 86 ? 4.582   10.526  -3.372  1.00 34.70  ? 1340 TYR A O   1 
ATOM   603 C CB  . TYR A 1 86 ? 5.062   8.311   -5.310  1.00 21.27  ? 1340 TYR A CB  1 
ATOM   604 C CG  . TYR A 1 86 ? 3.597   8.230   -5.743  1.00 19.29  ? 1340 TYR A CG  1 
ATOM   605 C CD1 . TYR A 1 86 ? 3.227   8.373   -7.083  1.00 22.19  ? 1340 TYR A CD1 1 
ATOM   606 C CD2 . TYR A 1 86 ? 2.583   8.033   -4.818  1.00 20.18  ? 1340 TYR A CD2 1 
ATOM   607 C CE1 . TYR A 1 86 ? 1.872   8.337   -7.485  1.00 21.32  ? 1340 TYR A CE1 1 
ATOM   608 C CE2 . TYR A 1 86 ? 1.244   7.971   -5.184  1.00 21.91  ? 1340 TYR A CE2 1 
ATOM   609 C CZ  . TYR A 1 86 ? 0.868   8.135   -6.534  1.00 20.83  ? 1340 TYR A CZ  1 
ATOM   610 O OH  . TYR A 1 86 ? -0.443  8.078   -6.923  1.00 23.78  ? 1340 TYR A OH  1 
ATOM   611 N N   . ASP A 1 87 ? 4.345   11.794  -5.240  1.00 34.90  ? 1341 ASP A N   1 
ATOM   612 C CA  . ASP A 1 87 ? 3.554   12.861  -4.618  1.00 42.12  ? 1341 ASP A CA  1 
ATOM   613 C C   . ASP A 1 87 ? 2.387   13.246  -5.514  1.00 46.30  ? 1341 ASP A C   1 
ATOM   614 O O   . ASP A 1 87 ? 2.525   14.117  -6.383  1.00 51.91  ? 1341 ASP A O   1 
ATOM   615 C CB  . ASP A 1 87 ? 4.425   14.096  -4.327  1.00 49.88  ? 1341 ASP A CB  1 
ATOM   616 N N   . PRO A 1 88 ? 1.215   12.624  -5.300  1.00 45.86  ? 1342 PRO A N   1 
ATOM   617 C CA  . PRO A 1 88 ? 0.081   12.945  -6.157  1.00 49.40  ? 1342 PRO A CA  1 
ATOM   618 C C   . PRO A 1 88 ? -0.668  14.195  -5.700  1.00 60.60  ? 1342 PRO A C   1 
ATOM   619 O O   . PRO A 1 88 ? -0.513  14.616  -4.554  1.00 65.56  ? 1342 PRO A O   1 
ATOM   620 C CB  . PRO A 1 88 ? -0.799  11.706  -6.038  1.00 46.58  ? 1342 PRO A CB  1 
ATOM   621 C CG  . PRO A 1 88 ? -0.513  11.173  -4.676  1.00 40.96  ? 1342 PRO A CG  1 
ATOM   622 C CD  . PRO A 1 88 ? 0.865   11.627  -4.271  1.00 42.52  ? 1342 PRO A CD  1 
HETATM 623 O O   . HOH B 2 .  ? -11.667 -9.842  2.028   1.00 40.18  ? 1401 HOH A O   1 
HETATM 624 O O   . HOH B 2 .  ? -11.405 -7.018  5.521   1.00 30.16  ? 1402 HOH A O   1 
HETATM 625 O O   . HOH B 2 .  ? 1.602   2.645   6.958   1.00 30.32  ? 1403 HOH A O   1 
HETATM 626 O O   . HOH B 2 .  ? 7.289   -9.193  8.603   1.00 27.96  ? 1404 HOH A O   1 
HETATM 627 O O   . HOH B 2 .  ? 3.810   -13.676 5.320   1.00 23.41  ? 1405 HOH A O   1 
HETATM 628 O O   . HOH B 2 .  ? -3.418  5.258   4.836   1.00 23.15  ? 1406 HOH A O   1 
HETATM 629 O O   A HOH B 2 .  ? -5.054  -11.111 7.520   0.50 30.36  ? 1407 HOH A O   1 
HETATM 630 O O   B HOH B 2 .  ? -4.108  -10.765 9.814   0.50 24.86  ? 1407 HOH A O   1 
HETATM 631 O O   . HOH B 2 .  ? 10.260  0.152   2.505   1.00 16.83  ? 1408 HOH A O   1 
HETATM 632 O O   . HOH B 2 .  ? 7.576   -1.373  7.681   1.00 17.84  ? 1409 HOH A O   1 
HETATM 633 O O   . HOH B 2 .  ? -4.424  9.763   -5.156  1.00 29.24  ? 1410 HOH A O   1 
HETATM 634 O O   . HOH B 2 .  ? 5.329   -2.263  -9.865  1.00 20.30  ? 1411 HOH A O   1 
HETATM 635 O O   . HOH B 2 .  ? -15.057 -3.045  -0.408  1.00 26.88  ? 1412 HOH A O   1 
HETATM 636 O O   . HOH B 2 .  ? 9.131   -1.835  0.879   1.00 16.57  ? 1413 HOH A O   1 
HETATM 637 O O   . HOH B 2 .  ? 12.079  -3.925  2.764   1.00 16.61  ? 1414 HOH A O   1 
HETATM 638 O O   . HOH B 2 .  ? 7.730   2.469   5.680   1.00 24.44  ? 1415 HOH A O   1 
HETATM 639 O O   . HOH B 2 .  ? -1.623  -6.668  -8.457  1.00 23.44  ? 1416 HOH A O   1 
HETATM 640 O O   . HOH B 2 .  ? -6.607  6.686   11.755  1.00 27.07  ? 1417 HOH A O   1 
HETATM 641 O O   . HOH B 2 .  ? -2.430  -8.332  -6.570  1.00 23.52  ? 1418 HOH A O   1 
HETATM 642 O O   . HOH B 2 .  ? 6.036   -3.241  9.848   1.00 18.61  ? 1419 HOH A O   1 
HETATM 643 O O   . HOH B 2 .  ? -1.776  -7.698  12.368  1.00 32.85  ? 1420 HOH A O   1 
HETATM 644 O O   . HOH B 2 .  ? -9.203  -9.159  6.790   1.00 26.86  ? 1421 HOH A O   1 
HETATM 645 O O   . HOH B 2 .  ? -9.444  2.564   -4.166  1.00 26.28  ? 1422 HOH A O   1 
HETATM 646 O O   . HOH B 2 .  ? -12.052 -2.863  5.757   1.00 25.40  ? 1423 HOH A O   1 
HETATM 647 O O   . HOH B 2 .  ? 12.246  -7.671  1.252   1.00 25.36  ? 1424 HOH A O   1 
HETATM 648 O O   . HOH B 2 .  ? 5.648   9.930   -0.969  1.00 34.06  ? 1425 HOH A O   1 
HETATM 649 O O   . HOH B 2 .  ? -7.051  -3.682  -5.383  1.00 21.08  ? 1426 HOH A O   1 
HETATM 650 O O   . HOH B 2 .  ? 11.773  -1.293  -6.139  1.00 25.74  ? 1427 HOH A O   1 
HETATM 651 O O   . HOH B 2 .  ? -17.209 -3.573  1.443   1.00 28.19  ? 1428 HOH A O   1 
HETATM 652 O O   . HOH B 2 .  ? -8.128  2.356   13.887  1.00 29.58  ? 1429 HOH A O   1 
HETATM 653 O O   . HOH B 2 .  ? 3.915   -3.171  13.021  1.00 29.07  ? 1430 HOH A O   1 
HETATM 654 O O   . HOH B 2 .  ? 9.722   -4.546  -5.255  1.00 18.32  ? 1431 HOH A O   1 
HETATM 655 O O   . HOH B 2 .  ? 12.294  -4.260  -5.998  1.00 25.91  ? 1432 HOH A O   1 
HETATM 656 O O   A HOH B 2 .  ? 1.272   -3.507  13.564  0.50 23.16  ? 1433 HOH A O   1 
HETATM 657 O O   B HOH B 2 .  ? -0.322  -4.746  14.449  0.50 30.06  ? 1433 HOH A O   1 
HETATM 658 O O   . HOH B 2 .  ? -13.319 0.801   -3.378  1.00 35.50  ? 1434 HOH A O   1 
HETATM 659 O O   . HOH B 2 .  ? -0.807  2.271   10.726  1.00 29.53  ? 1435 HOH A O   1 
HETATM 660 O O   . HOH B 2 .  ? -2.172  8.055   -4.857  1.00 22.20  ? 1436 HOH A O   1 
HETATM 661 O O   . HOH B 2 .  ? 13.533  -5.335  -8.112  1.00 34.92  ? 1437 HOH A O   1 
HETATM 662 O O   . HOH B 2 .  ? -9.964  -3.557  -8.164  1.00 33.85  ? 1438 HOH A O   1 
HETATM 663 O O   . HOH B 2 .  ? 12.374  -10.976 -8.293  1.00 42.99  ? 1439 HOH A O   1 
HETATM 664 O O   . HOH B 2 .  ? -6.325  -0.617  14.550  1.00 36.21  ? 1440 HOH A O   1 
HETATM 665 O O   . HOH B 2 .  ? 13.972  -9.263  -0.230  1.00 35.59  ? 1441 HOH A O   1 
HETATM 666 O O   . HOH B 2 .  ? 11.993  6.140   -5.684  1.00 45.41  ? 1442 HOH A O   1 
HETATM 667 O O   . HOH B 2 .  ? -4.310  -5.265  16.640  1.00 44.85  ? 1443 HOH A O   1 
HETATM 668 O O   . HOH B 2 .  ? 11.367  -15.678 0.228   1.00 55.70  ? 1444 HOH A O   1 
HETATM 669 O O   . HOH B 2 .  ? 6.122   -11.005 10.811  1.00 39.49  ? 1445 HOH A O   1 
HETATM 670 O O   . HOH B 2 .  ? 12.357  2.570   -7.604  1.00 51.09  ? 1446 HOH A O   1 
HETATM 671 O O   . HOH B 2 .  ? 14.198  -15.787 -1.118  1.00 52.01  ? 1447 HOH A O   1 
HETATM 672 O O   . HOH B 2 .  ? 9.258   7.617   -7.053  1.00 38.04  ? 1448 HOH A O   1 
HETATM 673 O O   . HOH B 2 .  ? -0.171  8.213   6.450   1.00 50.99  ? 1449 HOH A O   1 
HETATM 674 O O   . HOH B 2 .  ? -8.313  9.596   -5.095  1.00 38.39  ? 1450 HOH A O   1 
HETATM 675 O O   . HOH B 2 .  ? 4.641   12.073  -7.992  1.00 45.61  ? 1451 HOH A O   1 
HETATM 676 O O   . HOH B 2 .  ? -5.881  4.094   12.923  1.00 35.60  ? 1452 HOH A O   1 
HETATM 677 O O   . HOH B 2 .  ? -8.215  -4.977  -10.047 1.00 56.47  ? 1453 HOH A O   1 
HETATM 678 O O   . HOH B 2 .  ? -12.964 -9.078  4.901   1.00 38.65  ? 1454 HOH A O   1 
HETATM 679 O O   . HOH B 2 .  ? 13.013  -11.640 -1.504  1.00 46.42  ? 1455 HOH A O   1 
HETATM 680 O O   . HOH B 2 .  ? -10.415 1.171   -11.143 1.00 49.41  ? 1456 HOH A O   1 
HETATM 681 O O   . HOH B 2 .  ? -10.601 4.710   -2.884  1.00 32.00  ? 1457 HOH A O   1 
HETATM 682 O O   . HOH B 2 .  ? -5.225  -8.538  12.589  1.00 40.36  ? 1458 HOH A O   1 
HETATM 683 O O   . HOH B 2 .  ? -5.678  -5.713  -8.973  1.00 28.90  ? 1459 HOH A O   1 
HETATM 684 O O   . HOH B 2 .  ? -3.233  0.374   12.685  1.00 30.90  ? 1460 HOH A O   1 
HETATM 685 O O   . HOH B 2 .  ? -2.707  14.762  -2.858  1.00 49.27  ? 1461 HOH A O   1 
HETATM 686 O O   . HOH B 2 .  ? -0.253  0.463   14.298  1.00 36.84  ? 1462 HOH A O   1 
HETATM 687 O O   . HOH B 2 .  ? 0.011   4.005   8.656   1.00 32.30  ? 1463 HOH A O   1 
HETATM 688 O O   . HOH B 2 .  ? 8.395   -13.107 -0.501  1.00 38.45  ? 1464 HOH A O   1 
HETATM 689 O O   . HOH B 2 .  ? -11.255 1.833   -13.691 1.00 53.13  ? 1465 HOH A O   1 
HETATM 690 O O   . HOH B 2 .  ? 0.536   4.988   4.586   1.00 41.97  ? 1466 HOH A O   1 
HETATM 691 O O   . HOH B 2 .  ? -9.367  -11.571 5.394   1.00 31.47  ? 1467 HOH A O   1 
HETATM 692 O O   . HOH B 2 .  ? 6.079   3.618   7.613   1.00 28.15  ? 1468 HOH A O   1 
HETATM 693 O O   . HOH B 2 .  ? -3.566  3.030   13.456  1.00 41.90  ? 1469 HOH A O   1 
HETATM 694 O O   . HOH B 2 .  ? 13.358  -6.208  3.461   1.00 25.39  ? 1470 HOH A O   1 
HETATM 695 O O   . HOH B 2 .  ? -14.273 0.955   -5.992  1.00 49.37  ? 1471 HOH A O   1 
HETATM 696 O O   . HOH B 2 .  ? -11.411 -4.044  -5.906  1.00 44.09  ? 1472 HOH A O   1 
HETATM 697 O O   . HOH B 2 .  ? 11.822  -11.388 -5.837  1.00 50.61  ? 1473 HOH A O   1 
HETATM 698 O O   . HOH B 2 .  ? 5.481   -14.194 9.684   1.00 39.40  ? 1474 HOH A O   1 
HETATM 699 O O   . HOH B 2 .  ? 9.463   -11.478 -4.412  1.00 26.80  ? 1475 HOH A O   1 
HETATM 700 O O   . HOH B 2 .  ? 7.915   -9.213  -5.161  1.00 22.24  ? 1476 HOH A O   1 
HETATM 701 O O   . HOH B 2 .  ? 11.811  3.475   1.073   1.00 18.90  ? 1477 HOH A O   1 
HETATM 702 O O   . HOH B 2 .  ? 5.342   -10.636 -3.531  1.00 21.87  ? 1478 HOH A O   1 
HETATM 703 O O   . HOH B 2 .  ? 0.415   -5.951  11.759  1.00 24.46  ? 1479 HOH A O   1 
HETATM 704 O O   . HOH B 2 .  ? 12.245  2.667   -1.543  1.00 23.99  ? 1480 HOH A O   1 
HETATM 705 O O   . HOH B 2 .  ? -12.709 -1.267  1.023   1.00 28.34  ? 1481 HOH A O   1 
HETATM 706 O O   . HOH B 2 .  ? 3.492   -12.369 -2.557  1.00 20.20  ? 1482 HOH A O   1 
HETATM 707 O O   . HOH B 2 .  ? 4.198   1.652   -11.846 1.00 35.44  ? 1483 HOH A O   1 
HETATM 708 O O   . HOH B 2 .  ? -11.456 -5.824  8.134   1.00 22.57  ? 1484 HOH A O   1 
HETATM 709 O O   . HOH B 2 .  ? -5.668  6.307   -10.478 1.00 29.94  ? 1485 HOH A O   1 
HETATM 710 O O   . HOH B 2 .  ? -1.118  8.659   -9.402  1.00 27.26  ? 1486 HOH A O   1 
HETATM 711 O O   . HOH B 2 .  ? 3.576   -13.279 8.075   1.00 25.56  ? 1487 HOH A O   1 
HETATM 712 O O   . HOH B 2 .  ? 9.344   4.089   2.264   1.00 24.15  ? 1488 HOH A O   1 
HETATM 713 O O   . HOH B 2 .  ? -11.617 -8.745  -0.303  1.00 39.06  ? 1489 HOH A O   1 
HETATM 714 O O   . HOH B 2 .  ? 0.067   10.904  -10.278 1.00 36.08  ? 1490 HOH A O   1 
HETATM 715 O O   . HOH B 2 .  ? -12.888 1.355   0.908   1.00 35.27  ? 1491 HOH A O   1 
HETATM 716 O O   . HOH B 2 .  ? -9.500  5.540   -8.931  1.00 48.85  ? 1492 HOH A O   1 
HETATM 717 O O   . HOH B 2 .  ? 7.489   10.323  5.349   1.00 43.44  ? 1493 HOH A O   1 
HETATM 718 O O   . HOH B 2 .  ? 10.409  -12.054 -2.053  1.00 35.84  ? 1494 HOH A O   1 
HETATM 719 O O   . HOH B 2 .  ? -8.823  -7.994  -6.332  1.00 42.11  ? 1495 HOH A O   1 
HETATM 720 O O   A HOH B 2 .  ? 9.972   -7.883  -12.530 0.50 33.58  ? 1496 HOH A O   1 
HETATM 721 O O   B HOH B 2 .  ? 10.107  -8.198  -14.515 0.50 25.34  ? 1496 HOH A O   1 
HETATM 722 O O   . HOH B 2 .  ? -7.936  7.314   -9.281  1.00 36.95  ? 1497 HOH A O   1 
HETATM 723 O O   . HOH B 2 .  ? -3.896  8.803   -9.908  1.00 34.93  ? 1498 HOH A O   1 
HETATM 724 O O   . HOH B 2 .  ? -1.130  5.045   6.320   1.00 35.25  ? 1499 HOH A O   1 
HETATM 725 O O   . HOH B 2 .  ? -5.043  10.116  -7.752  1.00 36.30  ? 1500 HOH A O   1 
HETATM 726 O O   . HOH B 2 .  ? -9.311  2.848   4.255   1.00 32.49  ? 1501 HOH A O   1 
HETATM 727 O O   . HOH B 2 .  ? -10.771 0.996   2.976   1.00 41.48  ? 1502 HOH A O   1 
HETATM 728 O O   . HOH B 2 .  ? 1.189   6.127   10.080  1.00 38.90  ? 1503 HOH A O   1 
HETATM 729 O O   . HOH B 2 .  ? 1.641   7.064   2.933   1.00 30.41  ? 1504 HOH A O   1 
HETATM 730 O O   . HOH B 2 .  ? -4.431  12.591  -4.793  1.00 40.56  ? 1505 HOH A O   1 
HETATM 731 O O   . HOH B 2 .  ? 6.690   2.387   9.910   1.00 27.07  ? 1506 HOH A O   1 
HETATM 732 O O   . HOH B 2 .  ? 4.638   -6.241  12.082  1.00 36.24  ? 1507 HOH A O   1 
HETATM 733 O O   . HOH B 2 .  ? 6.789   -4.820  13.065  1.00 30.20  ? 1508 HOH A O   1 
HETATM 734 O O   . HOH B 2 .  ? 10.965  -7.740  7.526   1.00 33.26  ? 1509 HOH A O   1 
HETATM 735 O O   . HOH B 2 .  ? 11.864  -8.606  5.061   1.00 30.84  ? 1510 HOH A O   1 
HETATM 736 O O   . HOH B 2 .  ? 14.341  -9.505  4.912   1.00 43.15  ? 1511 HOH A O   1 
HETATM 737 O O   . HOH B 2 .  ? 16.948  -2.272  -2.661  1.00 35.28  ? 1512 HOH A O   1 
HETATM 738 O O   . HOH B 2 .  ? 14.761  3.538   -2.519  1.00 38.73  ? 1513 HOH A O   1 
HETATM 739 O O   . HOH B 2 .  ? -4.359  -5.777  -12.646 1.00 52.27  ? 1514 HOH A O   1 
HETATM 740 O O   . HOH B 2 .  ? -3.241  -8.317  -10.738 1.00 41.67  ? 1515 HOH A O   1 
HETATM 741 O O   . HOH B 2 .  ? -1.111  3.592   13.286  1.00 39.58  ? 1516 HOH A O   1 
HETATM 742 O O   . HOH B 2 .  ? -4.266  11.742  10.509  1.00 51.13  ? 1517 HOH A O   1 
# 
loop_
_atom_site_anisotrop.id 
_atom_site_anisotrop.type_symbol 
_atom_site_anisotrop.pdbx_label_atom_id 
_atom_site_anisotrop.pdbx_label_alt_id 
_atom_site_anisotrop.pdbx_label_comp_id 
_atom_site_anisotrop.pdbx_label_asym_id 
_atom_site_anisotrop.pdbx_label_seq_id 
_atom_site_anisotrop.pdbx_PDB_ins_code 
_atom_site_anisotrop.U[1][1] 
_atom_site_anisotrop.U[2][2] 
_atom_site_anisotrop.U[3][3] 
_atom_site_anisotrop.U[1][2] 
_atom_site_anisotrop.U[1][3] 
_atom_site_anisotrop.U[2][3] 
_atom_site_anisotrop.pdbx_auth_seq_id 
_atom_site_anisotrop.pdbx_auth_comp_id 
_atom_site_anisotrop.pdbx_auth_asym_id 
_atom_site_anisotrop.pdbx_auth_atom_id 
1   N N   . GLY A 10 ? 1.5582 0.7864 1.5761 -0.3104 0.0071  -0.3768 1264 GLY A N   
2   C CA  . GLY A 10 ? 1.4354 0.7129 1.5156 -0.1956 0.0087  -0.3682 1264 GLY A CA  
3   C C   . GLY A 10 ? 1.3270 0.6132 1.3971 -0.1705 -0.0272 -0.2473 1264 GLY A C   
4   O O   . GLY A 10 ? 1.4667 0.6212 1.5359 -0.1901 -0.0578 -0.1820 1264 GLY A O   
5   N N   . ARG A 11 ? 1.1559 0.5937 1.2108 -0.1390 -0.0244 -0.2166 1265 ARG A N   
6   C CA  . ARG A 11 ? 1.0434 0.4965 1.0876 -0.1204 -0.0490 -0.1232 1265 ARG A CA  
7   C C   . ARG A 11 ? 0.9305 0.4612 1.0060 -0.0467 -0.0478 -0.1138 1265 ARG A C   
8   O O   . ARG A 11 ? 0.8511 0.4606 0.9418 -0.0204 -0.0248 -0.1718 1265 ARG A O   
9   C CB  . ARG A 11 ? 0.9923 0.5488 0.9817 -0.1837 -0.0451 -0.0867 1265 ARG A CB  
10  C CG  . ARG A 11 ? 1.1002 0.5757 1.0540 -0.2702 -0.0529 -0.0667 1265 ARG A CG  
11  C CD  . ARG A 11 ? 1.0539 0.6685 0.9779 -0.3313 -0.0403 -0.0466 1265 ARG A CD  
12  N N   . GLU A 12 ? 0.8786 0.3925 0.9528 -0.0286 -0.0737 -0.0384 1266 GLU A N   
13  C CA  . GLU A 12 ? 0.7606 0.3598 0.8510 0.0221  -0.0747 -0.0199 1266 GLU A CA  
14  C C   . GLU A 12 ? 0.6138 0.3448 0.6693 0.0082  -0.0474 -0.0430 1266 GLU A C   
15  O O   . GLU A 12 ? 0.5944 0.3629 0.6187 -0.0384 -0.0390 -0.0443 1266 GLU A O   
16  C CB  . GLU A 12 ? 0.7963 0.3787 0.8586 0.0077  -0.1058 0.0663  1266 GLU A CB  
17  C CG  . GLU A 12 ? 1.0131 0.4770 1.0421 -0.0518 -0.1352 0.1214  1266 GLU A CG  
18  C CD  . GLU A 12 ? 1.2026 0.5145 1.2987 -0.0159 -0.1793 0.1469  1266 GLU A CD  
19  O OE1 . GLU A 12 ? 1.3597 0.5862 1.4288 -0.0521 -0.2279 0.2370  1266 GLU A OE1 
20  O OE2 . GLU A 12 ? 1.2844 0.5628 1.4650 0.0445  -0.1669 0.0769  1266 GLU A OE2 
21  N N   . ASN A 13 ? 0.5045 0.3099 0.5749 0.0465  -0.0379 -0.0572 1267 ASN A N   
22  C CA  . ASN A 13 ? 0.3589 0.2638 0.4023 0.0325  -0.0240 -0.0671 1267 ASN A CA  
23  C C   . ASN A 13 ? 0.2930 0.2309 0.3195 0.0193  -0.0266 -0.0207 1267 ASN A C   
24  O O   . ASN A 13 ? 0.3148 0.2124 0.3309 0.0085  -0.0343 0.0127  1267 ASN A O   
25  C CB  . ASN A 13 ? 0.3873 0.3494 0.4422 0.0614  -0.0134 -0.0926 1267 ASN A CB  
26  C CG  . ASN A 13 ? 0.3388 0.3052 0.4137 0.0938  -0.0214 -0.0604 1267 ASN A CG  
27  O OD1 . ASN A 13 ? 0.2949 0.2684 0.3478 0.0840  -0.0282 -0.0187 1267 ASN A OD1 
28  N ND2 . ASN A 13 ? 0.3934 0.3659 0.5190 0.1291  -0.0187 -0.0876 1267 ASN A ND2 
29  N N   . LEU A 14 ? 0.2581 0.2683 0.2860 0.0156  -0.0219 -0.0202 1268 LEU A N   
30  C CA  . LEU A 14 ? 0.2120 0.2569 0.2520 0.0073  -0.0144 -0.0013 1268 LEU A CA  
31  C C   . LEU A 14 ? 0.1975 0.2335 0.2262 0.0217  -0.0081 0.0148  1268 LEU A C   
32  O O   . LEU A 14 ? 0.2168 0.2646 0.2401 0.0014  0.0062  0.0190  1268 LEU A O   
33  C CB  . LEU A 14 ? 0.1939 0.3072 0.2697 0.0149  -0.0213 -0.0023 1268 LEU A CB  
34  C CG  . LEU A 14 ? 0.1976 0.3533 0.2871 -0.0115 -0.0341 -0.0136 1268 LEU A CG  
35  C CD1 . LEU A 14 ? 0.2225 0.4524 0.3634 0.0032  -0.0577 0.0067  1268 LEU A CD1 
36  C CD2 . LEU A 14 ? 0.2414 0.4005 0.3424 -0.0456 -0.0201 -0.0233 1268 LEU A CD2 
37  N N   . TYR A 15 ? 0.2082 0.2379 0.2300 0.0459  -0.0147 0.0158  1269 TYR A N   
38  C CA  . TYR A 15 ? 0.2063 0.2390 0.2148 0.0499  -0.0132 0.0314  1269 TYR A CA  
39  C C   . TYR A 15 ? 0.2405 0.2421 0.2311 0.0338  -0.0263 0.0571  1269 TYR A C   
40  O O   . TYR A 15 ? 0.2715 0.2898 0.2320 0.0048  -0.0221 0.0724  1269 TYR A O   
41  C CB  . TYR A 15 ? 0.1997 0.2564 0.2141 0.0712  -0.0172 0.0247  1269 TYR A CB  
42  C CG  . TYR A 15 ? 0.1894 0.2748 0.1988 0.0668  -0.0129 0.0187  1269 TYR A CG  
43  C CD1 . TYR A 15 ? 0.1984 0.2888 0.1991 0.0580  -0.0092 0.0317  1269 TYR A CD1 
44  C CD2 . TYR A 15 ? 0.1821 0.2849 0.1891 0.0613  -0.0177 0.0047  1269 TYR A CD2 
45  C CE1 . TYR A 15 ? 0.1868 0.2837 0.1827 0.0487  -0.0190 0.0466  1269 TYR A CE1 
46  C CE2 . TYR A 15 ? 0.2087 0.3435 0.1993 0.0442  -0.0286 0.0206  1269 TYR A CE2 
47  C CZ  . TYR A 15 ? 0.2045 0.3287 0.1918 0.0406  -0.0330 0.0489  1269 TYR A CZ  
48  O OH  . TYR A 15 ? 0.2254 0.3629 0.1961 0.0192  -0.0564 0.0823  1269 TYR A OH  
49  N N   . PHE A 16 ? 0.2496 0.2799 0.2423 0.0886  -0.0056 -0.0054 1270 PHE A N   
50  C CA  . PHE A 16 ? 0.2508 0.2570 0.2342 0.0930  -0.0056 -0.0038 1270 PHE A CA  
51  C C   . PHE A 16 ? 0.2735 0.2496 0.2622 0.0712  -0.0034 -0.0058 1270 PHE A C   
52  O O   . PHE A 16 ? 0.2855 0.2554 0.2693 0.0733  0.0007  0.0047  1270 PHE A O   
53  C CB  . PHE A 16 ? 0.2921 0.2574 0.2439 0.1160  -0.0014 -0.0112 1270 PHE A CB  
54  C CG  . PHE A 16 ? 0.3531 0.2633 0.2686 0.1361  0.0129  -0.0007 1270 PHE A CG  
55  C CD1 . PHE A 16 ? 0.3935 0.3389 0.2868 0.1808  0.0139  0.0155  1270 PHE A CD1 
56  C CD2 . PHE A 16 ? 0.4768 0.3080 0.3755 0.1140  0.0313  -0.0071 1270 PHE A CD2 
57  C CE1 . PHE A 16 ? 0.5051 0.3963 0.3431 0.2219  0.0324  0.0327  1270 PHE A CE1 
58  C CE2 . PHE A 16 ? 0.5164 0.2672 0.3592 0.1426  0.0596  0.0117  1270 PHE A CE2 
59  C CZ  . PHE A 16 ? 0.5511 0.3295 0.3574 0.2047  0.0589  0.0353  1270 PHE A CZ  
60  N N   A GLN A 17 ? 0.2537 0.2288 0.2522 0.0545  -0.0055 -0.0225 1271 GLN A N   
61  N N   B GLN A 17 ? 0.2672 0.2434 0.2661 0.0545  -0.0057 -0.0223 1271 GLN A N   
62  C CA  A GLN A 17 ? 0.2292 0.1977 0.2403 0.0307  -0.0002 -0.0271 1271 GLN A CA  
63  C CA  B GLN A 17 ? 0.2562 0.2265 0.2682 0.0301  -0.0005 -0.0282 1271 GLN A CA  
64  C C   A GLN A 17 ? 0.2059 0.1947 0.2244 0.0325  -0.0028 -0.0094 1271 GLN A C   
65  C C   B GLN A 17 ? 0.2341 0.2266 0.2548 0.0306  -0.0032 -0.0117 1271 GLN A C   
66  O O   A GLN A 17 ? 0.2030 0.1767 0.2195 0.0263  0.0036  -0.0007 1271 GLN A O   
67  O O   B GLN A 17 ? 0.2218 0.2052 0.2459 0.0194  0.0030  -0.0070 1271 GLN A O   
68  C CB  A GLN A 17 ? 0.2233 0.2323 0.2535 0.0131  -0.0046 -0.0586 1271 GLN A CB  
69  C CB  B GLN A 17 ? 0.2641 0.2741 0.2943 0.0127  -0.0048 -0.0612 1271 GLN A CB  
70  C CG  A GLN A 17 ? 0.2744 0.2550 0.2974 -0.0044 0.0042  -0.0916 1271 GLN A CG  
71  C CG  B GLN A 17 ? 0.3265 0.3141 0.3478 0.0013  0.0006  -0.0937 1271 GLN A CG  
72  C CD  A GLN A 17 ? 0.2847 0.3447 0.3350 -0.0255 -0.0043 -0.1398 1271 GLN A CD  
73  C CD  B GLN A 17 ? 0.4412 0.3455 0.4495 -0.0337 0.0319  -0.1062 1271 GLN A CD  
74  O OE1 A GLN A 17 ? 0.3325 0.4563 0.4118 -0.0428 -0.0056 -0.1533 1271 GLN A OE1 
75  O OE1 B GLN A 17 ? 0.4966 0.4040 0.5241 -0.0678 0.0473  -0.1146 1271 GLN A OE1 
76  N NE2 A GLN A 17 ? 0.3637 0.4396 0.4046 -0.0194 -0.0115 -0.1713 1271 GLN A NE2 
77  N NE2 B GLN A 17 ? 0.5806 0.4011 0.5469 -0.0220 0.0491  -0.1068 1271 GLN A NE2 
78  N N   . GLY A 18 ? 0.2083 0.2191 0.2255 0.0425  -0.0053 -0.0042 1272 GLY A N   
79  C CA  . GLY A 18 ? 0.2389 0.2454 0.2520 0.0381  0.0020  0.0056  1272 GLY A CA  
80  C C   . GLY A 18 ? 0.2228 0.2341 0.2406 0.0301  0.0012  0.0067  1272 GLY A C   
81  O O   . GLY A 18 ? 0.2238 0.2346 0.2401 0.0250  0.0020  0.0077  1272 GLY A O   
82  N N   . LEU A 19 ? 0.1994 0.2325 0.2185 0.0382  -0.0011 0.0047  1273 LEU A N   
83  C CA  . LEU A 19 ? 0.2159 0.2907 0.2349 0.0473  -0.0050 0.0009  1273 LEU A CA  
84  C C   . LEU A 19 ? 0.2202 0.2686 0.2167 0.0681  -0.0046 0.0136  1273 LEU A C   
85  O O   . LEU A 19 ? 0.2489 0.3307 0.2373 0.0802  -0.0073 0.0125  1273 LEU A O   
86  C CB  . LEU A 19 ? 0.2194 0.3391 0.2376 0.0689  -0.0075 -0.0020 1273 LEU A CB  
87  C CG  . LEU A 19 ? 0.2273 0.3860 0.2685 0.0454  0.0017  -0.0148 1273 LEU A CG  
88  C CD1 . LEU A 19 ? 0.2190 0.4234 0.2568 0.0754  -0.0009 -0.0139 1273 LEU A CD1 
89  C CD2 . LEU A 19 ? 0.2201 0.4394 0.2852 0.0116  0.0088  -0.0404 1273 LEU A CD2 
90  N N   . LYS A 20 ? 0.2583 0.2462 0.2397 0.0717  0.0042  0.0220  1274 LYS A N   
91  C CA  . LYS A 20 ? 0.3078 0.2414 0.2544 0.0887  0.0227  0.0374  1274 LYS A CA  
92  C C   . LYS A 20 ? 0.2918 0.2172 0.2492 0.0665  0.0290  0.0400  1274 LYS A C   
93  O O   . LYS A 20 ? 0.3377 0.2465 0.2652 0.0883  0.0427  0.0568  1274 LYS A O   
94  C CB  . LYS A 20 ? 0.3502 0.2053 0.2732 0.0854  0.0434  0.0353  1274 LYS A CB  
95  C CG  . LYS A 20 ? 0.4761 0.2372 0.3546 0.0883  0.0826  0.0497  1274 LYS A CG  
96  C CD  . LYS A 20 ? 0.5779 0.2405 0.4219 0.0790  0.1132  0.0380  1274 LYS A CD  
97  C CE  . LYS A 20 ? 0.7569 0.2912 0.5390 0.0794  0.1717  0.0552  1274 LYS A CE  
98  N NZ  . LYS A 20 ? 0.9105 0.3162 0.6316 0.0827  0.2136  0.0465  1274 LYS A NZ  
99  N N   . TYR A 21 ? 0.2664 0.2131 0.2578 0.0362  0.0205  0.0262  1275 TYR A N   
100 C CA  . TYR A 21 ? 0.2554 0.2057 0.2575 0.0197  0.0286  0.0267  1275 TYR A CA  
101 C C   . TYR A 21 ? 0.2319 0.2165 0.2384 0.0242  0.0174  0.0266  1275 TYR A C   
102 O O   . TYR A 21 ? 0.2359 0.2258 0.2413 0.0225  0.0252  0.0316  1275 TYR A O   
103 C CB  . TYR A 21 ? 0.2547 0.2205 0.2837 -0.0084 0.0327  0.0061  1275 TYR A CB  
104 C CG  . TYR A 21 ? 0.3292 0.2428 0.3504 -0.0296 0.0562  -0.0053 1275 TYR A CG  
105 C CD1 . TYR A 21 ? 0.4117 0.2523 0.4024 -0.0348 0.0927  0.0099  1275 TYR A CD1 
106 C CD2 . TYR A 21 ? 0.3848 0.3086 0.4178 -0.0422 0.0498  -0.0323 1275 TYR A CD2 
107 C CE1 . TYR A 21 ? 0.5379 0.2928 0.5040 -0.0578 0.1304  -0.0013 1275 TYR A CE1 
108 C CE2 . TYR A 21 ? 0.4545 0.3119 0.4720 -0.0681 0.0784  -0.0513 1275 TYR A CE2 
109 C CZ  . TYR A 21 ? 0.5165 0.2788 0.4985 -0.0790 0.1225  -0.0359 1275 TYR A CZ  
110 O OH  . TYR A 21 ? 0.6635 0.3242 0.6140 -0.1082 0.1662  -0.0555 1275 TYR A OH  
111 N N   . MET A 22 ? 0.2246 0.2235 0.2322 0.0261  0.0071  0.0189  1276 MET A N   
112 C CA  . MET A 22 ? 0.2288 0.2288 0.2275 0.0238  0.0092  0.0128  1276 MET A CA  
113 C C   . MET A 22 ? 0.2151 0.2379 0.2056 0.0255  0.0055  0.0036  1276 MET A C   
114 O O   . MET A 22 ? 0.2430 0.2924 0.2387 0.0135  0.0037  -0.0166 1276 MET A O   
115 C CB  . MET A 22 ? 0.2207 0.2012 0.2121 0.0190  0.0170  0.0070  1276 MET A CB  
116 C CG  . MET A 22 ? 0.2197 0.2015 0.2072 0.0367  0.0179  0.0145  1276 MET A CG  
117 S SD  . MET A 22 ? 0.2471 0.2476 0.2219 0.0592  0.0212  0.0191  1276 MET A SD  
118 C CE  . MET A 22 ? 0.2327 0.2942 0.2514 0.0416  0.0107  0.0087  1276 MET A CE  
119 N N   . VAL A 23 ? 0.2153 0.2717 0.2074 0.0626  -0.0013 0.0209  1277 VAL A N   
120 C CA  . VAL A 23 ? 0.2193 0.2953 0.2179 0.0595  -0.0032 0.0260  1277 VAL A CA  
121 C C   . VAL A 23 ? 0.2103 0.2672 0.2107 0.0427  -0.0067 0.0213  1277 VAL A C   
122 O O   . VAL A 23 ? 0.2163 0.2469 0.2122 0.0387  -0.0070 0.0160  1277 VAL A O   
123 C CB  . VAL A 23 ? 0.2416 0.3134 0.2273 0.0816  -0.0028 0.0288  1277 VAL A CB  
124 C CG1 . VAL A 23 ? 0.2850 0.3803 0.2633 0.1065  0.0018  0.0337  1277 VAL A CG1 
125 C CG2 . VAL A 23 ? 0.2922 0.3137 0.2603 0.0835  -0.0068 0.0225  1277 VAL A CG2 
126 N N   . PRO A 24 ? 0.2134 0.2881 0.2191 0.0335  -0.0100 0.0245  1278 PRO A N   
127 C CA  . PRO A 24 ? 0.1826 0.2397 0.1840 0.0232  -0.0129 0.0191  1278 PRO A CA  
128 C C   . PRO A 24 ? 0.2107 0.2474 0.2065 0.0294  -0.0114 0.0176  1278 PRO A C   
129 O O   . PRO A 24 ? 0.2400 0.2747 0.2322 0.0386  -0.0118 0.0219  1278 PRO A O   
130 C CB  . PRO A 24 ? 0.1932 0.2718 0.1957 0.0170  -0.0176 0.0234  1278 PRO A CB  
131 C CG  . PRO A 24 ? 0.2120 0.3217 0.2231 0.0124  -0.0194 0.0316  1278 PRO A CG  
132 C CD  . PRO A 24 ? 0.2356 0.3499 0.2490 0.0314  -0.0121 0.0339  1278 PRO A CD  
133 N N   . GLY A 25 ? 0.2094 0.2328 0.2023 0.0242  -0.0110 0.0137  1279 GLY A N   
134 C CA  . GLY A 25 ? 0.2017 0.2160 0.1915 0.0252  -0.0109 0.0170  1279 GLY A CA  
135 C C   . GLY A 25 ? 0.2223 0.2204 0.2101 0.0243  -0.0113 0.0178  1279 GLY A C   
136 O O   . GLY A 25 ? 0.2334 0.2274 0.2190 0.0194  -0.0134 0.0234  1279 GLY A O   
137 N N   . ALA A 26 ? 0.2062 0.1978 0.1933 0.0282  -0.0105 0.0145  1280 ALA A N   
138 C CA  . ALA A 26 ? 0.2187 0.1907 0.1988 0.0276  -0.0125 0.0143  1280 ALA A CA  
139 C C   . ALA A 26 ? 0.2164 0.1922 0.2016 0.0192  -0.0112 0.0144  1280 ALA A C   
140 O O   . ALA A 26 ? 0.2247 0.2110 0.2152 0.0190  -0.0075 0.0107  1280 ALA A O   
141 C CB  . ALA A 26 ? 0.2487 0.2183 0.2248 0.0372  -0.0106 0.0104  1280 ALA A CB  
142 N N   . ARG A 27 ? 0.2119 0.1781 0.1921 0.0121  -0.0161 0.0204  1281 ARG A N   
143 C CA  . ARG A 27 ? 0.2085 0.1877 0.1945 0.0060  -0.0147 0.0238  1281 ARG A CA  
144 C C   . ARG A 27 ? 0.2108 0.1777 0.1934 0.0051  -0.0156 0.0199  1281 ARG A C   
145 O O   . ARG A 27 ? 0.2452 0.1877 0.2147 0.0034  -0.0221 0.0194  1281 ARG A O   
146 C CB  . ARG A 27 ? 0.2121 0.1995 0.1969 -0.0060 -0.0212 0.0376  1281 ARG A CB  
147 C CG  . ARG A 27 ? 0.2334 0.2416 0.2225 -0.0043 -0.0192 0.0437  1281 ARG A CG  
148 C CD  . ARG A 27 ? 0.2235 0.2607 0.2188 0.0067  -0.0102 0.0411  1281 ARG A CD  
149 N NE  . ARG A 27 ? 0.2123 0.2756 0.2121 0.0044  -0.0091 0.0514  1281 ARG A NE  
150 C CZ  . ARG A 27 ? 0.2317 0.3163 0.2308 0.0190  -0.0017 0.0497  1281 ARG A CZ  
151 N NH1 . ARG A 27 ? 0.2190 0.2914 0.2083 0.0337  0.0027  0.0367  1281 ARG A NH1 
152 N NH2 . ARG A 27 ? 0.2097 0.3266 0.2134 0.0196  -0.0003 0.0620  1281 ARG A NH2 
153 N N   . VAL A 28 ? 0.1986 0.1782 0.1881 0.0077  -0.0101 0.0173  1282 VAL A N   
154 C CA  . VAL A 28 ? 0.1931 0.1643 0.1807 0.0079  -0.0098 0.0138  1282 VAL A CA  
155 C C   . VAL A 28 ? 0.2055 0.1918 0.1980 0.0063  -0.0079 0.0182  1282 VAL A C   
156 O O   . VAL A 28 ? 0.2168 0.2216 0.2128 0.0103  -0.0047 0.0223  1282 VAL A O   
157 C CB  . VAL A 28 ? 0.1996 0.1697 0.1894 0.0147  -0.0052 0.0064  1282 VAL A CB  
158 C CG1 . VAL A 28 ? 0.2152 0.1802 0.2006 0.0199  -0.0062 0.0043  1282 VAL A CG1 
159 C CG2 . VAL A 28 ? 0.2119 0.1890 0.2044 0.0166  -0.0020 0.0047  1282 VAL A CG2 
160 N N   . THR A 29 ? 0.1898 0.1691 0.1791 0.0029  -0.0102 0.0179  1283 THR A N   
161 C CA  . THR A 29 ? 0.2048 0.1983 0.1984 0.0044  -0.0074 0.0211  1283 THR A CA  
162 C C   . THR A 29 ? 0.2090 0.1905 0.2003 0.0088  -0.0048 0.0139  1283 THR A C   
163 O O   . THR A 29 ? 0.2136 0.1828 0.2011 0.0106  -0.0049 0.0084  1283 THR A O   
164 C CB  . THR A 29 ? 0.2307 0.2342 0.2231 -0.0079 -0.0147 0.0316  1283 THR A CB  
165 O OG1 . THR A 29 ? 0.2567 0.2322 0.2356 -0.0146 -0.0225 0.0270  1283 THR A OG1 
166 C CG2 . THR A 29 ? 0.2052 0.2280 0.2008 -0.0171 -0.0194 0.0441  1283 THR A CG2 
167 N N   . ARG A 30 ? 0.2108 0.2003 0.2041 0.0118  -0.0022 0.0162  1284 ARG A N   
168 C CA  . ARG A 30 ? 0.1953 0.1763 0.1861 0.0128  -0.0011 0.0125  1284 ARG A CA  
169 C C   . ARG A 30 ? 0.2278 0.1997 0.2106 0.0081  -0.0064 0.0108  1284 ARG A C   
170 O O   . ARG A 30 ? 0.2236 0.1913 0.2002 0.0000  -0.0136 0.0143  1284 ARG A O   
171 C CB  . ARG A 30 ? 0.1998 0.1881 0.1916 0.0172  0.0014  0.0163  1284 ARG A CB  
172 C CG  . ARG A 30 ? 0.1962 0.2013 0.1896 0.0130  -0.0016 0.0239  1284 ARG A CG  
173 C CD  . ARG A 30 ? 0.1806 0.1934 0.1739 0.0198  0.0014  0.0279  1284 ARG A CD  
174 N NE  . ARG A 30 ? 0.2061 0.2236 0.1964 0.0342  0.0059  0.0304  1284 ARG A NE  
175 C CZ  . ARG A 30 ? 0.2083 0.2269 0.1929 0.0458  0.0084  0.0341  1284 ARG A CZ  
176 N NH1 . ARG A 30 ? 0.2394 0.2520 0.2115 0.0645  0.0113  0.0346  1284 ARG A NH1 
177 N NH2 . ARG A 30 ? 0.2107 0.2324 0.1973 0.0409  0.0072  0.0368  1284 ARG A NH2 
178 N N   . GLY A 31 ? 0.2139 0.1817 0.1930 0.0130  -0.0041 0.0068  1285 GLY A N   
179 C CA  . GLY A 31 ? 0.2352 0.1900 0.1982 0.0158  -0.0085 0.0028  1285 GLY A CA  
180 C C   . GLY A 31 ? 0.2197 0.1820 0.1804 0.0197  -0.0059 0.0030  1285 GLY A C   
181 O O   . GLY A 31 ? 0.2362 0.2111 0.2078 0.0166  -0.0026 0.0079  1285 GLY A O   
182 N N   . LEU A 32 ? 0.2433 0.1960 0.1857 0.0291  -0.0077 -0.0020 1286 LEU A N   
183 C CA  . LEU A 32 ? 0.2558 0.2140 0.1900 0.0332  -0.0072 -0.0021 1286 LEU A CA  
184 C C   . LEU A 32 ? 0.2499 0.2362 0.2027 0.0328  0.0010  0.0053  1286 LEU A C   
185 O O   . LEU A 32 ? 0.2340 0.2266 0.1904 0.0280  0.0010  0.0095  1286 LEU A O   
186 C CB  . LEU A 32 ? 0.3252 0.2679 0.2301 0.0501  -0.0099 -0.0096 1286 LEU A CB  
187 C CG  . LEU A 32 ? 0.3178 0.2708 0.2117 0.0581  -0.0082 -0.0097 1286 LEU A CG  
188 C CD1 . LEU A 32 ? 0.3578 0.2967 0.2451 0.0438  -0.0170 -0.0094 1286 LEU A CD1 
189 C CD2 . LEU A 32 ? 0.3926 0.3282 0.2504 0.0820  -0.0104 -0.0186 1286 LEU A CD2 
190 N N   . ASP A 33 ? 0.2272 0.2299 0.1905 0.0354  0.0061  0.0090  1287 ASP A N   
191 C CA  . ASP A 33 ? 0.2143 0.2405 0.1899 0.0308  0.0102  0.0189  1287 ASP A CA  
192 C C   . ASP A 33 ? 0.2069 0.2248 0.1940 0.0178  0.0086  0.0239  1287 ASP A C   
193 O O   . ASP A 33 ? 0.2231 0.2494 0.2151 0.0100  0.0082  0.0335  1287 ASP A O   
194 C CB  . ASP A 33 ? 0.2002 0.2566 0.1784 0.0375  0.0143  0.0254  1287 ASP A CB  
195 C CG  . ASP A 33 ? 0.2517 0.3166 0.2108 0.0584  0.0168  0.0207  1287 ASP A CG  
196 O OD1 . ASP A 33 ? 0.2682 0.3282 0.2164 0.0620  0.0161  0.0186  1287 ASP A OD1 
197 O OD2 . ASP A 33 ? 0.2659 0.3408 0.2172 0.0735  0.0191  0.0191  1287 ASP A OD2 
198 N N   . TRP A 34 ? 0.2134 0.2131 0.2003 0.0164  0.0064  0.0186  1288 TRP A N   
199 C CA  . TRP A 34 ? 0.2089 0.1960 0.1980 0.0117  0.0049  0.0212  1288 TRP A CA  
200 C C   . TRP A 34 ? 0.2214 0.2053 0.2077 0.0103  0.0043  0.0277  1288 TRP A C   
201 O O   . TRP A 34 ? 0.2321 0.2223 0.2174 0.0140  0.0054  0.0287  1288 TRP A O   
202 C CB  . TRP A 34 ? 0.2122 0.1925 0.2002 0.0153  0.0042  0.0173  1288 TRP A CB  
203 C CG  . TRP A 34 ? 0.1995 0.1681 0.1835 0.0192  0.0039  0.0185  1288 TRP A CG  
204 C CD1 . TRP A 34 ? 0.2411 0.2062 0.2190 0.0266  0.0043  0.0225  1288 TRP A CD1 
205 C CD2 . TRP A 34 ? 0.2301 0.1876 0.2100 0.0207  0.0027  0.0152  1288 TRP A CD2 
206 N NE1 . TRP A 34 ? 0.2468 0.1966 0.2136 0.0361  0.0038  0.0210  1288 TRP A NE1 
207 C CE2 . TRP A 34 ? 0.2374 0.1822 0.2051 0.0316  0.0025  0.0160  1288 TRP A CE2 
208 C CE3 . TRP A 34 ? 0.2356 0.1936 0.2185 0.0164  0.0018  0.0117  1288 TRP A CE3 
209 C CZ2 . TRP A 34 ? 0.2601 0.1888 0.2152 0.0385  0.0009  0.0121  1288 TRP A CZ2 
210 C CZ3 . TRP A 34 ? 0.2291 0.1743 0.2039 0.0197  0.0000  0.0088  1288 TRP A CZ3 
211 C CH2 . TRP A 34 ? 0.2468 0.1763 0.2064 0.0309  -0.0006 0.0083  1288 TRP A CH2 
212 N N   . LYS A 35 ? 0.2344 0.2043 0.2158 0.0037  0.0006  0.0332  1289 LYS A N   
213 C CA  . LYS A 35 ? 0.2174 0.1725 0.1897 0.0031  -0.0023 0.0401  1289 LYS A CA  
214 C C   . LYS A 35 ? 0.2666 0.1837 0.2207 0.0041  -0.0089 0.0392  1289 LYS A C   
215 O O   . LYS A 35 ? 0.3046 0.1962 0.2432 -0.0009 -0.0157 0.0463  1289 LYS A O   
216 C CB  . LYS A 35 ? 0.2554 0.2252 0.2309 -0.0087 -0.0043 0.0516  1289 LYS A CB  
217 C CG  . LYS A 35 ? 0.2716 0.2464 0.2489 -0.0239 -0.0096 0.0585  1289 LYS A CG  
218 C CD  . LYS A 35 ? 0.2940 0.2890 0.2738 -0.0385 -0.0133 0.0762  1289 LYS A CD  
219 C CE  . LYS A 35 ? 0.3196 0.3275 0.3022 -0.0589 -0.0211 0.0887  1289 LYS A CE  
220 N NZ  . LYS A 35 ? 0.3403 0.3815 0.3285 -0.0745 -0.0243 0.1103  1289 LYS A NZ  
221 N N   . TRP A 36 ? 0.1972 0.2042 0.2099 0.0263  -0.0177 0.0358  1290 TRP A N   
222 C CA  . TRP A 36 ? 0.1967 0.1848 0.2213 0.0262  -0.0094 0.0303  1290 TRP A CA  
223 C C   . TRP A 36 ? 0.2253 0.2075 0.2668 0.0321  -0.0068 0.0324  1290 TRP A C   
224 O O   . TRP A 36 ? 0.2394 0.2119 0.2885 0.0308  0.0000  0.0204  1290 TRP A O   
225 C CB  . TRP A 36 ? 0.2063 0.1919 0.2205 0.0215  -0.0081 0.0138  1290 TRP A CB  
226 C CG  . TRP A 36 ? 0.1952 0.1887 0.1979 0.0170  -0.0110 0.0106  1290 TRP A CG  
227 C CD1 . TRP A 36 ? 0.2218 0.2258 0.2150 0.0167  -0.0174 0.0043  1290 TRP A CD1 
228 C CD2 . TRP A 36 ? 0.2209 0.2135 0.2245 0.0121  -0.0070 0.0131  1290 TRP A CD2 
229 N NE1 . TRP A 36 ? 0.2287 0.2400 0.2180 0.0125  -0.0176 0.0005  1290 TRP A NE1 
230 C CE2 . TRP A 36 ? 0.2110 0.2164 0.2043 0.0088  -0.0112 0.0058  1290 TRP A CE2 
231 C CE3 . TRP A 36 ? 0.2267 0.2081 0.2419 0.0096  0.0007  0.0202  1290 TRP A CE3 
232 C CZ2 . TRP A 36 ? 0.2219 0.2321 0.2135 0.0025  -0.0079 0.0045  1290 TRP A CZ2 
233 C CZ3 . TRP A 36 ? 0.2260 0.2099 0.2386 0.0029  0.0038  0.0215  1290 TRP A CZ3 
234 C CH2 . TRP A 36 ? 0.2242 0.2237 0.2234 -0.0012 -0.0004 0.0126  1290 TRP A CH2 
235 N N   . ARG A 37 ? 0.2302 0.2222 0.2795 0.0376  -0.0118 0.0471  1291 ARG A N   
236 C CA  . ARG A 37 ? 0.2421 0.2309 0.3141 0.0447  -0.0095 0.0512  1291 ARG A CA  
237 C C   . ARG A 37 ? 0.2308 0.2190 0.2993 0.0435  -0.0071 0.0336  1291 ARG A C   
238 O O   . ARG A 37 ? 0.2457 0.2433 0.2953 0.0406  -0.0125 0.0275  1291 ARG A O   
239 C CB  . ARG A 37 ? 0.2394 0.2100 0.3380 0.0468  -0.0006 0.0569  1291 ARG A CB  
240 C CG  . ARG A 37 ? 0.2717 0.2438 0.3736 0.0468  -0.0037 0.0793  1291 ARG A CG  
241 C CD  . ARG A 37 ? 0.2885 0.2397 0.4240 0.0496  0.0057  0.0875  1291 ARG A CD  
242 N NE  . ARG A 37 ? 0.3091 0.2419 0.4461 0.0418  0.0177  0.0681  1291 ARG A NE  
243 C CZ  . ARG A 37 ? 0.3495 0.2612 0.5198 0.0420  0.0298  0.0663  1291 ARG A CZ  
244 N NH1 . ARG A 37 ? 0.3924 0.2958 0.5991 0.0513  0.0309  0.0849  1291 ARG A NH1 
245 N NH2 . ARG A 37 ? 0.3587 0.2589 0.5295 0.0328  0.0410  0.0456  1291 ARG A NH2 
246 N N   . ASP A 38 ? 0.2148 0.1930 0.3038 0.0449  0.0018  0.0253  1292 ASP A N   
247 C CA  . ASP A 38 ? 0.2158 0.1978 0.3023 0.0421  0.0049  0.0103  1292 ASP A CA  
248 C C   . ASP A 38 ? 0.2269 0.2041 0.3006 0.0324  0.0114  -0.0069 1292 ASP A C   
249 O O   . ASP A 38 ? 0.2192 0.1991 0.2970 0.0277  0.0181  -0.0204 1292 ASP A O   
250 C CB  . ASP A 38 ? 0.2321 0.2145 0.3501 0.0484  0.0107  0.0089  1292 ASP A CB  
251 C CG  . ASP A 38 ? 0.2826 0.2498 0.4311 0.0498  0.0222  0.0045  1292 ASP A CG  
252 O OD1 . ASP A 38 ? 0.3269 0.2829 0.4719 0.0459  0.0255  0.0050  1292 ASP A OD1 
253 O OD2 . ASP A 38 ? 0.3418 0.3083 0.5223 0.0546  0.0295  -0.0015 1292 ASP A OD2 
254 N N   . GLN A 39 ? 0.2194 0.1942 0.2764 0.0279  0.0088  -0.0064 1293 GLN A N   
255 C CA  . GLN A 39 ? 0.2032 0.1783 0.2498 0.0182  0.0141  -0.0213 1293 GLN A CA  
256 C C   . GLN A 39 ? 0.2201 0.2060 0.2483 0.0130  0.0098  -0.0263 1293 GLN A C   
257 O O   . GLN A 39 ? 0.2460 0.2379 0.2665 0.0035  0.0143  -0.0376 1293 GLN A O   
258 C CB  . GLN A 39 ? 0.2278 0.2013 0.2629 0.0149  0.0114  -0.0197 1293 GLN A CB  
259 C CG  . GLN A 39 ? 0.2070 0.1688 0.2599 0.0149  0.0192  -0.0185 1293 GLN A CG  
260 C CD  . GLN A 39 ? 0.2153 0.1784 0.2553 0.0102  0.0168  -0.0182 1293 GLN A CD  
261 O OE1 . GLN A 39 ? 0.2166 0.1900 0.2376 0.0071  0.0100  -0.0215 1293 GLN A OE1 
262 N NE2 . GLN A 39 ? 0.2486 0.2015 0.3025 0.0095  0.0228  -0.0136 1293 GLN A NE2 
263 N N   . ASP A 40 ? 0.2156 0.2056 0.2375 0.0176  0.0017  -0.0175 1294 ASP A N   
264 C CA  . ASP A 40 ? 0.2060 0.2033 0.2138 0.0124  -0.0019 -0.0192 1294 ASP A CA  
265 C C   . ASP A 40 ? 0.2287 0.2316 0.2435 0.0074  0.0063  -0.0286 1294 ASP A C   
266 O O   . ASP A 40 ? 0.2358 0.2464 0.2388 0.0002  0.0054  -0.0300 1294 ASP A O   
267 C CB  . ASP A 40 ? 0.2037 0.2031 0.2060 0.0170  -0.0113 -0.0102 1294 ASP A CB  
268 C CG  . ASP A 40 ? 0.2104 0.2126 0.2248 0.0244  -0.0126 -0.0051 1294 ASP A CG  
269 O OD1 . ASP A 40 ? 0.2339 0.2343 0.2636 0.0287  -0.0082 -0.0035 1294 ASP A OD1 
270 O OD2 . ASP A 40 ? 0.2129 0.2211 0.2243 0.0255  -0.0185 -0.0021 1294 ASP A OD2 
271 N N   . GLY A 41 ? 0.2170 0.2168 0.2539 0.0111  0.0145  -0.0342 1295 GLY A N   
272 C CA  . GLY A 41 ? 0.2478 0.2539 0.2972 0.0047  0.0262  -0.0496 1295 GLY A CA  
273 C C   . GLY A 41 ? 0.2395 0.2536 0.2992 0.0064  0.0280  -0.0516 1295 GLY A C   
274 O O   . GLY A 41 ? 0.2832 0.3023 0.3637 0.0040  0.0393  -0.0658 1295 GLY A O   
275 N N   . SER A 42 ? 0.2334 0.2498 0.2808 0.0092  0.0184  -0.0404 1296 SER A N   
276 C CA  . SER A 42 ? 0.2275 0.2528 0.2854 0.0114  0.0187  -0.0410 1296 SER A CA  
277 C C   . SER A 42 ? 0.1886 0.2134 0.2386 0.0178  0.0070  -0.0272 1296 SER A C   
278 O O   . SER A 42 ? 0.1980 0.2167 0.2320 0.0174  0.0004  -0.0205 1296 SER A O   
279 C CB  . SER A 42 ? 0.2887 0.3248 0.3340 -0.0018 0.0239  -0.0498 1296 SER A CB  
280 O OG  . SER A 42 ? 0.3253 0.3596 0.3460 -0.0071 0.0156  -0.0397 1296 SER A OG  
281 N N   . PRO A 43 ? 0.2009 0.2353 0.2644 0.0232  0.0048  -0.0249 1297 PRO A N   
282 C CA  . PRO A 43 ? 0.1691 0.2082 0.2256 0.0266  -0.0050 -0.0158 1297 PRO A CA  
283 C C   . PRO A 43 ? 0.1901 0.2254 0.2270 0.0179  -0.0075 -0.0167 1297 PRO A C   
284 O O   . PRO A 43 ? 0.2024 0.2396 0.2353 0.0096  -0.0028 -0.0219 1297 PRO A O   
285 C CB  . PRO A 43 ? 0.1792 0.2347 0.2545 0.0308  -0.0055 -0.0166 1297 PRO A CB  
286 C CG  . PRO A 43 ? 0.2161 0.2722 0.3152 0.0352  0.0024  -0.0217 1297 PRO A CG  
287 C CD  . PRO A 43 ? 0.2065 0.2508 0.2954 0.0265  0.0112  -0.0318 1297 PRO A CD  
288 N N   . GLN A 44 ? 0.1731 0.2043 0.2007 0.0195  -0.0144 -0.0112 1298 GLN A N   
289 C CA  . GLN A 44 ? 0.1987 0.2234 0.2151 0.0133  -0.0173 -0.0103 1298 GLN A CA  
290 C C   . GLN A 44 ? 0.2034 0.2197 0.2079 0.0066  -0.0148 -0.0091 1298 GLN A C   
291 O O   . GLN A 44 ? 0.2232 0.2359 0.2211 0.0001  -0.0162 -0.0054 1298 GLN A O   
292 C CB  . GLN A 44 ? 0.1895 0.2210 0.2115 0.0087  -0.0166 -0.0137 1298 GLN A CB  
293 C CG  . GLN A 44 ? 0.2009 0.2473 0.2332 0.0129  -0.0201 -0.0164 1298 GLN A CG  
294 C CD  . GLN A 44 ? 0.1658 0.2123 0.1962 0.0138  -0.0251 -0.0170 1298 GLN A CD  
295 O OE1 . GLN A 44 ? 0.1901 0.2228 0.2161 0.0116  -0.0260 -0.0160 1298 GLN A OE1 
296 N NE2 . GLN A 44 ? 0.1701 0.2361 0.2062 0.0163  -0.0284 -0.0192 1298 GLN A NE2 
297 N N   . GLY A 45 ? 0.1996 0.2151 0.2032 0.0073  -0.0109 -0.0118 1299 GLY A N   
298 C CA  . GLY A 45 ? 0.2291 0.2444 0.2206 -0.0014 -0.0081 -0.0131 1299 GLY A CA  
299 C C   . GLY A 45 ? 0.2278 0.2380 0.2080 -0.0029 -0.0156 -0.0047 1299 GLY A C   
300 O O   . GLY A 45 ? 0.2094 0.2143 0.1928 0.0038  -0.0213 -0.0015 1299 GLY A O   
301 N N   . GLU A 46 ? 0.2150 0.2306 0.1833 -0.0127 -0.0157 -0.0010 1300 GLU A N   
302 C CA  . GLU A 46 ? 0.2185 0.2322 0.1798 -0.0141 -0.0242 0.0101  1300 GLU A CA  
303 C C   . GLU A 46 ? 0.2328 0.2570 0.1832 -0.0201 -0.0234 0.0077  1300 GLU A C   
304 O O   . GLU A 46 ? 0.2295 0.2636 0.1761 -0.0270 -0.0148 -0.0037 1300 GLU A O   
305 C CB  . GLU A 46 ? 0.2342 0.2482 0.1918 -0.0215 -0.0274 0.0225  1300 GLU A CB  
306 C CG  . GLU A 46 ? 0.2382 0.2422 0.2095 -0.0168 -0.0269 0.0218  1300 GLU A CG  
307 C CD  . GLU A 46 ? 0.2997 0.3005 0.2719 -0.0247 -0.0281 0.0334  1300 GLU A CD  
308 O OE1 . GLU A 46 ? 0.3113 0.3193 0.2714 -0.0345 -0.0301 0.0457  1300 GLU A OE1 
309 O OE2 . GLU A 46 ? 0.2887 0.2823 0.2746 -0.0224 -0.0266 0.0304  1300 GLU A OE2 
310 N N   . GLY A 47 ? 0.2134 0.2379 0.1616 -0.0182 -0.0322 0.0168  1301 GLY A N   
311 C CA  . GLY A 47 ? 0.2036 0.2423 0.1423 -0.0242 -0.0330 0.0141  1301 GLY A CA  
312 C C   . GLY A 47 ? 0.2436 0.2891 0.1795 -0.0251 -0.0448 0.0303  1301 GLY A C   
313 O O   . GLY A 47 ? 0.2473 0.2825 0.1925 -0.0199 -0.0514 0.0432  1301 GLY A O   
314 N N   . THR A 48 ? 0.1789 0.2097 0.1715 -0.0122 -0.0096 0.0177  1302 THR A N   
315 C CA  . THR A 48 ? 0.2133 0.1886 0.2053 -0.0182 -0.0104 0.0075  1302 THR A CA  
316 C C   . THR A 48 ? 0.2289 0.1869 0.2298 -0.0061 -0.0127 0.0078  1302 THR A C   
317 O O   . THR A 48 ? 0.2269 0.1843 0.2319 0.0038  -0.0100 0.0112  1302 THR A O   
318 C CB  . THR A 48 ? 0.2189 0.1807 0.2076 -0.0119 -0.0138 0.0148  1302 THR A CB  
319 O OG1 . THR A 48 ? 0.2542 0.2361 0.2349 -0.0230 -0.0117 0.0158  1302 THR A OG1 
320 C CG2 . THR A 48 ? 0.2469 0.1822 0.2369 -0.0068 -0.0071 0.0231  1302 THR A CG2 
321 N N   . VAL A 49 ? 0.2204 0.1580 0.2237 -0.0089 -0.0084 0.0024  1303 VAL A N   
322 C CA  . VAL A 49 ? 0.2104 0.1455 0.2218 0.0015  -0.0120 0.0034  1303 VAL A CA  
323 C C   . VAL A 49 ? 0.2213 0.1720 0.2334 0.0089  -0.0169 0.0100  1303 VAL A C   
324 O O   . VAL A 49 ? 0.2289 0.1842 0.2388 0.0171  -0.0140 0.0243  1303 VAL A O   
325 C CB  . VAL A 49 ? 0.2235 0.1370 0.2378 0.0023  0.0004  0.0003  1303 VAL A CB  
326 C CG1 . VAL A 49 ? 0.2405 0.1659 0.2638 0.0182  -0.0033 0.0076  1303 VAL A CG1 
327 C CG2 . VAL A 49 ? 0.2315 0.1602 0.2434 -0.0181 0.0059  -0.0183 1303 VAL A CG2 
328 N N   . THR A 50 ? 0.2076 0.1781 0.2227 0.0024  -0.0179 -0.0007 1304 THR A N   
329 C CA  . THR A 50 ? 0.1979 0.2179 0.2102 -0.0089 -0.0185 -0.0096 1304 THR A CA  
330 C C   . THR A 50 ? 0.2071 0.2923 0.2246 -0.0132 -0.0212 -0.0128 1304 THR A C   
331 O O   . THR A 50 ? 0.2170 0.3844 0.2311 -0.0321 -0.0210 -0.0256 1304 THR A O   
332 C CB  . THR A 50 ? 0.2309 0.2306 0.2379 -0.0313 -0.0004 -0.0355 1304 THR A CB  
333 O OG1 . THR A 50 ? 0.2458 0.2108 0.2573 -0.0400 0.0195  -0.0482 1304 THR A OG1 
334 C CG2 . THR A 50 ? 0.2427 0.2050 0.2465 -0.0182 0.0028  -0.0226 1304 THR A CG2 
335 N N   . GLY A 51 ? 0.2234 0.2926 0.2480 0.0008  -0.0224 -0.0033 1305 GLY A N   
336 C CA  . GLY A 51 ? 0.2195 0.3597 0.2497 -0.0018 -0.0242 -0.0044 1305 GLY A CA  
337 C C   . GLY A 51 ? 0.2167 0.3327 0.2558 0.0292  -0.0223 0.0192  1305 GLY A C   
338 O O   . GLY A 51 ? 0.2339 0.2842 0.2732 0.0470  -0.0139 0.0326  1305 GLY A O   
339 N N   . GLU A 52 ? 0.1845 0.3580 0.2299 0.0289  -0.0236 0.0180  1306 GLU A N   
340 C CA  . GLU A 52 ? 0.2061 0.3557 0.2603 0.0562  -0.0163 0.0351  1306 GLU A CA  
341 C C   . GLU A 52 ? 0.2204 0.3260 0.2746 0.0325  -0.0188 0.0073  1306 GLU A C   
342 O O   . GLU A 52 ? 0.2194 0.3203 0.2691 0.0006  -0.0190 -0.0174 1306 GLU A O   
343 C CB  . GLU A 52 ? 0.2225 0.4836 0.2864 0.0836  -0.0135 0.0649  1306 GLU A CB  
344 C CG  . GLU A 52 ? 0.3062 0.6557 0.3729 0.1149  -0.0081 0.1072  1306 GLU A CG  
345 C CD  . GLU A 52 ? 0.4637 0.7364 0.5375 0.1711  0.0248  0.1568  1306 GLU A CD  
346 O OE1 . GLU A 52 ? 0.4422 0.5984 0.5172 0.1784  0.0468  0.1492  1306 GLU A OE1 
347 O OE2 . GLU A 52 ? 0.4334 0.7666 0.5113 0.2052  0.0370  0.2025  1306 GLU A OE2 
348 N N   . LEU A 53 ? 0.2197 0.2903 0.2791 0.0491  -0.0110 0.0130  1307 LEU A N   
349 C CA  . LEU A 53 ? 0.1870 0.2402 0.2482 0.0326  -0.0130 -0.0049 1307 LEU A CA  
350 C C   . LEU A 53 ? 0.1815 0.2945 0.2460 0.0152  -0.0175 -0.0145 1307 LEU A C   
351 O O   . LEU A 53 ? 0.1997 0.3906 0.2680 0.0237  -0.0199 -0.0049 1307 LEU A O   
352 C CB  . LEU A 53 ? 0.1979 0.2264 0.2637 0.0493  0.0004  -0.0026 1307 LEU A CB  
353 C CG  . LEU A 53 ? 0.2391 0.2102 0.2982 0.0420  0.0160  -0.0142 1307 LEU A CG  
354 C CD1 . LEU A 53 ? 0.2946 0.2312 0.3563 0.0525  0.0483  -0.0201 1307 LEU A CD1 
355 C CD2 . LEU A 53 ? 0.2289 0.2120 0.2839 0.0163  0.0053  -0.0299 1307 LEU A CD2 
356 N N   . HIS A 54 ? 0.2130 0.2996 0.2763 -0.0088 -0.0115 -0.0302 1308 HIS A N   
357 C CA  . HIS A 54 ? 0.2004 0.3237 0.2649 -0.0377 -0.0023 -0.0481 1308 HIS A CA  
358 C C   . HIS A 54 ? 0.2074 0.2920 0.2774 -0.0368 0.0079  -0.0438 1308 HIS A C   
359 O O   . HIS A 54 ? 0.2267 0.2605 0.2964 -0.0336 0.0229  -0.0344 1308 HIS A O   
360 C CB  . HIS A 54 ? 0.2562 0.3788 0.3122 -0.0784 0.0180  -0.0754 1308 HIS A CB  
361 C CG  . HIS A 54 ? 0.2974 0.3344 0.3498 -0.0756 0.0366  -0.0716 1308 HIS A CG  
362 N ND1 . HIS A 54 ? 0.3613 0.3305 0.4149 -0.0881 0.0771  -0.0744 1308 HIS A ND1 
363 C CD2 . HIS A 54 ? 0.3046 0.3182 0.3532 -0.0577 0.0276  -0.0595 1308 HIS A CD2 
364 C CE1 . HIS A 54 ? 0.3714 0.2869 0.4231 -0.0716 0.0921  -0.0598 1308 HIS A CE1 
365 N NE2 . HIS A 54 ? 0.3192 0.2653 0.3670 -0.0571 0.0579  -0.0544 1308 HIS A NE2 
366 N N   . ASN A 55 ? 0.1957 0.3202 0.2720 -0.0335 0.0022  -0.0434 1309 ASN A N   
367 C CA  . ASN A 55 ? 0.2020 0.3085 0.2842 -0.0296 0.0101  -0.0349 1309 ASN A CA  
368 C C   . ASN A 55 ? 0.1968 0.2813 0.2793 -0.0080 0.0058  -0.0189 1309 ASN A C   
369 O O   . ASN A 55 ? 0.1975 0.2816 0.2842 -0.0028 0.0185  -0.0013 1309 ASN A O   
370 C CB  . ASN A 55 ? 0.2484 0.3201 0.3310 -0.0551 0.0442  -0.0383 1309 ASN A CB  
371 C CG  . ASN A 55 ? 0.3134 0.4242 0.3956 -0.0919 0.0565  -0.0640 1309 ASN A CG  
372 O OD1 . ASN A 55 ? 0.2607 0.4415 0.3460 -0.0874 0.0342  -0.0672 1309 ASN A OD1 
373 N ND2 . ASN A 55 ? 0.3885 0.4535 0.4665 -0.1308 0.1020  -0.0832 1309 ASN A ND2 
374 N N   . GLY A 56 ? 0.1617 0.2409 0.2399 0.0034  -0.0053 -0.0225 1310 GLY A N   
375 C CA  . GLY A 56 ? 0.1556 0.2356 0.2309 0.0072  -0.0049 -0.0220 1310 GLY A CA  
376 C C   . GLY A 56 ? 0.1629 0.2330 0.2339 0.0076  -0.0013 -0.0092 1310 GLY A C   
377 O O   . GLY A 56 ? 0.1728 0.2782 0.2413 0.0056  -0.0006 -0.0075 1310 GLY A O   
378 N N   . TRP A 57 ? 0.1752 0.2424 0.2146 0.0147  -0.0070 -0.0068 1311 TRP A N   
379 C CA  . TRP A 57 ? 0.1740 0.2225 0.2057 0.0110  -0.0072 -0.0039 1311 TRP A CA  
380 C C   . TRP A 57 ? 0.1603 0.2182 0.1908 0.0178  -0.0131 0.0000  1311 TRP A C   
381 O O   . TRP A 57 ? 0.1831 0.2673 0.2181 0.0224  -0.0165 -0.0013 1311 TRP A O   
382 C CB  . TRP A 57 ? 0.1950 0.2422 0.2255 -0.0024 -0.0007 -0.0118 1311 TRP A CB  
383 C CG  . TRP A 57 ? 0.1917 0.2213 0.2182 -0.0090 0.0082  -0.0125 1311 TRP A CG  
384 C CD1 . TRP A 57 ? 0.1838 0.2235 0.2147 -0.0157 0.0139  -0.0182 1311 TRP A CD1 
385 C CD2 . TRP A 57 ? 0.2120 0.2139 0.2287 -0.0082 0.0134  -0.0061 1311 TRP A CD2 
386 N NE1 . TRP A 57 ? 0.2233 0.2384 0.2448 -0.0196 0.0232  -0.0146 1311 TRP A NE1 
387 C CE2 . TRP A 57 ? 0.2028 0.1956 0.2153 -0.0134 0.0224  -0.0064 1311 TRP A CE2 
388 C CE3 . TRP A 57 ? 0.2286 0.2158 0.2399 -0.0020 0.0117  0.0004  1311 TRP A CE3 
389 C CZ2 . TRP A 57 ? 0.2262 0.1936 0.2264 -0.0104 0.0296  0.0021  1311 TRP A CZ2 
390 C CZ3 . TRP A 57 ? 0.2108 0.1771 0.2128 0.0017  0.0180  0.0077  1311 TRP A CZ3 
391 C CH2 . TRP A 57 ? 0.2305 0.1865 0.2260 -0.0015 0.0268  0.0094  1311 TRP A CH2 
392 N N   . ILE A 58 ? 0.1754 0.2160 0.1994 0.0185  -0.0136 0.0048  1312 ILE A N   
393 C CA  . ILE A 58 ? 0.1697 0.2153 0.1895 0.0243  -0.0172 0.0098  1312 ILE A CA  
394 C C   . ILE A 58 ? 0.1988 0.2370 0.2142 0.0171  -0.0151 0.0074  1312 ILE A C   
395 O O   . ILE A 58 ? 0.1857 0.2068 0.2003 0.0138  -0.0115 0.0072  1312 ILE A O   
396 C CB  . ILE A 58 ? 0.1807 0.2094 0.1968 0.0336  -0.0170 0.0192  1312 ILE A CB  
397 C CG1 . ILE A 58 ? 0.2085 0.2424 0.2179 0.0419  -0.0186 0.0273  1312 ILE A CG1 
398 C CG2 . ILE A 58 ? 0.2093 0.2167 0.2235 0.0283  -0.0143 0.0195  1312 ILE A CG2 
399 C CD1 . ILE A 58 ? 0.2264 0.2878 0.2375 0.0529  -0.0223 0.0299  1312 ILE A CD1 
400 N N   . ASP A 59 ? 0.1815 0.2353 0.1933 0.0165  -0.0170 0.0056  1313 ASP A N   
401 C CA  . ASP A 59 ? 0.1795 0.2267 0.1863 0.0102  -0.0134 0.0018  1313 ASP A CA  
402 C C   . ASP A 59 ? 0.2039 0.2399 0.2056 0.0157  -0.0136 0.0108  1313 ASP A C   
403 O O   . ASP A 59 ? 0.2124 0.2528 0.2096 0.0230  -0.0164 0.0187  1313 ASP A O   
404 C CB  . ASP A 59 ? 0.2178 0.2908 0.2215 0.0042  -0.0144 -0.0073 1313 ASP A CB  
405 C CG  . ASP A 59 ? 0.2711 0.3592 0.2810 -0.0062 -0.0120 -0.0199 1313 ASP A CG  
406 O OD1 . ASP A 59 ? 0.2581 0.3296 0.2728 -0.0095 -0.0072 -0.0212 1313 ASP A OD1 
407 O OD2 . ASP A 59 ? 0.3340 0.4547 0.3434 -0.0113 -0.0149 -0.0285 1313 ASP A OD2 
408 N N   . VAL A 60 ? 0.1904 0.2129 0.1922 0.0126  -0.0091 0.0094  1314 VAL A N   
409 C CA  . VAL A 60 ? 0.1830 0.1992 0.1824 0.0149  -0.0078 0.0156  1314 VAL A CA  
410 C C   . VAL A 60 ? 0.2086 0.2256 0.2058 0.0114  -0.0027 0.0102  1314 VAL A C   
411 O O   . VAL A 60 ? 0.2138 0.2243 0.2131 0.0090  0.0021  0.0036  1314 VAL A O   
412 C CB  . VAL A 60 ? 0.2031 0.2081 0.2088 0.0160  -0.0073 0.0188  1314 VAL A CB  
413 C CG1 . VAL A 60 ? 0.2237 0.2281 0.2302 0.0147  -0.0043 0.0214  1314 VAL A CG1 
414 C CG2 . VAL A 60 ? 0.2163 0.2175 0.2225 0.0184  -0.0101 0.0223  1314 VAL A CG2 
415 N N   . THR A 61 ? 0.1836 0.2054 0.1746 0.0117  -0.0014 0.0133  1315 THR A N   
416 C CA  . THR A 61 ? 0.1925 0.2147 0.1823 0.0095  0.0050  0.0087  1315 THR A CA  
417 C C   . THR A 61 ? 0.2096 0.2286 0.2048 0.0111  0.0073  0.0147  1315 THR A C   
418 O O   . THR A 61 ? 0.2065 0.2255 0.1977 0.0102  0.0070  0.0215  1315 THR A O   
419 C CB  . THR A 61 ? 0.2024 0.2379 0.1803 0.0066  0.0060  0.0055  1315 THR A CB  
420 O OG1 . THR A 61 ? 0.2162 0.2606 0.1915 0.0017  0.0049  -0.0049 1315 THR A OG1 
421 C CG2 . THR A 61 ? 0.2308 0.2659 0.2068 0.0046  0.0142  0.0008  1315 THR A CG2 
422 N N   . TRP A 62 ? 0.1965 0.2141 0.2004 0.0136  0.0110  0.0121  1316 TRP A N   
423 C CA  . TRP A 62 ? 0.2035 0.2283 0.2157 0.0142  0.0124  0.0154  1316 TRP A CA  
424 C C   . TRP A 62 ? 0.1989 0.2327 0.2095 0.0117  0.0189  0.0142  1316 TRP A C   
425 O O   . TRP A 62 ? 0.2083 0.2418 0.2129 0.0125  0.0237  0.0092  1316 TRP A O   
426 C CB  . TRP A 62 ? 0.1934 0.2210 0.2155 0.0218  0.0133  0.0147  1316 TRP A CB  
427 C CG  . TRP A 62 ? 0.1950 0.2151 0.2174 0.0236  0.0081  0.0168  1316 TRP A CG  
428 C CD1 . TRP A 62 ? 0.2168 0.2236 0.2354 0.0268  0.0097  0.0154  1316 TRP A CD1 
429 C CD2 . TRP A 62 ? 0.1997 0.2241 0.2251 0.0204  0.0023  0.0193  1316 TRP A CD2 
430 N NE1 . TRP A 62 ? 0.2012 0.2058 0.2203 0.0267  0.0044  0.0182  1316 TRP A NE1 
431 C CE2 . TRP A 62 ? 0.1847 0.2000 0.2076 0.0232  -0.0004 0.0201  1316 TRP A CE2 
432 C CE3 . TRP A 62 ? 0.1927 0.2251 0.2214 0.0132  0.0013  0.0193  1316 TRP A CE3 
433 C CZ2 . TRP A 62 ? 0.2054 0.2222 0.2292 0.0209  -0.0051 0.0209  1316 TRP A CZ2 
434 C CZ3 . TRP A 62 ? 0.2139 0.2451 0.2433 0.0095  -0.0025 0.0188  1316 TRP A CZ3 
435 C CH2 . TRP A 62 ? 0.2009 0.2252 0.2279 0.0141  -0.0061 0.0195  1316 TRP A CH2 
436 N N   . ASP A 63 ? 0.2087 0.2510 0.2243 0.0069  0.0209  0.0170  1317 ASP A N   
437 C CA  . ASP A 63 ? 0.2100 0.2626 0.2244 0.0032  0.0289  0.0157  1317 ASP A CA  
438 C C   . ASP A 63 ? 0.1975 0.2615 0.2206 0.0110  0.0340  0.0099  1317 ASP A C   
439 O O   . ASP A 63 ? 0.2300 0.2996 0.2494 0.0105  0.0416  0.0064  1317 ASP A O   
440 C CB  . ASP A 63 ? 0.2066 0.2683 0.2283 -0.0060 0.0322  0.0173  1317 ASP A CB  
441 C CG  . ASP A 63 ? 0.2444 0.2868 0.2538 -0.0134 0.0332  0.0238  1317 ASP A CG  
442 O OD1 . ASP A 63 ? 0.2547 0.2827 0.2504 -0.0085 0.0297  0.0287  1317 ASP A OD1 
443 O OD2 . ASP A 63 ? 0.2586 0.3018 0.2723 -0.0240 0.0386  0.0232  1317 ASP A OD2 
444 N N   . ALA A 64 ? 0.2071 0.2746 0.2412 0.0198  0.0311  0.0098  1318 ALA A N   
445 C CA  . ALA A 64 ? 0.2070 0.2809 0.2484 0.0321  0.0378  0.0069  1318 ALA A CA  
446 C C   . ALA A 64 ? 0.2616 0.3127 0.2909 0.0352  0.0441  0.0015  1318 ALA A C   
447 O O   . ALA A 64 ? 0.2944 0.3436 0.3264 0.0447  0.0543  -0.0026 1318 ALA A O   
448 C CB  . ALA A 64 ? 0.2247 0.3075 0.2770 0.0433  0.0334  0.0113  1318 ALA A CB  
449 N N   . GLY A 65 ? 0.2565 0.2927 0.2740 0.0272  0.0393  0.0003  1319 GLY A N   
450 C CA  . GLY A 65 ? 0.2833 0.3057 0.2882 0.0231  0.0446  -0.0086 1319 GLY A CA  
451 C C   . GLY A 65 ? 0.2901 0.2939 0.2909 0.0221  0.0439  -0.0119 1319 GLY A C   
452 O O   . GLY A 65 ? 0.3143 0.3117 0.3050 0.0140  0.0478  -0.0221 1319 GLY A O   
453 N N   . GLY A 66 ? 0.2609 0.2585 0.2688 0.0289  0.0401  -0.0049 1320 GLY A N   
454 C CA  . GLY A 66 ? 0.2355 0.2139 0.2387 0.0267  0.0417  -0.0077 1320 GLY A CA  
455 C C   . GLY A 66 ? 0.2266 0.2119 0.2262 0.0168  0.0314  -0.0082 1320 GLY A C   
456 O O   . GLY A 66 ? 0.2307 0.2290 0.2331 0.0166  0.0223  -0.0012 1320 GLY A O   
457 N N   . SER A 67 ? 0.2367 0.2132 0.2306 0.0085  0.0345  -0.0167 1321 SER A N   
458 C CA  . SER A 67 ? 0.2081 0.1967 0.2011 0.0016  0.0250  -0.0171 1321 SER A CA  
459 C C   . SER A 67 ? 0.2206 0.1946 0.2160 0.0008  0.0277  -0.0168 1321 SER A C   
460 O O   . SER A 67 ? 0.2417 0.1956 0.2334 -0.0028 0.0401  -0.0239 1321 SER A O   
461 C CB  . SER A 67 ? 0.2175 0.2210 0.2025 -0.0097 0.0257  -0.0296 1321 SER A CB  
462 O OG  . SER A 67 ? 0.2524 0.2714 0.2319 -0.0083 0.0229  -0.0276 1321 SER A OG  
463 N N   . ASN A 68 ? 0.2135 0.1949 0.2131 0.0032  0.0185  -0.0095 1322 ASN A N   
464 C CA  . ASN A 68 ? 0.2067 0.1761 0.2071 0.0017  0.0218  -0.0092 1322 ASN A CA  
465 C C   . ASN A 68 ? 0.1982 0.1837 0.2026 0.0014  0.0113  -0.0058 1322 ASN A C   
466 O O   . ASN A 68 ? 0.2173 0.2192 0.2224 0.0028  0.0036  -0.0039 1322 ASN A O   
467 C CB  . ASN A 68 ? 0.2487 0.2000 0.2489 0.0128  0.0269  0.0001  1322 ASN A CB  
468 C CG  . ASN A 68 ? 0.2217 0.1496 0.2166 0.0110  0.0385  -0.0006 1322 ASN A CG  
469 O OD1 . ASN A 68 ? 0.2329 0.1618 0.2271 0.0000  0.0398  -0.0073 1322 ASN A OD1 
470 N ND2 . ASN A 68 ? 0.2601 0.1668 0.2504 0.0223  0.0485  0.0066  1322 ASN A ND2 
471 N N   . SER A 69 ? 0.1830 0.1622 0.1886 0.0004  0.0130  -0.0047 1323 SER A N   
472 C CA  . SER A 69 ? 0.1843 0.1775 0.1943 0.0007  0.0056  -0.0030 1323 SER A CA  
473 C C   . SER A 69 ? 0.2015 0.1856 0.2113 0.0073  0.0043  0.0052  1323 SER A C   
474 O O   . SER A 69 ? 0.2174 0.1861 0.2230 0.0099  0.0107  0.0088  1323 SER A O   
475 C CB  . SER A 69 ? 0.2335 0.2355 0.2454 -0.0098 0.0098  -0.0129 1323 SER A CB  
476 O OG  . SER A 69 ? 0.2777 0.2945 0.2890 -0.0184 0.0111  -0.0236 1323 SER A OG  
477 N N   . TYR A 70 ? 0.2053 0.1989 0.2182 0.0107  -0.0027 0.0081  1324 TYR A N   
478 C CA  . TYR A 70 ? 0.1750 0.1647 0.1870 0.0149  -0.0047 0.0130  1324 TYR A CA  
479 C C   . TYR A 70 ? 0.1927 0.1886 0.2070 0.0146  -0.0063 0.0109  1324 TYR A C   
480 O O   . TYR A 70 ? 0.1946 0.2003 0.2128 0.0152  -0.0082 0.0085  1324 TYR A O   
481 C CB  . TYR A 70 ? 0.2107 0.2025 0.2238 0.0179  -0.0087 0.0162  1324 TYR A CB  
482 C CG  . TYR A 70 ? 0.1618 0.1514 0.1741 0.0197  -0.0060 0.0179  1324 TYR A CG  
483 C CD1 . TYR A 70 ? 0.1883 0.1747 0.1985 0.0248  -0.0030 0.0220  1324 TYR A CD1 
484 C CD2 . TYR A 70 ? 0.1920 0.1835 0.2047 0.0181  -0.0052 0.0160  1324 TYR A CD2 
485 C CE1 . TYR A 70 ? 0.1965 0.1795 0.2066 0.0301  0.0017  0.0241  1324 TYR A CE1 
486 C CE2 . TYR A 70 ? 0.1780 0.1666 0.1902 0.0202  -0.0005 0.0160  1324 TYR A CE2 
487 C CZ  . TYR A 70 ? 0.2066 0.1901 0.2185 0.0269  0.0033  0.0200  1324 TYR A CZ  
488 O OH  . TYR A 70 ? 0.2110 0.1904 0.2228 0.0324  0.0095  0.0207  1324 TYR A OH  
489 N N   . ARG A 71 ? 0.1891 0.1818 0.2004 0.0154  -0.0054 0.0122  1325 ARG A N   
490 C CA  . ARG A 71 ? 0.1887 0.1865 0.2019 0.0155  -0.0049 0.0089  1325 ARG A CA  
491 C C   . ARG A 71 ? 0.2135 0.2101 0.2281 0.0191  -0.0077 0.0085  1325 ARG A C   
492 O O   . ARG A 71 ? 0.2004 0.1925 0.2121 0.0180  -0.0090 0.0092  1325 ARG A O   
493 C CB  . ARG A 71 ? 0.1798 0.1744 0.1862 0.0143  -0.0015 0.0100  1325 ARG A CB  
494 C CG  . ARG A 71 ? 0.1856 0.1723 0.1873 0.0110  0.0056  0.0123  1325 ARG A CG  
495 C CD  . ARG A 71 ? 0.2093 0.1897 0.1996 0.0130  0.0102  0.0180  1325 ARG A CD  
496 N NE  . ARG A 71 ? 0.2311 0.2159 0.2169 0.0198  0.0043  0.0234  1325 ARG A NE  
497 C CZ  . ARG A 71 ? 0.2430 0.2314 0.2177 0.0248  0.0049  0.0298  1325 ARG A CZ  
498 N NH1 . ARG A 71 ? 0.2530 0.2341 0.2174 0.0241  0.0126  0.0336  1325 ARG A NH1 
499 N NH2 . ARG A 71 ? 0.2395 0.2424 0.2129 0.0299  -0.0020 0.0322  1325 ARG A NH2 
500 N N   . MET A 72 ? 0.1825 0.1839 0.2016 0.0236  -0.0072 0.0071  1326 MET A N   
501 C CA  . MET A 72 ? 0.1904 0.1823 0.2083 0.0286  -0.0053 0.0070  1326 MET A CA  
502 C C   . MET A 72 ? 0.1939 0.1931 0.2161 0.0344  -0.0021 0.0041  1326 MET A C   
503 O O   . MET A 72 ? 0.2211 0.2245 0.2472 0.0447  -0.0012 0.0068  1326 MET A O   
504 C CB  . MET A 72 ? 0.2180 0.2035 0.2350 0.0337  -0.0059 0.0127  1326 MET A CB  
505 C CG  . MET A 72 ? 0.1918 0.1709 0.2054 0.0266  -0.0072 0.0138  1326 MET A CG  
506 S SD  . MET A 72 ? 0.2180 0.1868 0.2280 0.0182  -0.0038 0.0078  1326 MET A SD  
507 C CE  . MET A 72 ? 0.2752 0.2200 0.2809 0.0207  0.0048  0.0095  1326 MET A CE  
508 N N   . GLY A 73 ? 0.1858 0.1887 0.2068 0.0292  0.0003  -0.0006 1327 GLY A N   
509 C CA  . GLY A 73 ? 0.1996 0.2133 0.2255 0.0329  0.0046  -0.0050 1327 GLY A CA  
510 C C   . GLY A 73 ? 0.2122 0.2377 0.2385 0.0243  0.0063  -0.0073 1327 GLY A C   
511 O O   . GLY A 73 ? 0.2168 0.2460 0.2413 0.0219  0.0115  -0.0113 1327 GLY A O   
512 N N   . ALA A 74 ? 0.1769 0.2054 0.2040 0.0188  0.0042  -0.0050 1328 ALA A N   
513 C CA  . ALA A 74 ? 0.1935 0.2243 0.2185 0.0092  0.0099  -0.0070 1328 ALA A CA  
514 C C   . ALA A 74 ? 0.1977 0.2145 0.2097 0.0071  0.0133  -0.0038 1328 ALA A C   
515 O O   . ALA A 74 ? 0.2199 0.2273 0.2250 0.0103  0.0090  0.0004  1328 ALA A O   
516 C CB  . ALA A 74 ? 0.2091 0.2364 0.2336 0.0031  0.0099  -0.0062 1328 ALA A CB  
517 N N   . GLU A 75 ? 0.2088 0.2280 0.2173 0.0014  0.0214  -0.0057 1329 GLU A N   
518 C CA  . GLU A 75 ? 0.2018 0.2114 0.1947 0.0009  0.0253  -0.0009 1329 GLU A CA  
519 C C   . GLU A 75 ? 0.2117 0.2242 0.1998 0.0059  0.0208  -0.0032 1329 GLU A C   
520 O O   . GLU A 75 ? 0.2624 0.2733 0.2360 0.0061  0.0215  0.0004  1329 GLU A O   
521 C CB  . GLU A 75 ? 0.2362 0.2291 0.2173 0.0016  0.0266  0.0093  1329 GLU A CB  
522 C CG  . GLU A 75 ? 0.2398 0.2237 0.2248 -0.0060 0.0344  0.0084  1329 GLU A CG  
523 C CD  . GLU A 75 ? 0.3173 0.2792 0.2911 -0.0024 0.0383  0.0181  1329 GLU A CD  
524 O OE1 . GLU A 75 ? 0.2914 0.2504 0.2548 0.0075  0.0342  0.0276  1329 GLU A OE1 
525 O OE2 . GLU A 75 ? 0.3401 0.2898 0.3158 -0.0097 0.0466  0.0155  1329 GLU A OE2 
526 N N   . GLY A 76 ? 0.1982 0.2153 0.1968 0.0101  0.0177  -0.0094 1330 GLY A N   
527 C CA  . GLY A 76 ? 0.2189 0.2329 0.2128 0.0123  0.0165  -0.0146 1330 GLY A CA  
528 C C   . GLY A 76 ? 0.2336 0.2420 0.2217 0.0112  0.0100  -0.0122 1330 GLY A C   
529 O O   . GLY A 76 ? 0.2449 0.2543 0.2256 0.0081  0.0100  -0.0184 1330 GLY A O   
530 N N   . LYS A 77 ? 0.2044 0.2098 0.1968 0.0124  0.0056  -0.0055 1331 LYS A N   
531 C CA  . LYS A 77 ? 0.2054 0.2107 0.1945 0.0117  0.0000  -0.0026 1331 LYS A CA  
532 C C   . LYS A 77 ? 0.2067 0.2051 0.2044 0.0130  -0.0026 -0.0027 1331 LYS A C   
533 O O   . LYS A 77 ? 0.2008 0.1967 0.2060 0.0164  -0.0019 -0.0009 1331 LYS A O   
534 C CB  . LYS A 77 ? 0.2076 0.2143 0.1909 0.0139  -0.0008 0.0071  1331 LYS A CB  
535 C CG  . LYS A 77 ? 0.2371 0.2478 0.2070 0.0146  0.0033  0.0110  1331 LYS A CG  
536 C CD  . LYS A 77 ? 0.2342 0.2604 0.1944 0.0137  -0.0005 0.0074  1331 LYS A CD  
537 C CE  . LYS A 77 ? 0.3325 0.3638 0.2766 0.0151  0.0046  0.0121  1331 LYS A CE  
538 N NZ  . LYS A 77 ? 0.4103 0.4645 0.3411 0.0153  -0.0002 0.0101  1331 LYS A NZ  
539 N N   . PHE A 78 ? 0.2133 0.2125 0.2096 0.0094  -0.0051 -0.0050 1332 PHE A N   
540 C CA  . PHE A 78 ? 0.2129 0.2031 0.2147 0.0090  -0.0052 -0.0047 1332 PHE A CA  
541 C C   . PHE A 78 ? 0.1950 0.1958 0.1974 0.0063  -0.0097 -0.0018 1332 PHE A C   
542 O O   . PHE A 78 ? 0.2098 0.2224 0.2096 0.0001  -0.0110 -0.0072 1332 PHE A O   
543 C CB  . PHE A 78 ? 0.2270 0.2042 0.2271 0.0051  0.0010  -0.0130 1332 PHE A CB  
544 C CG  . PHE A 78 ? 0.2319 0.2011 0.2328 0.0119  0.0062  -0.0147 1332 PHE A CG  
545 C CD1 . PHE A 78 ? 0.2492 0.2248 0.2457 0.0098  0.0087  -0.0212 1332 PHE A CD1 
546 C CD2 . PHE A 78 ? 0.2237 0.1852 0.2300 0.0221  0.0081  -0.0086 1332 PHE A CD2 
547 C CE1 . PHE A 78 ? 0.2443 0.2166 0.2433 0.0169  0.0144  -0.0233 1332 PHE A CE1 
548 C CE2 . PHE A 78 ? 0.2469 0.2092 0.2567 0.0311  0.0126  -0.0098 1332 PHE A CE2 
549 C CZ  . PHE A 78 ? 0.2493 0.2169 0.2566 0.0280  0.0160  -0.0176 1332 PHE A CZ  
550 N N   . ASP A 79 ? 0.1778 0.1776 0.1836 0.0109  -0.0115 0.0054  1333 ASP A N   
551 C CA  . ASP A 79 ? 0.1706 0.1814 0.1776 0.0122  -0.0145 0.0095  1333 ASP A CA  
552 C C   . ASP A 79 ? 0.1945 0.2062 0.2066 0.0079  -0.0144 0.0077  1333 ASP A C   
553 O O   . ASP A 79 ? 0.1880 0.2139 0.2031 0.0088  -0.0164 0.0097  1333 ASP A O   
554 C CB  . ASP A 79 ? 0.2063 0.2112 0.2133 0.0182  -0.0132 0.0161  1333 ASP A CB  
555 C CG  . ASP A 79 ? 0.1992 0.2018 0.1997 0.0213  -0.0105 0.0193  1333 ASP A CG  
556 O OD1 . ASP A 79 ? 0.2104 0.2218 0.2049 0.0217  -0.0116 0.0191  1333 ASP A OD1 
557 O OD2 . ASP A 79 ? 0.2099 0.2021 0.2098 0.0219  -0.0059 0.0213  1333 ASP A OD2 
558 N N   . LEU A 80 ? 0.1831 0.1798 0.1953 0.0049  -0.0107 0.0055  1334 LEU A N   
559 C CA  . LEU A 80 ? 0.1885 0.1798 0.2027 0.0004  -0.0076 0.0058  1334 LEU A CA  
560 C C   . LEU A 80 ? 0.2012 0.1798 0.2127 -0.0091 -0.0007 -0.0016 1334 LEU A C   
561 O O   . LEU A 80 ? 0.2264 0.1952 0.2342 -0.0093 0.0024  -0.0062 1334 LEU A O   
562 C CB  . LEU A 80 ? 0.2130 0.1932 0.2257 0.0071  -0.0067 0.0128  1334 LEU A CB  
563 C CG  . LEU A 80 ? 0.1795 0.1679 0.1937 0.0129  -0.0104 0.0165  1334 LEU A CG  
564 C CD1 . LEU A 80 ? 0.2083 0.1932 0.2200 0.0178  -0.0102 0.0204  1334 LEU A CD1 
565 C CD2 . LEU A 80 ? 0.2072 0.2067 0.2244 0.0123  -0.0113 0.0172  1334 LEU A CD2 
566 N N   . LYS A 81 ? 0.2008 0.1769 0.2135 -0.0173 0.0042  -0.0032 1335 LYS A N   
567 C CA  . LYS A 81 ? 0.2423 0.1970 0.2506 -0.0287 0.0156  -0.0099 1335 LYS A CA  
568 C C   . LYS A 81 ? 0.2350 0.1716 0.2396 -0.0280 0.0227  -0.0016 1335 LYS A C   
569 O O   . LYS A 81 ? 0.2476 0.1990 0.2559 -0.0249 0.0181  0.0040  1335 LYS A O   
570 C CB  . LYS A 81 ? 0.2581 0.2341 0.2709 -0.0464 0.0171  -0.0244 1335 LYS A CB  
571 C CG  . LYS A 81 ? 0.3291 0.2829 0.3372 -0.0649 0.0322  -0.0373 1335 LYS A CG  
572 C CD  . LYS A 81 ? 0.3692 0.3598 0.3843 -0.0845 0.0307  -0.0543 1335 LYS A CD  
573 C CE  . LYS A 81 ? 0.4324 0.4021 0.4428 -0.1084 0.0480  -0.0722 1335 LYS A CE  
574 N NZ  . LYS A 81 ? 0.4973 0.5132 0.5169 -0.1315 0.0466  -0.0915 1335 LYS A NZ  
575 N N   . LEU A 82 ? 0.1922 0.2750 0.2016 0.0314  0.0068  -0.0460 1336 LEU A N   
576 C CA  . LEU A 82 ? 0.1857 0.2390 0.2113 0.0336  0.0013  -0.0345 1336 LEU A CA  
577 C C   . LEU A 82 ? 0.1911 0.2175 0.2158 0.0110  -0.0091 -0.0290 1336 LEU A C   
578 O O   . LEU A 82 ? 0.2167 0.2228 0.2236 0.0000  -0.0168 -0.0366 1336 LEU A O   
579 C CB  . LEU A 82 ? 0.2201 0.2349 0.2391 0.0638  -0.0031 -0.0428 1336 LEU A CB  
580 C CG  . LEU A 82 ? 0.2489 0.3212 0.2830 0.1020  0.0084  -0.0442 1336 LEU A CG  
581 C CD1 . LEU A 82 ? 0.3255 0.3462 0.3544 0.1498  -0.0014 -0.0512 1336 LEU A CD1 
582 C CD2 . LEU A 82 ? 0.2425 0.3803 0.3022 0.0779  0.0111  -0.0147 1336 LEU A CD2 
583 N N   . ALA A 83 ? 0.1765 0.2185 0.2180 0.0015  -0.0091 -0.0150 1337 ALA A N   
584 C CA  . ALA A 83 ? 0.1601 0.2217 0.2108 -0.0149 -0.0144 -0.0067 1337 ALA A CA  
585 C C   . ALA A 83 ? 0.2112 0.2478 0.2475 -0.0407 -0.0318 0.0030  1337 ALA A C   
586 O O   . ALA A 83 ? 0.2461 0.2290 0.2638 -0.0401 -0.0421 0.0043  1337 ALA A O   
587 C CB  . ALA A 83 ? 0.1772 0.2759 0.2412 -0.0126 -0.0048 -0.0013 1337 ALA A CB  
588 N N   . PRO A 84 ? 0.2186 0.2934 0.2592 -0.0661 -0.0411 0.0154  1338 PRO A N   
589 C CA  . PRO A 84 ? 0.2682 0.3161 0.2786 -0.1121 -0.0671 0.0335  1338 PRO A CA  
590 C C   . PRO A 84 ? 0.2945 0.3538 0.3070 -0.1314 -0.0735 0.0531  1338 PRO A C   
591 O O   . PRO A 84 ? 0.2761 0.4133 0.3217 -0.1203 -0.0543 0.0562  1338 PRO A O   
592 C CB  . PRO A 84 ? 0.2864 0.4228 0.3133 -0.1409 -0.0739 0.0532  1338 PRO A CB  
593 C CG  . PRO A 84 ? 0.2395 0.4418 0.3117 -0.0932 -0.0502 0.0425  1338 PRO A CG  
594 C CD  . PRO A 84 ? 0.1676 0.3109 0.2359 -0.0539 -0.0337 0.0181  1338 PRO A CD  
595 N N   . GLY A 85 ? 0.4008 0.3701 0.3686 -0.1584 -0.1029 0.0647  1339 GLY A N   
596 C CA  . GLY A 85 ? 0.3908 0.3711 0.3553 -0.1894 -0.1179 0.0937  1339 GLY A CA  
597 C C   . GLY A 85 ? 0.3784 0.3328 0.3595 -0.1483 -0.1066 0.0868  1339 GLY A C   
598 O O   . GLY A 85 ? 0.4317 0.3860 0.4063 -0.1752 -0.1237 0.1147  1339 GLY A O   
599 N N   . TYR A 86 ? 0.3382 0.2806 0.3371 -0.0928 -0.0828 0.0571  1340 TYR A N   
600 C CA  . TYR A 86 ? 0.3339 0.2653 0.3476 -0.0563 -0.0762 0.0562  1340 TYR A CA  
601 C C   . TYR A 86 ? 0.4419 0.2751 0.4279 -0.0156 -0.0919 0.0414  1340 TYR A C   
602 O O   . TYR A 86 ? 0.5066 0.3279 0.4838 0.0135  -0.0780 0.0109  1340 TYR A O   
603 C CB  . TYR A 86 ? 0.2540 0.2562 0.2980 -0.0315 -0.0432 0.0396  1340 TYR A CB  
604 C CG  . TYR A 86 ? 0.2198 0.2356 0.2777 -0.0055 -0.0394 0.0466  1340 TYR A CG  
605 C CD1 . TYR A 86 ? 0.2461 0.2864 0.3109 -0.0253 -0.0479 0.0739  1340 TYR A CD1 
606 C CD2 . TYR A 86 ? 0.2255 0.2515 0.2898 0.0329  -0.0286 0.0308  1340 TYR A CD2 
607 C CE1 . TYR A 86 ? 0.2189 0.2905 0.3007 -0.0062 -0.0489 0.0897  1340 TYR A CE1 
608 C CE2 . TYR A 86 ? 0.2247 0.2988 0.3089 0.0546  -0.0259 0.0445  1340 TYR A CE2 
609 C CZ  . TYR A 86 ? 0.1999 0.2962 0.2953 0.0359  -0.0377 0.0764  1340 TYR A CZ  
610 O OH  . TYR A 86 ? 0.2075 0.3697 0.3264 0.0520  -0.0390 0.0988  1340 TYR A OH  
611 N N   . ASP A 87 ? 0.5324 0.2946 0.4991 -0.0112 -0.1226 0.0622  1341 ASP A N   
612 C CA  . ASP A 87 ? 0.6733 0.3225 0.6047 0.0449  -0.1426 0.0450  1341 ASP A CA  
613 C C   . ASP A 87 ? 0.7159 0.3692 0.6741 0.0855  -0.1552 0.0691  1341 ASP A C   
614 O O   . ASP A 87 ? 0.8199 0.3992 0.7532 0.0613  -0.1973 0.1048  1341 ASP A O   
615 C CB  . ASP A 87 ? 0.8490 0.3471 0.6990 0.0089  -0.1889 0.0491  1341 ASP A CB  
616 N N   . PRO A 88 ? 0.6626 0.4105 0.6695 0.1414  -0.1244 0.0572  1342 PRO A N   
617 C CA  . PRO A 88 ? 0.6845 0.4663 0.7262 0.1790  -0.1374 0.0884  1342 PRO A CA  
618 C C   . PRO A 88 ? 0.8685 0.5472 0.8867 0.2680  -0.1624 0.0745  1342 PRO A C   
619 O O   . PRO A 88 ? 0.9726 0.5719 0.9463 0.3083  -0.1571 0.0278  1342 PRO A O   
620 C CB  . PRO A 88 ? 0.5771 0.5196 0.6733 0.1901  -0.0968 0.0859  1342 PRO A CB  
621 C CG  . PRO A 88 ? 0.5068 0.4616 0.5880 0.2003  -0.0673 0.0406  1342 PRO A CG  
622 C CD  . PRO A 88 ? 0.5827 0.4211 0.6116 0.1635  -0.0825 0.0237  1342 PRO A CD  
# 
loop_
_pdbx_poly_seq_scheme.asym_id 
_pdbx_poly_seq_scheme.entity_id 
_pdbx_poly_seq_scheme.seq_id 
_pdbx_poly_seq_scheme.mon_id 
_pdbx_poly_seq_scheme.ndb_seq_num 
_pdbx_poly_seq_scheme.pdb_seq_num 
_pdbx_poly_seq_scheme.auth_seq_num 
_pdbx_poly_seq_scheme.pdb_mon_id 
_pdbx_poly_seq_scheme.auth_mon_id 
_pdbx_poly_seq_scheme.pdb_strand_id 
_pdbx_poly_seq_scheme.pdb_ins_code 
_pdbx_poly_seq_scheme.hetero 
A 1 1  MET 1  1255 ?    ?   ?   A . n 
A 1 2  HIS 2  1256 ?    ?   ?   A . n 
A 1 3  HIS 3  1257 ?    ?   ?   A . n 
A 1 4  HIS 4  1258 ?    ?   ?   A . n 
A 1 5  HIS 5  1259 ?    ?   ?   A . n 
A 1 6  HIS 6  1260 ?    ?   ?   A . n 
A 1 7  HIS 7  1261 ?    ?   ?   A . n 
A 1 8  SER 8  1262 ?    ?   ?   A . n 
A 1 9  SER 9  1263 ?    ?   ?   A . n 
A 1 10 GLY 10 1264 1264 GLY GLY A . n 
A 1 11 ARG 11 1265 1265 ARG ARG A . n 
A 1 12 GLU 12 1266 1266 GLU GLU A . n 
A 1 13 ASN 13 1267 1267 ASN ASN A . n 
A 1 14 LEU 14 1268 1268 LEU LEU A . n 
A 1 15 TYR 15 1269 1269 TYR TYR A . n 
A 1 16 PHE 16 1270 1270 PHE PHE A . n 
A 1 17 GLN 17 1271 1271 GLN GLN A . n 
A 1 18 GLY 18 1272 1272 GLY GLY A . n 
A 1 19 LEU 19 1273 1273 LEU LEU A . n 
A 1 20 LYS 20 1274 1274 LYS LYS A . n 
A 1 21 TYR 21 1275 1275 TYR TYR A . n 
A 1 22 MET 22 1276 1276 MET MET A . n 
A 1 23 VAL 23 1277 1277 VAL VAL A . n 
A 1 24 PRO 24 1278 1278 PRO PRO A . n 
A 1 25 GLY 25 1279 1279 GLY GLY A . n 
A 1 26 ALA 26 1280 1280 ALA ALA A . n 
A 1 27 ARG 27 1281 1281 ARG ARG A . n 
A 1 28 VAL 28 1282 1282 VAL VAL A . n 
A 1 29 THR 29 1283 1283 THR THR A . n 
A 1 30 ARG 30 1284 1284 ARG ARG A . n 
A 1 31 GLY 31 1285 1285 GLY GLY A . n 
A 1 32 LEU 32 1286 1286 LEU LEU A . n 
A 1 33 ASP 33 1287 1287 ASP ASP A . n 
A 1 34 TRP 34 1288 1288 TRP TRP A . n 
A 1 35 LYS 35 1289 1289 LYS LYS A . n 
A 1 36 TRP 36 1290 1290 TRP TRP A . n 
A 1 37 ARG 37 1291 1291 ARG ARG A . n 
A 1 38 ASP 38 1292 1292 ASP ASP A . n 
A 1 39 GLN 39 1293 1293 GLN GLN A . n 
A 1 40 ASP 40 1294 1294 ASP ASP A . n 
A 1 41 GLY 41 1295 1295 GLY GLY A . n 
A 1 42 SER 42 1296 1296 SER SER A . n 
A 1 43 PRO 43 1297 1297 PRO PRO A . n 
A 1 44 GLN 44 1298 1298 GLN GLN A . n 
A 1 45 GLY 45 1299 1299 GLY GLY A . n 
A 1 46 GLU 46 1300 1300 GLU GLU A . n 
A 1 47 GLY 47 1301 1301 GLY GLY A . n 
A 1 48 THR 48 1302 1302 THR THR A . n 
A 1 49 VAL 49 1303 1303 VAL VAL A . n 
A 1 50 THR 50 1304 1304 THR THR A . n 
A 1 51 GLY 51 1305 1305 GLY GLY A . n 
A 1 52 GLU 52 1306 1306 GLU GLU A . n 
A 1 53 LEU 53 1307 1307 LEU LEU A . n 
A 1 54 HIS 54 1308 1308 HIS HIS A . n 
A 1 55 ASN 55 1309 1309 ASN ASN A . n 
A 1 56 GLY 56 1310 1310 GLY GLY A . n 
A 1 57 TRP 57 1311 1311 TRP TRP A . n 
A 1 58 ILE 58 1312 1312 ILE ILE A . n 
A 1 59 ASP 59 1313 1313 ASP ASP A . n 
A 1 60 VAL 60 1314 1314 VAL VAL A . n 
A 1 61 THR 61 1315 1315 THR THR A . n 
A 1 62 TRP 62 1316 1316 TRP TRP A . n 
A 1 63 ASP 63 1317 1317 ASP ASP A . n 
A 1 64 ALA 64 1318 1318 ALA ALA A . n 
A 1 65 GLY 65 1319 1319 GLY GLY A . n 
A 1 66 GLY 66 1320 1320 GLY GLY A . n 
A 1 67 SER 67 1321 1321 SER SER A . n 
A 1 68 ASN 68 1322 1322 ASN ASN A . n 
A 1 69 SER 69 1323 1323 SER SER A . n 
A 1 70 TYR 70 1324 1324 TYR TYR A . n 
A 1 71 ARG 71 1325 1325 ARG ARG A . n 
A 1 72 MET 72 1326 1326 MET MET A . n 
A 1 73 GLY 73 1327 1327 GLY GLY A . n 
A 1 74 ALA 74 1328 1328 ALA ALA A . n 
A 1 75 GLU 75 1329 1329 GLU GLU A . n 
A 1 76 GLY 76 1330 1330 GLY GLY A . n 
A 1 77 LYS 77 1331 1331 LYS LYS A . n 
A 1 78 PHE 78 1332 1332 PHE PHE A . n 
A 1 79 ASP 79 1333 1333 ASP ASP A . n 
A 1 80 LEU 80 1334 1334 LEU LEU A . n 
A 1 81 LYS 81 1335 1335 LYS LYS A . n 
A 1 82 LEU 82 1336 1336 LEU LEU A . n 
A 1 83 ALA 83 1337 1337 ALA ALA A . n 
A 1 84 PRO 84 1338 1338 PRO PRO A . n 
A 1 85 GLY 85 1339 1339 GLY GLY A . n 
A 1 86 TYR 86 1340 1340 TYR TYR A . n 
A 1 87 ASP 87 1341 1341 ASP ASP A . n 
A 1 88 PRO 88 1342 1342 PRO PRO A . n 
A 1 89 ASP 89 1343 ?    ?   ?   A . n 
# 
_pdbx_SG_project.id                    1 
_pdbx_SG_project.project_name          'NPPSFA, National Project on Protein Structural and Functional Analyses' 
_pdbx_SG_project.full_name_of_center   'Structural Genomics Consortium' 
_pdbx_SG_project.initial_of_center     SGC 
# 
loop_
_pdbx_nonpoly_scheme.asym_id 
_pdbx_nonpoly_scheme.entity_id 
_pdbx_nonpoly_scheme.mon_id 
_pdbx_nonpoly_scheme.ndb_seq_num 
_pdbx_nonpoly_scheme.pdb_seq_num 
_pdbx_nonpoly_scheme.auth_seq_num 
_pdbx_nonpoly_scheme.pdb_mon_id 
_pdbx_nonpoly_scheme.auth_mon_id 
_pdbx_nonpoly_scheme.pdb_strand_id 
_pdbx_nonpoly_scheme.pdb_ins_code 
B 2 HOH 1   1401 1401 HOH HOH A . 
B 2 HOH 2   1402 1402 HOH HOH A . 
B 2 HOH 3   1403 1403 HOH HOH A . 
B 2 HOH 4   1404 1404 HOH HOH A . 
B 2 HOH 5   1405 1405 HOH HOH A . 
B 2 HOH 6   1406 1406 HOH HOH A . 
B 2 HOH 7   1407 1407 HOH HOH A . 
B 2 HOH 8   1408 1408 HOH HOH A . 
B 2 HOH 9   1409 1409 HOH HOH A . 
B 2 HOH 10  1410 1410 HOH HOH A . 
B 2 HOH 11  1411 1411 HOH HOH A . 
B 2 HOH 12  1412 1412 HOH HOH A . 
B 2 HOH 13  1413 1413 HOH HOH A . 
B 2 HOH 14  1414 1414 HOH HOH A . 
B 2 HOH 15  1415 1415 HOH HOH A . 
B 2 HOH 16  1416 1416 HOH HOH A . 
B 2 HOH 17  1417 1417 HOH HOH A . 
B 2 HOH 18  1418 1418 HOH HOH A . 
B 2 HOH 19  1419 1419 HOH HOH A . 
B 2 HOH 20  1420 1420 HOH HOH A . 
B 2 HOH 21  1421 1421 HOH HOH A . 
B 2 HOH 22  1422 1422 HOH HOH A . 
B 2 HOH 23  1423 1423 HOH HOH A . 
B 2 HOH 24  1424 1424 HOH HOH A . 
B 2 HOH 25  1425 1425 HOH HOH A . 
B 2 HOH 26  1426 1426 HOH HOH A . 
B 2 HOH 27  1427 1427 HOH HOH A . 
B 2 HOH 28  1428 1428 HOH HOH A . 
B 2 HOH 29  1429 1429 HOH HOH A . 
B 2 HOH 30  1430 1430 HOH HOH A . 
B 2 HOH 31  1431 1431 HOH HOH A . 
B 2 HOH 32  1432 1432 HOH HOH A . 
B 2 HOH 33  1433 1433 HOH HOH A . 
B 2 HOH 34  1434 1434 HOH HOH A . 
B 2 HOH 35  1435 1435 HOH HOH A . 
B 2 HOH 36  1436 1436 HOH HOH A . 
B 2 HOH 37  1437 1437 HOH HOH A . 
B 2 HOH 38  1438 1438 HOH HOH A . 
B 2 HOH 39  1439 1439 HOH HOH A . 
B 2 HOH 40  1440 1440 HOH HOH A . 
B 2 HOH 41  1441 1441 HOH HOH A . 
B 2 HOH 42  1442 1442 HOH HOH A . 
B 2 HOH 43  1443 1443 HOH HOH A . 
B 2 HOH 44  1444 1444 HOH HOH A . 
B 2 HOH 45  1445 1445 HOH HOH A . 
B 2 HOH 46  1446 1446 HOH HOH A . 
B 2 HOH 47  1447 1447 HOH HOH A . 
B 2 HOH 48  1448 1448 HOH HOH A . 
B 2 HOH 49  1449 1449 HOH HOH A . 
B 2 HOH 50  1450 1450 HOH HOH A . 
B 2 HOH 51  1451 1451 HOH HOH A . 
B 2 HOH 52  1452 1452 HOH HOH A . 
B 2 HOH 53  1453 1453 HOH HOH A . 
B 2 HOH 54  1454 1454 HOH HOH A . 
B 2 HOH 55  1455 1455 HOH HOH A . 
B 2 HOH 56  1456 1456 HOH HOH A . 
B 2 HOH 57  1457 1457 HOH HOH A . 
B 2 HOH 58  1458 1458 HOH HOH A . 
B 2 HOH 59  1459 1459 HOH HOH A . 
B 2 HOH 60  1460 1460 HOH HOH A . 
B 2 HOH 61  1461 1461 HOH HOH A . 
B 2 HOH 62  1462 1462 HOH HOH A . 
B 2 HOH 63  1463 1463 HOH HOH A . 
B 2 HOH 64  1464 1464 HOH HOH A . 
B 2 HOH 65  1465 1465 HOH HOH A . 
B 2 HOH 66  1466 1466 HOH HOH A . 
B 2 HOH 67  1467 1467 HOH HOH A . 
B 2 HOH 68  1468 1468 HOH HOH A . 
B 2 HOH 69  1469 1469 HOH HOH A . 
B 2 HOH 70  1470 1470 HOH HOH A . 
B 2 HOH 71  1471 1471 HOH HOH A . 
B 2 HOH 72  1472 1472 HOH HOH A . 
B 2 HOH 73  1473 1473 HOH HOH A . 
B 2 HOH 74  1474 1474 HOH HOH A . 
B 2 HOH 75  1475 1475 HOH HOH A . 
B 2 HOH 76  1476 1476 HOH HOH A . 
B 2 HOH 77  1477 1477 HOH HOH A . 
B 2 HOH 78  1478 1478 HOH HOH A . 
B 2 HOH 79  1479 1479 HOH HOH A . 
B 2 HOH 80  1480 1480 HOH HOH A . 
B 2 HOH 81  1481 1481 HOH HOH A . 
B 2 HOH 82  1482 1482 HOH HOH A . 
B 2 HOH 83  1483 1483 HOH HOH A . 
B 2 HOH 84  1484 1484 HOH HOH A . 
B 2 HOH 85  1485 1485 HOH HOH A . 
B 2 HOH 86  1486 1486 HOH HOH A . 
B 2 HOH 87  1487 1487 HOH HOH A . 
B 2 HOH 88  1488 1488 HOH HOH A . 
B 2 HOH 89  1489 1489 HOH HOH A . 
B 2 HOH 90  1490 1490 HOH HOH A . 
B 2 HOH 91  1491 1491 HOH HOH A . 
B 2 HOH 92  1492 1492 HOH HOH A . 
B 2 HOH 93  1493 1493 HOH HOH A . 
B 2 HOH 94  1494 1494 HOH HOH A . 
B 2 HOH 95  1495 1495 HOH HOH A . 
B 2 HOH 96  1496 1496 HOH HOH A . 
B 2 HOH 97  1497 1497 HOH HOH A . 
B 2 HOH 98  1498 1498 HOH HOH A . 
B 2 HOH 99  1499 1499 HOH HOH A . 
B 2 HOH 100 1500 1500 HOH HOH A . 
B 2 HOH 101 1501 1501 HOH HOH A . 
B 2 HOH 102 1502 1502 HOH HOH A . 
B 2 HOH 103 1503 1503 HOH HOH A . 
B 2 HOH 104 1504 1504 HOH HOH A . 
B 2 HOH 105 1505 1505 HOH HOH A . 
B 2 HOH 106 1506 1506 HOH HOH A . 
B 2 HOH 107 1507 1507 HOH HOH A . 
B 2 HOH 108 1508 1508 HOH HOH A . 
B 2 HOH 109 1509 1509 HOH HOH A . 
B 2 HOH 110 1510 1510 HOH HOH A . 
B 2 HOH 111 1511 1511 HOH HOH A . 
B 2 HOH 112 1512 1512 HOH HOH A . 
B 2 HOH 113 1513 1513 HOH HOH A . 
B 2 HOH 114 1514 1514 HOH HOH A . 
B 2 HOH 115 1515 1515 HOH HOH A . 
B 2 HOH 116 1516 1516 HOH HOH A . 
B 2 HOH 117 1517 1517 HOH HOH A . 
# 
_pdbx_struct_assembly.id                   1 
_pdbx_struct_assembly.details              author_and_software_defined_assembly 
_pdbx_struct_assembly.method_details       PISA 
_pdbx_struct_assembly.oligomeric_details   monomeric 
_pdbx_struct_assembly.oligomeric_count     1 
# 
_pdbx_struct_assembly_gen.assembly_id       1 
_pdbx_struct_assembly_gen.oper_expression   1 
_pdbx_struct_assembly_gen.asym_id_list      A,B 
# 
_pdbx_struct_oper_list.id                   1 
_pdbx_struct_oper_list.type                 'identity operation' 
_pdbx_struct_oper_list.name                 1_555 
_pdbx_struct_oper_list.symmetry_operation   x,y,z 
_pdbx_struct_oper_list.matrix[1][1]         1.0000000000 
_pdbx_struct_oper_list.matrix[1][2]         0.0000000000 
_pdbx_struct_oper_list.matrix[1][3]         0.0000000000 
_pdbx_struct_oper_list.vector[1]            0.0000000000 
_pdbx_struct_oper_list.matrix[2][1]         0.0000000000 
_pdbx_struct_oper_list.matrix[2][2]         1.0000000000 
_pdbx_struct_oper_list.matrix[2][3]         0.0000000000 
_pdbx_struct_oper_list.vector[2]            0.0000000000 
_pdbx_struct_oper_list.matrix[3][1]         0.0000000000 
_pdbx_struct_oper_list.matrix[3][2]         0.0000000000 
_pdbx_struct_oper_list.matrix[3][3]         1.0000000000 
_pdbx_struct_oper_list.vector[3]            0.0000000000 
# 
loop_
_pdbx_audit_revision_history.ordinal 
_pdbx_audit_revision_history.data_content_type 
_pdbx_audit_revision_history.major_revision 
_pdbx_audit_revision_history.minor_revision 
_pdbx_audit_revision_history.revision_date 
1 'Structure model' 1 0 2008-08-19 
2 'Structure model' 1 1 2011-07-13 
3 'Structure model' 1 2 2017-10-25 
4 'Structure model' 1 3 2023-08-30 
# 
_pdbx_audit_revision_details.ordinal             1 
_pdbx_audit_revision_details.revision_ordinal    1 
_pdbx_audit_revision_details.data_content_type   'Structure model' 
_pdbx_audit_revision_details.provider            repository 
_pdbx_audit_revision_details.type                'Initial release' 
_pdbx_audit_revision_details.description         ? 
_pdbx_audit_revision_details.details             ? 
# 
loop_
_pdbx_audit_revision_group.ordinal 
_pdbx_audit_revision_group.revision_ordinal 
_pdbx_audit_revision_group.data_content_type 
_pdbx_audit_revision_group.group 
1 2 'Structure model' 'Version format compliance' 
2 3 'Structure model' 'Refinement description'    
3 4 'Structure model' 'Data collection'           
4 4 'Structure model' 'Database references'       
5 4 'Structure model' 'Refinement description'    
# 
loop_
_pdbx_audit_revision_category.ordinal 
_pdbx_audit_revision_category.revision_ordinal 
_pdbx_audit_revision_category.data_content_type 
_pdbx_audit_revision_category.category 
1 3 'Structure model' software                      
2 4 'Structure model' chem_comp_atom                
3 4 'Structure model' chem_comp_bond                
4 4 'Structure model' database_2                    
5 4 'Structure model' pdbx_initial_refinement_model 
6 4 'Structure model' struct_ref_seq_dif            
# 
loop_
_pdbx_audit_revision_item.ordinal 
_pdbx_audit_revision_item.revision_ordinal 
_pdbx_audit_revision_item.data_content_type 
_pdbx_audit_revision_item.item 
1 3 'Structure model' '_software.name'                      
2 4 'Structure model' '_database_2.pdbx_DOI'                
3 4 'Structure model' '_database_2.pdbx_database_accession' 
4 4 'Structure model' '_struct_ref_seq_dif.details'         
# 
loop_
_pdbx_refine_tls.id 
_pdbx_refine_tls.details 
_pdbx_refine_tls.method 
_pdbx_refine_tls.origin_x 
_pdbx_refine_tls.origin_y 
_pdbx_refine_tls.origin_z 
_pdbx_refine_tls.T[1][1] 
_pdbx_refine_tls.T[2][2] 
_pdbx_refine_tls.T[3][3] 
_pdbx_refine_tls.T[1][2] 
_pdbx_refine_tls.T[1][3] 
_pdbx_refine_tls.T[2][3] 
_pdbx_refine_tls.L[1][1] 
_pdbx_refine_tls.L[2][2] 
_pdbx_refine_tls.L[3][3] 
_pdbx_refine_tls.L[1][2] 
_pdbx_refine_tls.L[1][3] 
_pdbx_refine_tls.L[2][3] 
_pdbx_refine_tls.S[1][1] 
_pdbx_refine_tls.S[1][2] 
_pdbx_refine_tls.S[1][3] 
_pdbx_refine_tls.S[2][1] 
_pdbx_refine_tls.S[2][2] 
_pdbx_refine_tls.S[2][3] 
_pdbx_refine_tls.S[3][1] 
_pdbx_refine_tls.S[3][2] 
_pdbx_refine_tls.S[3][3] 
_pdbx_refine_tls.pdbx_refine_id 
1 ? refined -7.1178 9.7080  8.5188  0.0586  -0.0543 0.0924  0.0214 -0.0314 -0.0299 20.5388 10.9763 15.1062 11.0914 1.6108   2.4696  -0.1863 -0.5060 1.9502  -0.1770 0.0575  0.4337  -1.7478 0.3372  0.1288  'X-RAY DIFFRACTION' 
2 ? refined -6.2862 8.4084  1.2038  -0.0482 -0.1039 -0.0490 0.0361 0.0101  0.0034  8.7466  4.2681  18.5050 -5.3166 -7.6284  3.9647  0.2433  -0.0692 0.6122  -0.1992 0.1014  -0.3154 -1.0466 -0.1091 -0.3445 'X-RAY DIFFRACTION' 
3 ? refined 2.7190  -0.6056 1.1918  -0.1130 -0.1420 -0.1221 0.0160 -0.0002 0.0036  1.9800  1.1477  6.6966  -0.7096 1.7461   -2.2185 -0.0429 -0.0392 -0.0042 0.0445  -0.0088 0.0168  -0.0834 -0.0662 0.0517  'X-RAY DIFFRACTION' 
4 ? refined 8.7718  -6.6444 0.5938  -0.1071 -0.1110 -0.0864 0.0239 -0.0067 -0.0079 4.9528  1.3613  1.5642  1.4816  -0.6732  0.5913  -0.1926 0.0644  -0.4075 -0.0869 0.1001  -0.2304 0.1143  0.0826  0.0926  'X-RAY DIFFRACTION' 
5 ? refined -7.2280 -2.1469 -4.1312 -0.1099 -0.1042 -0.0662 0.0062 -0.0156 -0.0140 14.0780 0.1379  13.9191 1.3507  -11.3828 -1.2907 -0.1046 0.5911  0.0268  -0.0857 0.0162  0.1085  -0.0006 -0.8597 0.0884  'X-RAY DIFFRACTION' 
6 ? refined -0.9353 -4.2665 0.7781  -0.1313 -0.1377 -0.1175 0.0178 -0.0100 0.0163  3.1406  1.4037  4.2928  -0.0175 -2.1021  0.5829  -0.0506 0.0358  -0.0171 0.0064  -0.0275 0.0016  0.0386  -0.0206 0.0781  'X-RAY DIFFRACTION' 
7 ? refined 4.4916  9.5075  -3.7322 0.0186  -0.0801 0.0298  0.0088 -0.0576 0.0154  8.8442  4.2294  19.4128 4.1890  5.2899   -3.5347 -0.6739 0.1853  1.1784  0.3645  0.2035  0.2884  -1.8519 -0.1256 0.4705  'X-RAY DIFFRACTION' 
# 
loop_
_pdbx_refine_tls_group.id 
_pdbx_refine_tls_group.refine_tls_id 
_pdbx_refine_tls_group.beg_auth_asym_id 
_pdbx_refine_tls_group.beg_auth_seq_id 
_pdbx_refine_tls_group.beg_label_asym_id 
_pdbx_refine_tls_group.beg_label_seq_id 
_pdbx_refine_tls_group.end_auth_asym_id 
_pdbx_refine_tls_group.end_auth_seq_id 
_pdbx_refine_tls_group.end_label_asym_id 
_pdbx_refine_tls_group.end_label_seq_id 
_pdbx_refine_tls_group.selection 
_pdbx_refine_tls_group.pdbx_refine_id 
_pdbx_refine_tls_group.selection_details 
1 1 A 1264 A 10 A 1269 A 15 ? 'X-RAY DIFFRACTION' ? 
2 2 A 1270 A 16 A 1276 A 22 ? 'X-RAY DIFFRACTION' ? 
3 3 A 1277 A 23 A 1289 A 35 ? 'X-RAY DIFFRACTION' ? 
4 4 A 1290 A 36 A 1301 A 47 ? 'X-RAY DIFFRACTION' ? 
5 5 A 1302 A 48 A 1310 A 56 ? 'X-RAY DIFFRACTION' ? 
6 6 A 1311 A 57 A 1335 A 81 ? 'X-RAY DIFFRACTION' ? 
7 7 A 1336 A 82 A 1342 A 88 ? 'X-RAY DIFFRACTION' ? 
# 
loop_
_software.name 
_software.classification 
_software.version 
_software.citation_id 
_software.pdbx_ordinal 
PHASER      phasing           .        ? 1 
REFMAC      refinement        5.2.0019 ? 2 
SBC-Collect 'data collection' .        ? 3 
HKL-2000    'data reduction'  .        ? 4 
HKL-2000    'data scaling'    .        ? 5 
# 
_pdbx_validate_rmsd_bond.id                        1 
_pdbx_validate_rmsd_bond.PDB_model_num             1 
_pdbx_validate_rmsd_bond.auth_atom_id_1            N 
_pdbx_validate_rmsd_bond.auth_asym_id_1            A 
_pdbx_validate_rmsd_bond.auth_comp_id_1            GLY 
_pdbx_validate_rmsd_bond.auth_seq_id_1             1264 
_pdbx_validate_rmsd_bond.PDB_ins_code_1            ? 
_pdbx_validate_rmsd_bond.label_alt_id_1            ? 
_pdbx_validate_rmsd_bond.auth_atom_id_2            CA 
_pdbx_validate_rmsd_bond.auth_asym_id_2            A 
_pdbx_validate_rmsd_bond.auth_comp_id_2            GLY 
_pdbx_validate_rmsd_bond.auth_seq_id_2             1264 
_pdbx_validate_rmsd_bond.PDB_ins_code_2            ? 
_pdbx_validate_rmsd_bond.label_alt_id_2            ? 
_pdbx_validate_rmsd_bond.bond_value                1.669 
_pdbx_validate_rmsd_bond.bond_target_value         1.456 
_pdbx_validate_rmsd_bond.bond_deviation            0.213 
_pdbx_validate_rmsd_bond.bond_standard_deviation   0.015 
_pdbx_validate_rmsd_bond.linker_flag               N 
# 
loop_
_pdbx_validate_torsion.id 
_pdbx_validate_torsion.PDB_model_num 
_pdbx_validate_torsion.auth_comp_id 
_pdbx_validate_torsion.auth_asym_id 
_pdbx_validate_torsion.auth_seq_id 
_pdbx_validate_torsion.PDB_ins_code 
_pdbx_validate_torsion.label_alt_id 
_pdbx_validate_torsion.phi 
_pdbx_validate_torsion.psi 
1 1 ARG A 1291 ? ? 54.02  -135.04 
2 1 ASP A 1292 ? ? -98.03 31.43   
3 1 GLU A 1329 ? ? 55.84  13.01   
# 
loop_
_pdbx_unobs_or_zero_occ_atoms.id 
_pdbx_unobs_or_zero_occ_atoms.PDB_model_num 
_pdbx_unobs_or_zero_occ_atoms.polymer_flag 
_pdbx_unobs_or_zero_occ_atoms.occupancy_flag 
_pdbx_unobs_or_zero_occ_atoms.auth_asym_id 
_pdbx_unobs_or_zero_occ_atoms.auth_comp_id 
_pdbx_unobs_or_zero_occ_atoms.auth_seq_id 
_pdbx_unobs_or_zero_occ_atoms.PDB_ins_code 
_pdbx_unobs_or_zero_occ_atoms.auth_atom_id 
_pdbx_unobs_or_zero_occ_atoms.label_alt_id 
_pdbx_unobs_or_zero_occ_atoms.label_asym_id 
_pdbx_unobs_or_zero_occ_atoms.label_comp_id 
_pdbx_unobs_or_zero_occ_atoms.label_seq_id 
_pdbx_unobs_or_zero_occ_atoms.label_atom_id 
1 1 Y 1 A ARG 1265 ? NE  ? A ARG 11 NE  
2 1 Y 1 A ARG 1265 ? CZ  ? A ARG 11 CZ  
3 1 Y 1 A ARG 1265 ? NH1 ? A ARG 11 NH1 
4 1 Y 1 A ARG 1265 ? NH2 ? A ARG 11 NH2 
5 1 Y 1 A ASP 1341 ? CG  ? A ASP 87 CG  
6 1 Y 1 A ASP 1341 ? OD1 ? A ASP 87 OD1 
7 1 Y 1 A ASP 1341 ? OD2 ? A ASP 87 OD2 
# 
loop_
_pdbx_unobs_or_zero_occ_residues.id 
_pdbx_unobs_or_zero_occ_residues.PDB_model_num 
_pdbx_unobs_or_zero_occ_residues.polymer_flag 
_pdbx_unobs_or_zero_occ_residues.occupancy_flag 
_pdbx_unobs_or_zero_occ_residues.auth_asym_id 
_pdbx_unobs_or_zero_occ_residues.auth_comp_id 
_pdbx_unobs_or_zero_occ_residues.auth_seq_id 
_pdbx_unobs_or_zero_occ_residues.PDB_ins_code 
_pdbx_unobs_or_zero_occ_residues.label_asym_id 
_pdbx_unobs_or_zero_occ_residues.label_comp_id 
_pdbx_unobs_or_zero_occ_residues.label_seq_id 
1  1 Y 1 A MET 1255 ? A MET 1  
2  1 Y 1 A HIS 1256 ? A HIS 2  
3  1 Y 1 A HIS 1257 ? A HIS 3  
4  1 Y 1 A HIS 1258 ? A HIS 4  
5  1 Y 1 A HIS 1259 ? A HIS 5  
6  1 Y 1 A HIS 1260 ? A HIS 6  
7  1 Y 1 A HIS 1261 ? A HIS 7  
8  1 Y 1 A SER 1262 ? A SER 8  
9  1 Y 1 A SER 1263 ? A SER 9  
10 1 Y 1 A ASP 1343 ? A ASP 89 
# 
loop_
_chem_comp_atom.comp_id 
_chem_comp_atom.atom_id 
_chem_comp_atom.type_symbol 
_chem_comp_atom.pdbx_aromatic_flag 
_chem_comp_atom.pdbx_stereo_config 
_chem_comp_atom.pdbx_ordinal 
ALA N    N N N 1   
ALA CA   C N S 2   
ALA C    C N N 3   
ALA O    O N N 4   
ALA CB   C N N 5   
ALA OXT  O N N 6   
ALA H    H N N 7   
ALA H2   H N N 8   
ALA HA   H N N 9   
ALA HB1  H N N 10  
ALA HB2  H N N 11  
ALA HB3  H N N 12  
ALA HXT  H N N 13  
ARG N    N N N 14  
ARG CA   C N S 15  
ARG C    C N N 16  
ARG O    O N N 17  
ARG CB   C N N 18  
ARG CG   C N N 19  
ARG CD   C N N 20  
ARG NE   N N N 21  
ARG CZ   C N N 22  
ARG NH1  N N N 23  
ARG NH2  N N N 24  
ARG OXT  O N N 25  
ARG H    H N N 26  
ARG H2   H N N 27  
ARG HA   H N N 28  
ARG HB2  H N N 29  
ARG HB3  H N N 30  
ARG HG2  H N N 31  
ARG HG3  H N N 32  
ARG HD2  H N N 33  
ARG HD3  H N N 34  
ARG HE   H N N 35  
ARG HH11 H N N 36  
ARG HH12 H N N 37  
ARG HH21 H N N 38  
ARG HH22 H N N 39  
ARG HXT  H N N 40  
ASN N    N N N 41  
ASN CA   C N S 42  
ASN C    C N N 43  
ASN O    O N N 44  
ASN CB   C N N 45  
ASN CG   C N N 46  
ASN OD1  O N N 47  
ASN ND2  N N N 48  
ASN OXT  O N N 49  
ASN H    H N N 50  
ASN H2   H N N 51  
ASN HA   H N N 52  
ASN HB2  H N N 53  
ASN HB3  H N N 54  
ASN HD21 H N N 55  
ASN HD22 H N N 56  
ASN HXT  H N N 57  
ASP N    N N N 58  
ASP CA   C N S 59  
ASP C    C N N 60  
ASP O    O N N 61  
ASP CB   C N N 62  
ASP CG   C N N 63  
ASP OD1  O N N 64  
ASP OD2  O N N 65  
ASP OXT  O N N 66  
ASP H    H N N 67  
ASP H2   H N N 68  
ASP HA   H N N 69  
ASP HB2  H N N 70  
ASP HB3  H N N 71  
ASP HD2  H N N 72  
ASP HXT  H N N 73  
GLN N    N N N 74  
GLN CA   C N S 75  
GLN C    C N N 76  
GLN O    O N N 77  
GLN CB   C N N 78  
GLN CG   C N N 79  
GLN CD   C N N 80  
GLN OE1  O N N 81  
GLN NE2  N N N 82  
GLN OXT  O N N 83  
GLN H    H N N 84  
GLN H2   H N N 85  
GLN HA   H N N 86  
GLN HB2  H N N 87  
GLN HB3  H N N 88  
GLN HG2  H N N 89  
GLN HG3  H N N 90  
GLN HE21 H N N 91  
GLN HE22 H N N 92  
GLN HXT  H N N 93  
GLU N    N N N 94  
GLU CA   C N S 95  
GLU C    C N N 96  
GLU O    O N N 97  
GLU CB   C N N 98  
GLU CG   C N N 99  
GLU CD   C N N 100 
GLU OE1  O N N 101 
GLU OE2  O N N 102 
GLU OXT  O N N 103 
GLU H    H N N 104 
GLU H2   H N N 105 
GLU HA   H N N 106 
GLU HB2  H N N 107 
GLU HB3  H N N 108 
GLU HG2  H N N 109 
GLU HG3  H N N 110 
GLU HE2  H N N 111 
GLU HXT  H N N 112 
GLY N    N N N 113 
GLY CA   C N N 114 
GLY C    C N N 115 
GLY O    O N N 116 
GLY OXT  O N N 117 
GLY H    H N N 118 
GLY H2   H N N 119 
GLY HA2  H N N 120 
GLY HA3  H N N 121 
GLY HXT  H N N 122 
HIS N    N N N 123 
HIS CA   C N S 124 
HIS C    C N N 125 
HIS O    O N N 126 
HIS CB   C N N 127 
HIS CG   C Y N 128 
HIS ND1  N Y N 129 
HIS CD2  C Y N 130 
HIS CE1  C Y N 131 
HIS NE2  N Y N 132 
HIS OXT  O N N 133 
HIS H    H N N 134 
HIS H2   H N N 135 
HIS HA   H N N 136 
HIS HB2  H N N 137 
HIS HB3  H N N 138 
HIS HD1  H N N 139 
HIS HD2  H N N 140 
HIS HE1  H N N 141 
HIS HE2  H N N 142 
HIS HXT  H N N 143 
HOH O    O N N 144 
HOH H1   H N N 145 
HOH H2   H N N 146 
ILE N    N N N 147 
ILE CA   C N S 148 
ILE C    C N N 149 
ILE O    O N N 150 
ILE CB   C N S 151 
ILE CG1  C N N 152 
ILE CG2  C N N 153 
ILE CD1  C N N 154 
ILE OXT  O N N 155 
ILE H    H N N 156 
ILE H2   H N N 157 
ILE HA   H N N 158 
ILE HB   H N N 159 
ILE HG12 H N N 160 
ILE HG13 H N N 161 
ILE HG21 H N N 162 
ILE HG22 H N N 163 
ILE HG23 H N N 164 
ILE HD11 H N N 165 
ILE HD12 H N N 166 
ILE HD13 H N N 167 
ILE HXT  H N N 168 
LEU N    N N N 169 
LEU CA   C N S 170 
LEU C    C N N 171 
LEU O    O N N 172 
LEU CB   C N N 173 
LEU CG   C N N 174 
LEU CD1  C N N 175 
LEU CD2  C N N 176 
LEU OXT  O N N 177 
LEU H    H N N 178 
LEU H2   H N N 179 
LEU HA   H N N 180 
LEU HB2  H N N 181 
LEU HB3  H N N 182 
LEU HG   H N N 183 
LEU HD11 H N N 184 
LEU HD12 H N N 185 
LEU HD13 H N N 186 
LEU HD21 H N N 187 
LEU HD22 H N N 188 
LEU HD23 H N N 189 
LEU HXT  H N N 190 
LYS N    N N N 191 
LYS CA   C N S 192 
LYS C    C N N 193 
LYS O    O N N 194 
LYS CB   C N N 195 
LYS CG   C N N 196 
LYS CD   C N N 197 
LYS CE   C N N 198 
LYS NZ   N N N 199 
LYS OXT  O N N 200 
LYS H    H N N 201 
LYS H2   H N N 202 
LYS HA   H N N 203 
LYS HB2  H N N 204 
LYS HB3  H N N 205 
LYS HG2  H N N 206 
LYS HG3  H N N 207 
LYS HD2  H N N 208 
LYS HD3  H N N 209 
LYS HE2  H N N 210 
LYS HE3  H N N 211 
LYS HZ1  H N N 212 
LYS HZ2  H N N 213 
LYS HZ3  H N N 214 
LYS HXT  H N N 215 
MET N    N N N 216 
MET CA   C N S 217 
MET C    C N N 218 
MET O    O N N 219 
MET CB   C N N 220 
MET CG   C N N 221 
MET SD   S N N 222 
MET CE   C N N 223 
MET OXT  O N N 224 
MET H    H N N 225 
MET H2   H N N 226 
MET HA   H N N 227 
MET HB2  H N N 228 
MET HB3  H N N 229 
MET HG2  H N N 230 
MET HG3  H N N 231 
MET HE1  H N N 232 
MET HE2  H N N 233 
MET HE3  H N N 234 
MET HXT  H N N 235 
PHE N    N N N 236 
PHE CA   C N S 237 
PHE C    C N N 238 
PHE O    O N N 239 
PHE CB   C N N 240 
PHE CG   C Y N 241 
PHE CD1  C Y N 242 
PHE CD2  C Y N 243 
PHE CE1  C Y N 244 
PHE CE2  C Y N 245 
PHE CZ   C Y N 246 
PHE OXT  O N N 247 
PHE H    H N N 248 
PHE H2   H N N 249 
PHE HA   H N N 250 
PHE HB2  H N N 251 
PHE HB3  H N N 252 
PHE HD1  H N N 253 
PHE HD2  H N N 254 
PHE HE1  H N N 255 
PHE HE2  H N N 256 
PHE HZ   H N N 257 
PHE HXT  H N N 258 
PRO N    N N N 259 
PRO CA   C N S 260 
PRO C    C N N 261 
PRO O    O N N 262 
PRO CB   C N N 263 
PRO CG   C N N 264 
PRO CD   C N N 265 
PRO OXT  O N N 266 
PRO H    H N N 267 
PRO HA   H N N 268 
PRO HB2  H N N 269 
PRO HB3  H N N 270 
PRO HG2  H N N 271 
PRO HG3  H N N 272 
PRO HD2  H N N 273 
PRO HD3  H N N 274 
PRO HXT  H N N 275 
SER N    N N N 276 
SER CA   C N S 277 
SER C    C N N 278 
SER O    O N N 279 
SER CB   C N N 280 
SER OG   O N N 281 
SER OXT  O N N 282 
SER H    H N N 283 
SER H2   H N N 284 
SER HA   H N N 285 
SER HB2  H N N 286 
SER HB3  H N N 287 
SER HG   H N N 288 
SER HXT  H N N 289 
THR N    N N N 290 
THR CA   C N S 291 
THR C    C N N 292 
THR O    O N N 293 
THR CB   C N R 294 
THR OG1  O N N 295 
THR CG2  C N N 296 
THR OXT  O N N 297 
THR H    H N N 298 
THR H2   H N N 299 
THR HA   H N N 300 
THR HB   H N N 301 
THR HG1  H N N 302 
THR HG21 H N N 303 
THR HG22 H N N 304 
THR HG23 H N N 305 
THR HXT  H N N 306 
TRP N    N N N 307 
TRP CA   C N S 308 
TRP C    C N N 309 
TRP O    O N N 310 
TRP CB   C N N 311 
TRP CG   C Y N 312 
TRP CD1  C Y N 313 
TRP CD2  C Y N 314 
TRP NE1  N Y N 315 
TRP CE2  C Y N 316 
TRP CE3  C Y N 317 
TRP CZ2  C Y N 318 
TRP CZ3  C Y N 319 
TRP CH2  C Y N 320 
TRP OXT  O N N 321 
TRP H    H N N 322 
TRP H2   H N N 323 
TRP HA   H N N 324 
TRP HB2  H N N 325 
TRP HB3  H N N 326 
TRP HD1  H N N 327 
TRP HE1  H N N 328 
TRP HE3  H N N 329 
TRP HZ2  H N N 330 
TRP HZ3  H N N 331 
TRP HH2  H N N 332 
TRP HXT  H N N 333 
TYR N    N N N 334 
TYR CA   C N S 335 
TYR C    C N N 336 
TYR O    O N N 337 
TYR CB   C N N 338 
TYR CG   C Y N 339 
TYR CD1  C Y N 340 
TYR CD2  C Y N 341 
TYR CE1  C Y N 342 
TYR CE2  C Y N 343 
TYR CZ   C Y N 344 
TYR OH   O N N 345 
TYR OXT  O N N 346 
TYR H    H N N 347 
TYR H2   H N N 348 
TYR HA   H N N 349 
TYR HB2  H N N 350 
TYR HB3  H N N 351 
TYR HD1  H N N 352 
TYR HD2  H N N 353 
TYR HE1  H N N 354 
TYR HE2  H N N 355 
TYR HH   H N N 356 
TYR HXT  H N N 357 
VAL N    N N N 358 
VAL CA   C N S 359 
VAL C    C N N 360 
VAL O    O N N 361 
VAL CB   C N N 362 
VAL CG1  C N N 363 
VAL CG2  C N N 364 
VAL OXT  O N N 365 
VAL H    H N N 366 
VAL H2   H N N 367 
VAL HA   H N N 368 
VAL HB   H N N 369 
VAL HG11 H N N 370 
VAL HG12 H N N 371 
VAL HG13 H N N 372 
VAL HG21 H N N 373 
VAL HG22 H N N 374 
VAL HG23 H N N 375 
VAL HXT  H N N 376 
# 
loop_
_chem_comp_bond.comp_id 
_chem_comp_bond.atom_id_1 
_chem_comp_bond.atom_id_2 
_chem_comp_bond.value_order 
_chem_comp_bond.pdbx_aromatic_flag 
_chem_comp_bond.pdbx_stereo_config 
_chem_comp_bond.pdbx_ordinal 
ALA N   CA   sing N N 1   
ALA N   H    sing N N 2   
ALA N   H2   sing N N 3   
ALA CA  C    sing N N 4   
ALA CA  CB   sing N N 5   
ALA CA  HA   sing N N 6   
ALA C   O    doub N N 7   
ALA C   OXT  sing N N 8   
ALA CB  HB1  sing N N 9   
ALA CB  HB2  sing N N 10  
ALA CB  HB3  sing N N 11  
ALA OXT HXT  sing N N 12  
ARG N   CA   sing N N 13  
ARG N   H    sing N N 14  
ARG N   H2   sing N N 15  
ARG CA  C    sing N N 16  
ARG CA  CB   sing N N 17  
ARG CA  HA   sing N N 18  
ARG C   O    doub N N 19  
ARG C   OXT  sing N N 20  
ARG CB  CG   sing N N 21  
ARG CB  HB2  sing N N 22  
ARG CB  HB3  sing N N 23  
ARG CG  CD   sing N N 24  
ARG CG  HG2  sing N N 25  
ARG CG  HG3  sing N N 26  
ARG CD  NE   sing N N 27  
ARG CD  HD2  sing N N 28  
ARG CD  HD3  sing N N 29  
ARG NE  CZ   sing N N 30  
ARG NE  HE   sing N N 31  
ARG CZ  NH1  sing N N 32  
ARG CZ  NH2  doub N N 33  
ARG NH1 HH11 sing N N 34  
ARG NH1 HH12 sing N N 35  
ARG NH2 HH21 sing N N 36  
ARG NH2 HH22 sing N N 37  
ARG OXT HXT  sing N N 38  
ASN N   CA   sing N N 39  
ASN N   H    sing N N 40  
ASN N   H2   sing N N 41  
ASN CA  C    sing N N 42  
ASN CA  CB   sing N N 43  
ASN CA  HA   sing N N 44  
ASN C   O    doub N N 45  
ASN C   OXT  sing N N 46  
ASN CB  CG   sing N N 47  
ASN CB  HB2  sing N N 48  
ASN CB  HB3  sing N N 49  
ASN CG  OD1  doub N N 50  
ASN CG  ND2  sing N N 51  
ASN ND2 HD21 sing N N 52  
ASN ND2 HD22 sing N N 53  
ASN OXT HXT  sing N N 54  
ASP N   CA   sing N N 55  
ASP N   H    sing N N 56  
ASP N   H2   sing N N 57  
ASP CA  C    sing N N 58  
ASP CA  CB   sing N N 59  
ASP CA  HA   sing N N 60  
ASP C   O    doub N N 61  
ASP C   OXT  sing N N 62  
ASP CB  CG   sing N N 63  
ASP CB  HB2  sing N N 64  
ASP CB  HB3  sing N N 65  
ASP CG  OD1  doub N N 66  
ASP CG  OD2  sing N N 67  
ASP OD2 HD2  sing N N 68  
ASP OXT HXT  sing N N 69  
GLN N   CA   sing N N 70  
GLN N   H    sing N N 71  
GLN N   H2   sing N N 72  
GLN CA  C    sing N N 73  
GLN CA  CB   sing N N 74  
GLN CA  HA   sing N N 75  
GLN C   O    doub N N 76  
GLN C   OXT  sing N N 77  
GLN CB  CG   sing N N 78  
GLN CB  HB2  sing N N 79  
GLN CB  HB3  sing N N 80  
GLN CG  CD   sing N N 81  
GLN CG  HG2  sing N N 82  
GLN CG  HG3  sing N N 83  
GLN CD  OE1  doub N N 84  
GLN CD  NE2  sing N N 85  
GLN NE2 HE21 sing N N 86  
GLN NE2 HE22 sing N N 87  
GLN OXT HXT  sing N N 88  
GLU N   CA   sing N N 89  
GLU N   H    sing N N 90  
GLU N   H2   sing N N 91  
GLU CA  C    sing N N 92  
GLU CA  CB   sing N N 93  
GLU CA  HA   sing N N 94  
GLU C   O    doub N N 95  
GLU C   OXT  sing N N 96  
GLU CB  CG   sing N N 97  
GLU CB  HB2  sing N N 98  
GLU CB  HB3  sing N N 99  
GLU CG  CD   sing N N 100 
GLU CG  HG2  sing N N 101 
GLU CG  HG3  sing N N 102 
GLU CD  OE1  doub N N 103 
GLU CD  OE2  sing N N 104 
GLU OE2 HE2  sing N N 105 
GLU OXT HXT  sing N N 106 
GLY N   CA   sing N N 107 
GLY N   H    sing N N 108 
GLY N   H2   sing N N 109 
GLY CA  C    sing N N 110 
GLY CA  HA2  sing N N 111 
GLY CA  HA3  sing N N 112 
GLY C   O    doub N N 113 
GLY C   OXT  sing N N 114 
GLY OXT HXT  sing N N 115 
HIS N   CA   sing N N 116 
HIS N   H    sing N N 117 
HIS N   H2   sing N N 118 
HIS CA  C    sing N N 119 
HIS CA  CB   sing N N 120 
HIS CA  HA   sing N N 121 
HIS C   O    doub N N 122 
HIS C   OXT  sing N N 123 
HIS CB  CG   sing N N 124 
HIS CB  HB2  sing N N 125 
HIS CB  HB3  sing N N 126 
HIS CG  ND1  sing Y N 127 
HIS CG  CD2  doub Y N 128 
HIS ND1 CE1  doub Y N 129 
HIS ND1 HD1  sing N N 130 
HIS CD2 NE2  sing Y N 131 
HIS CD2 HD2  sing N N 132 
HIS CE1 NE2  sing Y N 133 
HIS CE1 HE1  sing N N 134 
HIS NE2 HE2  sing N N 135 
HIS OXT HXT  sing N N 136 
HOH O   H1   sing N N 137 
HOH O   H2   sing N N 138 
ILE N   CA   sing N N 139 
ILE N   H    sing N N 140 
ILE N   H2   sing N N 141 
ILE CA  C    sing N N 142 
ILE CA  CB   sing N N 143 
ILE CA  HA   sing N N 144 
ILE C   O    doub N N 145 
ILE C   OXT  sing N N 146 
ILE CB  CG1  sing N N 147 
ILE CB  CG2  sing N N 148 
ILE CB  HB   sing N N 149 
ILE CG1 CD1  sing N N 150 
ILE CG1 HG12 sing N N 151 
ILE CG1 HG13 sing N N 152 
ILE CG2 HG21 sing N N 153 
ILE CG2 HG22 sing N N 154 
ILE CG2 HG23 sing N N 155 
ILE CD1 HD11 sing N N 156 
ILE CD1 HD12 sing N N 157 
ILE CD1 HD13 sing N N 158 
ILE OXT HXT  sing N N 159 
LEU N   CA   sing N N 160 
LEU N   H    sing N N 161 
LEU N   H2   sing N N 162 
LEU CA  C    sing N N 163 
LEU CA  CB   sing N N 164 
LEU CA  HA   sing N N 165 
LEU C   O    doub N N 166 
LEU C   OXT  sing N N 167 
LEU CB  CG   sing N N 168 
LEU CB  HB2  sing N N 169 
LEU CB  HB3  sing N N 170 
LEU CG  CD1  sing N N 171 
LEU CG  CD2  sing N N 172 
LEU CG  HG   sing N N 173 
LEU CD1 HD11 sing N N 174 
LEU CD1 HD12 sing N N 175 
LEU CD1 HD13 sing N N 176 
LEU CD2 HD21 sing N N 177 
LEU CD2 HD22 sing N N 178 
LEU CD2 HD23 sing N N 179 
LEU OXT HXT  sing N N 180 
LYS N   CA   sing N N 181 
LYS N   H    sing N N 182 
LYS N   H2   sing N N 183 
LYS CA  C    sing N N 184 
LYS CA  CB   sing N N 185 
LYS CA  HA   sing N N 186 
LYS C   O    doub N N 187 
LYS C   OXT  sing N N 188 
LYS CB  CG   sing N N 189 
LYS CB  HB2  sing N N 190 
LYS CB  HB3  sing N N 191 
LYS CG  CD   sing N N 192 
LYS CG  HG2  sing N N 193 
LYS CG  HG3  sing N N 194 
LYS CD  CE   sing N N 195 
LYS CD  HD2  sing N N 196 
LYS CD  HD3  sing N N 197 
LYS CE  NZ   sing N N 198 
LYS CE  HE2  sing N N 199 
LYS CE  HE3  sing N N 200 
LYS NZ  HZ1  sing N N 201 
LYS NZ  HZ2  sing N N 202 
LYS NZ  HZ3  sing N N 203 
LYS OXT HXT  sing N N 204 
MET N   CA   sing N N 205 
MET N   H    sing N N 206 
MET N   H2   sing N N 207 
MET CA  C    sing N N 208 
MET CA  CB   sing N N 209 
MET CA  HA   sing N N 210 
MET C   O    doub N N 211 
MET C   OXT  sing N N 212 
MET CB  CG   sing N N 213 
MET CB  HB2  sing N N 214 
MET CB  HB3  sing N N 215 
MET CG  SD   sing N N 216 
MET CG  HG2  sing N N 217 
MET CG  HG3  sing N N 218 
MET SD  CE   sing N N 219 
MET CE  HE1  sing N N 220 
MET CE  HE2  sing N N 221 
MET CE  HE3  sing N N 222 
MET OXT HXT  sing N N 223 
PHE N   CA   sing N N 224 
PHE N   H    sing N N 225 
PHE N   H2   sing N N 226 
PHE CA  C    sing N N 227 
PHE CA  CB   sing N N 228 
PHE CA  HA   sing N N 229 
PHE C   O    doub N N 230 
PHE C   OXT  sing N N 231 
PHE CB  CG   sing N N 232 
PHE CB  HB2  sing N N 233 
PHE CB  HB3  sing N N 234 
PHE CG  CD1  doub Y N 235 
PHE CG  CD2  sing Y N 236 
PHE CD1 CE1  sing Y N 237 
PHE CD1 HD1  sing N N 238 
PHE CD2 CE2  doub Y N 239 
PHE CD2 HD2  sing N N 240 
PHE CE1 CZ   doub Y N 241 
PHE CE1 HE1  sing N N 242 
PHE CE2 CZ   sing Y N 243 
PHE CE2 HE2  sing N N 244 
PHE CZ  HZ   sing N N 245 
PHE OXT HXT  sing N N 246 
PRO N   CA   sing N N 247 
PRO N   CD   sing N N 248 
PRO N   H    sing N N 249 
PRO CA  C    sing N N 250 
PRO CA  CB   sing N N 251 
PRO CA  HA   sing N N 252 
PRO C   O    doub N N 253 
PRO C   OXT  sing N N 254 
PRO CB  CG   sing N N 255 
PRO CB  HB2  sing N N 256 
PRO CB  HB3  sing N N 257 
PRO CG  CD   sing N N 258 
PRO CG  HG2  sing N N 259 
PRO CG  HG3  sing N N 260 
PRO CD  HD2  sing N N 261 
PRO CD  HD3  sing N N 262 
PRO OXT HXT  sing N N 263 
SER N   CA   sing N N 264 
SER N   H    sing N N 265 
SER N   H2   sing N N 266 
SER CA  C    sing N N 267 
SER CA  CB   sing N N 268 
SER CA  HA   sing N N 269 
SER C   O    doub N N 270 
SER C   OXT  sing N N 271 
SER CB  OG   sing N N 272 
SER CB  HB2  sing N N 273 
SER CB  HB3  sing N N 274 
SER OG  HG   sing N N 275 
SER OXT HXT  sing N N 276 
THR N   CA   sing N N 277 
THR N   H    sing N N 278 
THR N   H2   sing N N 279 
THR CA  C    sing N N 280 
THR CA  CB   sing N N 281 
THR CA  HA   sing N N 282 
THR C   O    doub N N 283 
THR C   OXT  sing N N 284 
THR CB  OG1  sing N N 285 
THR CB  CG2  sing N N 286 
THR CB  HB   sing N N 287 
THR OG1 HG1  sing N N 288 
THR CG2 HG21 sing N N 289 
THR CG2 HG22 sing N N 290 
THR CG2 HG23 sing N N 291 
THR OXT HXT  sing N N 292 
TRP N   CA   sing N N 293 
TRP N   H    sing N N 294 
TRP N   H2   sing N N 295 
TRP CA  C    sing N N 296 
TRP CA  CB   sing N N 297 
TRP CA  HA   sing N N 298 
TRP C   O    doub N N 299 
TRP C   OXT  sing N N 300 
TRP CB  CG   sing N N 301 
TRP CB  HB2  sing N N 302 
TRP CB  HB3  sing N N 303 
TRP CG  CD1  doub Y N 304 
TRP CG  CD2  sing Y N 305 
TRP CD1 NE1  sing Y N 306 
TRP CD1 HD1  sing N N 307 
TRP CD2 CE2  doub Y N 308 
TRP CD2 CE3  sing Y N 309 
TRP NE1 CE2  sing Y N 310 
TRP NE1 HE1  sing N N 311 
TRP CE2 CZ2  sing Y N 312 
TRP CE3 CZ3  doub Y N 313 
TRP CE3 HE3  sing N N 314 
TRP CZ2 CH2  doub Y N 315 
TRP CZ2 HZ2  sing N N 316 
TRP CZ3 CH2  sing Y N 317 
TRP CZ3 HZ3  sing N N 318 
TRP CH2 HH2  sing N N 319 
TRP OXT HXT  sing N N 320 
TYR N   CA   sing N N 321 
TYR N   H    sing N N 322 
TYR N   H2   sing N N 323 
TYR CA  C    sing N N 324 
TYR CA  CB   sing N N 325 
TYR CA  HA   sing N N 326 
TYR C   O    doub N N 327 
TYR C   OXT  sing N N 328 
TYR CB  CG   sing N N 329 
TYR CB  HB2  sing N N 330 
TYR CB  HB3  sing N N 331 
TYR CG  CD1  doub Y N 332 
TYR CG  CD2  sing Y N 333 
TYR CD1 CE1  sing Y N 334 
TYR CD1 HD1  sing N N 335 
TYR CD2 CE2  doub Y N 336 
TYR CD2 HD2  sing N N 337 
TYR CE1 CZ   doub Y N 338 
TYR CE1 HE1  sing N N 339 
TYR CE2 CZ   sing Y N 340 
TYR CE2 HE2  sing N N 341 
TYR CZ  OH   sing N N 342 
TYR OH  HH   sing N N 343 
TYR OXT HXT  sing N N 344 
VAL N   CA   sing N N 345 
VAL N   H    sing N N 346 
VAL N   H2   sing N N 347 
VAL CA  C    sing N N 348 
VAL CA  CB   sing N N 349 
VAL CA  HA   sing N N 350 
VAL C   O    doub N N 351 
VAL C   OXT  sing N N 352 
VAL CB  CG1  sing N N 353 
VAL CB  CG2  sing N N 354 
VAL CB  HB   sing N N 355 
VAL CG1 HG11 sing N N 356 
VAL CG1 HG12 sing N N 357 
VAL CG1 HG13 sing N N 358 
VAL CG2 HG21 sing N N 359 
VAL CG2 HG22 sing N N 360 
VAL CG2 HG23 sing N N 361 
VAL OXT HXT  sing N N 362 
# 
_pdbx_entity_nonpoly.entity_id   2 
_pdbx_entity_nonpoly.name        water 
_pdbx_entity_nonpoly.comp_id     HOH 
# 
_pdbx_initial_refinement_model.id               1 
_pdbx_initial_refinement_model.entity_id_list   ? 
_pdbx_initial_refinement_model.type             'experimental model' 
_pdbx_initial_refinement_model.source_name      PDB 
_pdbx_initial_refinement_model.accession_code   2DK3 
_pdbx_initial_refinement_model.details          'PDB ENTRY 2DK3' 
# 
